data_8BF4
#
_entry.id   8BF4
#
_cell.length_a   95.267
_cell.length_b   109.233
_cell.length_c   95.478
_cell.angle_alpha   90.000
_cell.angle_beta   90.700
_cell.angle_gamma   90.000
#
_symmetry.space_group_name_H-M   'P 1 21 1'
#
loop_
_entity.id
_entity.type
_entity.pdbx_description
1 polymer VHH14
2 polymer Plexin-B1
3 polymer VHH15
4 non-polymer 2-acetamido-2-deoxy-beta-D-glucopyranose
5 non-polymer 'CHLORIDE ION'
6 non-polymer 1,2-ETHANEDIOL
7 water water
#
loop_
_entity_poly.entity_id
_entity_poly.type
_entity_poly.pdbx_seq_one_letter_code
_entity_poly.pdbx_strand_id
1 'polypeptide(L)'
;QVQLQESGGGLVQAGGSLRLSCAASGFTLGYYAIGWFRQAPGKEREEVSCINASGGSTFYEDSVKGRFTISRDNAKNTVF
LQMNRLKPEDTAVYYCAAACEVVAVGYWGQGTQVTVSAHHHHHH
;
D,A
2 'polypeptide(L)'
;LRSPLPAAFTANGTHLQHLARDPTTGTLYVGATNFLFQLSPGLQLEAVVSTGPVNDSRDCLPPVIPDECPQAQPTNNPNQ
LLLVSPEALVVCGSVHQGICELRSLGQIRQLLLRPERPGDTQYVAANDPAVSTVGLVAQGLVGEPLLFVGRGYTSRGVGG
GIPPITTRALRPPDPQAAFSYEETAKLAVGRLSEYSHHFVSAFVRGASAYFLFLRRDLKAPSRAFRAYVSRVCLQDQHYY
SYVELPLACQGGRYGLIQAAAVATSKEVARGDVLFAAFSSVAPPTVDWPLSASTGASGTSVLCAFPLDEVDQLANYTRDA
CYTREGRAENGTKVADIAYDVLSDCAQLPVDTPDAFPCGSDHTPSPMVSCVPLEATPILELPGVQLTAVAVTMEDGHTIA
FLGDSQGQLHRVYLGPGRSAAPYSKQSIQPGSPVNRDLTFDGTFEHLYVATQTTLVKVPVAPCAQHLDCDSCLAHRDPYC
GWCVLLGRCSRRSECSRDQGPEQWLWSFQPELGCLRKHHHHHH
;
F,C
3 'polypeptide(L)'
;QVQLQESGGGLVQPGGSLRLSCAASGFRLDYYAIGWFRQAPGKEREGVLCISSSGGSINYADSVKGRFTISRDNAKNTVY
LQMNSLKPEDTAVYYCGASSYNTQRAECYGMDYWGKGTQVTVSAHHHHHH
;
E,B
#
# COMPACT_ATOMS: atom_id res chain seq x y z
N VAL A 2 10.72 -11.57 9.32
CA VAL A 2 10.98 -10.71 8.17
C VAL A 2 11.16 -9.25 8.58
N GLN A 3 10.50 -8.85 9.67
CA GLN A 3 10.41 -7.44 10.03
C GLN A 3 11.06 -7.17 11.39
N LEU A 4 11.56 -5.96 11.55
CA LEU A 4 12.13 -5.50 12.81
C LEU A 4 11.03 -4.92 13.69
N GLN A 5 11.24 -4.99 15.00
CA GLN A 5 10.27 -4.47 15.97
C GLN A 5 10.96 -3.47 16.89
N GLU A 6 10.30 -2.32 17.09
CA GLU A 6 10.79 -1.28 17.97
C GLU A 6 10.15 -1.40 19.35
N SER A 7 10.88 -0.98 20.38
CA SER A 7 10.37 -0.99 21.74
C SER A 7 11.30 -0.17 22.62
N GLY A 8 10.79 0.23 23.79
CA GLY A 8 11.56 0.96 24.77
C GLY A 8 11.10 2.38 25.02
N GLY A 9 10.04 2.84 24.36
CA GLY A 9 9.57 4.20 24.52
C GLY A 9 8.92 4.44 25.87
N GLY A 10 8.41 5.65 26.03
CA GLY A 10 7.71 6.04 27.23
C GLY A 10 7.90 7.51 27.54
N LEU A 11 7.64 7.84 28.80
CA LEU A 11 7.61 9.20 29.31
C LEU A 11 8.73 9.40 30.32
N VAL A 12 9.47 10.50 30.17
CA VAL A 12 10.55 10.90 31.07
C VAL A 12 10.56 12.42 31.18
N GLN A 13 11.44 12.91 32.06
CA GLN A 13 11.64 14.34 32.27
C GLN A 13 12.80 14.83 31.44
N ALA A 14 12.72 16.09 31.03
CA ALA A 14 13.78 16.69 30.22
C ALA A 14 15.09 16.68 30.99
N GLY A 15 16.06 15.93 30.47
CA GLY A 15 17.34 15.72 31.13
C GLY A 15 17.60 14.26 31.43
N GLY A 16 16.58 13.42 31.34
CA GLY A 16 16.71 12.02 31.62
C GLY A 16 17.16 11.22 30.40
N SER A 17 17.22 9.91 30.59
CA SER A 17 17.71 8.99 29.57
C SER A 17 16.61 8.03 29.14
N LEU A 18 16.88 7.31 28.06
CA LEU A 18 15.97 6.31 27.49
C LEU A 18 16.68 5.51 26.40
N ARG A 19 16.69 4.19 26.52
CA ARG A 19 17.33 3.32 25.54
C ARG A 19 16.27 2.62 24.70
N LEU A 20 16.37 2.77 23.39
CA LEU A 20 15.42 2.16 22.46
C LEU A 20 16.00 0.86 21.89
N SER A 21 15.09 0.02 21.41
CA SER A 21 15.46 -1.32 20.95
C SER A 21 14.84 -1.59 19.59
N CYS A 22 15.69 -1.98 18.63
CA CYS A 22 15.27 -2.43 17.31
C CYS A 22 15.77 -3.86 17.15
N ALA A 23 14.87 -4.83 17.24
CA ALA A 23 15.24 -6.23 17.36
C ALA A 23 14.73 -7.05 16.18
N ALA A 24 15.47 -8.10 15.85
CA ALA A 24 15.09 -9.06 14.83
C ALA A 24 14.42 -10.25 15.51
N SER A 25 13.12 -10.42 15.25
CA SER A 25 12.35 -11.50 15.84
C SER A 25 12.34 -12.69 14.87
N GLY A 26 13.04 -13.76 15.25
CA GLY A 26 13.02 -14.97 14.47
C GLY A 26 13.97 -15.00 13.29
N PHE A 27 14.99 -14.15 13.27
CA PHE A 27 15.99 -14.19 12.22
C PHE A 27 17.23 -13.43 12.69
N THR A 28 18.31 -13.59 11.92
CA THR A 28 19.58 -12.94 12.22
C THR A 28 19.68 -11.62 11.47
N LEU A 29 20.29 -10.63 12.13
CA LEU A 29 20.55 -9.36 11.45
C LEU A 29 21.54 -9.57 10.31
N GLY A 30 21.21 -8.98 9.16
CA GLY A 30 22.05 -9.09 7.97
C GLY A 30 23.14 -8.04 7.95
N TYR A 31 23.67 -7.78 6.75
CA TYR A 31 24.78 -6.82 6.59
C TYR A 31 24.27 -5.45 6.15
N TYR A 32 22.97 -5.21 6.24
CA TYR A 32 22.44 -3.91 5.91
C TYR A 32 22.70 -2.92 7.05
N ALA A 33 22.86 -1.65 6.68
CA ALA A 33 22.89 -0.59 7.67
C ALA A 33 21.49 -0.37 8.23
N ILE A 34 21.41 -0.13 9.53
CA ILE A 34 20.13 0.07 10.21
C ILE A 34 20.08 1.50 10.71
N GLY A 35 18.97 2.19 10.44
CA GLY A 35 18.81 3.57 10.83
C GLY A 35 17.62 3.75 11.76
N TRP A 36 17.69 4.79 12.59
CA TRP A 36 16.61 5.19 13.46
C TRP A 36 15.98 6.47 12.92
N PHE A 37 14.67 6.58 13.06
CA PHE A 37 13.92 7.72 12.55
C PHE A 37 12.93 8.17 13.60
N ARG A 38 12.45 9.40 13.46
CA ARG A 38 11.38 9.90 14.32
C ARG A 38 10.46 10.80 13.51
N GLN A 39 9.21 10.89 13.98
CA GLN A 39 8.21 11.76 13.36
C GLN A 39 7.50 12.50 14.50
N ALA A 40 7.89 13.75 14.72
CA ALA A 40 7.19 14.60 15.66
C ALA A 40 5.78 14.90 15.13
N PRO A 41 4.81 15.15 16.02
CA PRO A 41 3.43 15.33 15.55
C PRO A 41 3.30 16.56 14.67
N GLY A 42 2.56 16.40 13.57
CA GLY A 42 2.44 17.47 12.60
C GLY A 42 3.71 17.78 11.85
N LYS A 43 4.60 16.81 11.70
CA LYS A 43 5.86 16.99 10.99
C LYS A 43 6.16 15.75 10.16
N GLU A 44 6.96 15.95 9.13
CA GLU A 44 7.37 14.83 8.29
C GLU A 44 8.38 13.95 9.00
N ARG A 45 8.43 12.68 8.61
CA ARG A 45 9.43 11.77 9.17
C ARG A 45 10.83 12.27 8.83
N GLU A 46 11.75 12.05 9.77
CA GLU A 46 13.12 12.52 9.60
C GLU A 46 14.10 11.46 10.11
N GLU A 47 15.33 11.55 9.64
CA GLU A 47 16.40 10.67 10.07
C GLU A 47 16.94 11.11 11.43
N VAL A 48 17.54 10.15 12.14
CA VAL A 48 18.07 10.38 13.47
C VAL A 48 19.50 9.84 13.57
N SER A 49 19.65 8.53 13.33
CA SER A 49 20.94 7.89 13.48
C SER A 49 21.07 6.74 12.47
N CYS A 50 22.27 6.18 12.40
CA CYS A 50 22.60 5.19 11.39
C CYS A 50 23.84 4.43 11.84
N ILE A 51 23.87 3.13 11.59
CA ILE A 51 25.00 2.28 11.96
C ILE A 51 25.11 1.15 10.95
N ASN A 52 26.35 0.86 10.54
CA ASN A 52 26.59 -0.20 9.57
C ASN A 52 26.69 -1.55 10.29
N ALA A 53 26.99 -2.59 9.52
CA ALA A 53 26.92 -3.95 10.05
C ALA A 53 28.01 -4.21 11.08
N SER A 54 29.23 -3.73 10.83
CA SER A 54 30.33 -3.97 11.75
C SER A 54 30.30 -3.09 12.98
N GLY A 55 29.47 -2.04 13.00
CA GLY A 55 29.50 -1.09 14.08
C GLY A 55 30.61 -0.08 14.00
N GLY A 56 31.44 -0.13 12.94
CA GLY A 56 32.54 0.81 12.82
C GLY A 56 32.08 2.21 12.45
N SER A 57 30.99 2.33 11.69
CA SER A 57 30.47 3.60 11.26
C SER A 57 29.17 3.90 11.99
N THR A 58 29.09 5.09 12.58
CA THR A 58 27.85 5.61 13.15
C THR A 58 27.63 7.02 12.63
N PHE A 59 26.37 7.36 12.36
CA PHE A 59 25.99 8.70 11.93
C PHE A 59 24.90 9.22 12.85
N TYR A 60 24.98 10.51 13.17
CA TYR A 60 23.93 11.20 13.93
C TYR A 60 23.61 12.51 13.24
N GLU A 61 22.32 12.81 13.15
CA GLU A 61 21.93 14.14 12.69
C GLU A 61 22.36 15.17 13.73
N ASP A 62 22.46 16.43 13.29
CA ASP A 62 22.97 17.48 14.16
C ASP A 62 22.06 17.74 15.35
N SER A 63 20.76 17.45 15.22
CA SER A 63 19.83 17.70 16.31
C SER A 63 20.10 16.80 17.52
N VAL A 64 20.66 15.62 17.30
CA VAL A 64 20.90 14.66 18.36
C VAL A 64 22.38 14.33 18.54
N LYS A 65 23.26 14.89 17.71
CA LYS A 65 24.68 14.63 17.84
C LYS A 65 25.19 15.12 19.19
N GLY A 66 25.83 14.22 19.94
CA GLY A 66 26.35 14.49 21.26
C GLY A 66 25.53 13.89 22.38
N ARG A 67 24.23 13.71 22.18
CA ARG A 67 23.34 13.17 23.20
C ARG A 67 22.95 11.72 22.96
N PHE A 68 22.72 11.34 21.70
CA PHE A 68 22.30 9.99 21.37
C PHE A 68 23.51 9.14 21.00
N THR A 69 23.40 7.84 21.31
CA THR A 69 24.44 6.89 20.95
C THR A 69 23.78 5.63 20.42
N ILE A 70 24.21 5.19 19.24
CA ILE A 70 23.67 4.01 18.57
C ILE A 70 24.72 2.90 18.64
N SER A 71 24.22 1.66 18.77
CA SER A 71 25.08 0.49 18.90
C SER A 71 24.35 -0.73 18.36
N ARG A 72 25.12 -1.71 17.90
CA ARG A 72 24.58 -2.94 17.34
C ARG A 72 25.14 -4.14 18.10
N ASP A 73 24.25 -4.92 18.71
CA ASP A 73 24.62 -6.14 19.43
C ASP A 73 24.26 -7.34 18.56
N ASN A 74 25.26 -8.00 18.00
CA ASN A 74 25.00 -9.13 17.09
C ASN A 74 24.46 -10.32 17.91
N ALA A 75 24.98 -10.52 19.11
CA ALA A 75 24.55 -11.67 19.90
C ALA A 75 23.07 -11.59 20.28
N LYS A 76 22.54 -10.36 20.41
CA LYS A 76 21.14 -10.16 20.72
C LYS A 76 20.29 -9.80 19.51
N ASN A 77 20.92 -9.68 18.33
CA ASN A 77 20.22 -9.32 17.09
C ASN A 77 19.40 -8.05 17.28
N THR A 78 20.02 -7.03 17.87
CA THR A 78 19.33 -5.81 18.24
C THR A 78 20.25 -4.61 18.05
N VAL A 79 19.68 -3.52 17.55
CA VAL A 79 20.34 -2.22 17.51
C VAL A 79 19.70 -1.34 18.57
N PHE A 80 20.52 -0.77 19.44
CA PHE A 80 20.05 0.08 20.52
C PHE A 80 20.32 1.55 20.21
N LEU A 81 19.44 2.41 20.72
CA LEU A 81 19.62 3.85 20.64
C LEU A 81 19.53 4.41 22.06
N GLN A 82 20.68 4.79 22.62
CA GLN A 82 20.74 5.38 23.95
C GLN A 82 20.53 6.89 23.84
N MET A 83 19.47 7.39 24.47
CA MET A 83 19.04 8.78 24.33
C MET A 83 19.23 9.50 25.65
N ASN A 84 20.28 10.31 25.73
CA ASN A 84 20.62 11.06 26.94
C ASN A 84 20.31 12.55 26.74
N ARG A 85 20.19 13.25 27.87
CA ARG A 85 19.99 14.70 27.89
C ARG A 85 18.80 15.11 27.02
N LEU A 86 17.65 14.54 27.35
CA LEU A 86 16.47 14.67 26.50
C LEU A 86 15.84 16.06 26.63
N LYS A 87 15.07 16.42 25.61
CA LYS A 87 14.38 17.69 25.51
C LYS A 87 12.96 17.46 25.04
N PRO A 88 12.04 18.38 25.33
CA PRO A 88 10.67 18.22 24.84
C PRO A 88 10.56 18.18 23.32
N GLU A 89 11.55 18.70 22.60
CA GLU A 89 11.54 18.62 21.15
C GLU A 89 11.87 17.22 20.63
N ASP A 90 12.41 16.35 21.47
CA ASP A 90 12.64 14.96 21.11
C ASP A 90 11.40 14.10 21.28
N THR A 91 10.25 14.72 21.51
CA THR A 91 8.98 14.00 21.59
C THR A 91 8.52 13.64 20.18
N ALA A 92 8.37 12.34 19.92
CA ALA A 92 7.99 11.85 18.60
C ALA A 92 7.81 10.34 18.70
N VAL A 93 7.27 9.78 17.61
CA VAL A 93 7.24 8.30 17.50
C VAL A 93 8.56 7.96 16.82
N TYR A 94 9.29 6.99 17.33
CA TYR A 94 10.59 6.61 16.81
C TYR A 94 10.48 5.29 16.04
N TYR A 95 11.11 5.25 14.87
CA TYR A 95 11.08 4.10 13.98
C TYR A 95 12.49 3.65 13.65
N CYS A 96 12.64 2.37 13.36
CA CYS A 96 13.88 1.81 12.84
C CYS A 96 13.58 1.06 11.54
N ALA A 97 14.58 1.02 10.67
CA ALA A 97 14.46 0.33 9.40
C ALA A 97 15.83 -0.16 8.95
N ALA A 98 15.83 -1.13 8.03
CA ALA A 98 17.06 -1.63 7.43
C ALA A 98 17.60 -0.72 6.34
N ALA A 99 17.52 0.58 6.55
CA ALA A 99 18.06 1.59 5.66
C ALA A 99 18.17 2.88 6.45
N CYS A 100 18.96 3.82 5.93
CA CYS A 100 19.24 5.06 6.63
C CYS A 100 18.67 6.29 5.95
N GLU A 101 17.93 6.13 4.87
CA GLU A 101 17.25 7.24 4.19
C GLU A 101 15.75 6.99 4.20
N VAL A 102 14.98 8.04 4.51
CA VAL A 102 13.53 7.90 4.62
C VAL A 102 12.94 7.45 3.29
N VAL A 103 13.42 8.02 2.18
CA VAL A 103 12.82 7.78 0.87
C VAL A 103 13.14 6.41 0.30
N ALA A 104 14.06 5.66 0.92
CA ALA A 104 14.37 4.32 0.44
C ALA A 104 13.51 3.25 1.11
N VAL A 105 12.85 3.58 2.21
CA VAL A 105 12.09 2.59 2.97
C VAL A 105 10.75 2.37 2.29
N GLY A 106 10.38 1.10 2.10
CA GLY A 106 9.13 0.76 1.46
C GLY A 106 8.08 0.26 2.43
N TYR A 107 8.50 -0.13 3.64
CA TYR A 107 7.57 -0.59 4.66
C TYR A 107 8.01 -0.05 6.01
N TRP A 108 7.09 0.56 6.75
CA TRP A 108 7.36 1.06 8.09
C TRP A 108 6.57 0.25 9.12
N GLY A 109 7.14 0.15 10.32
CA GLY A 109 6.47 -0.47 11.44
C GLY A 109 5.56 0.49 12.18
N GLN A 110 5.19 0.12 13.42
CA GLN A 110 4.25 0.95 14.21
C GLN A 110 5.01 1.96 15.08
N GLY A 111 6.30 1.75 15.26
CA GLY A 111 7.13 2.70 16.03
C GLY A 111 6.98 2.58 17.53
N THR A 112 7.74 3.38 18.26
CA THR A 112 7.63 3.44 19.74
C THR A 112 7.42 4.91 20.10
N GLN A 113 6.46 5.19 21.00
CA GLN A 113 6.16 6.60 21.36
C GLN A 113 7.12 7.08 22.43
N VAL A 114 7.66 8.25 22.21
CA VAL A 114 8.57 8.85 23.19
C VAL A 114 8.05 10.23 23.54
N THR A 115 7.68 10.42 24.81
CA THR A 115 7.16 11.68 25.30
C THR A 115 8.10 12.23 26.37
N VAL A 116 8.44 13.51 26.25
CA VAL A 116 9.40 14.15 27.15
C VAL A 116 8.73 15.40 27.72
N SER A 117 8.43 15.39 29.01
CA SER A 117 7.90 16.55 29.69
C SER A 117 9.04 17.42 30.20
N ALA A 118 8.78 18.73 30.26
CA ALA A 118 9.81 19.70 30.60
C ALA A 118 10.00 19.87 32.11
N PRO B 4 36.82 35.33 -28.40
CA PRO B 4 35.81 34.72 -27.52
C PRO B 4 34.47 34.52 -28.23
N LEU B 5 33.86 33.34 -28.00
CA LEU B 5 32.69 32.88 -28.76
C LEU B 5 32.18 31.55 -28.22
N PRO B 6 30.87 31.36 -28.14
CA PRO B 6 30.34 30.09 -27.62
C PRO B 6 29.72 29.21 -28.70
N ALA B 7 28.89 28.24 -28.28
CA ALA B 7 28.23 27.32 -29.20
C ALA B 7 27.13 26.52 -28.50
N ALA B 8 25.88 26.68 -28.93
CA ALA B 8 24.75 26.01 -28.30
C ALA B 8 23.81 25.45 -29.34
N PHE B 9 23.04 24.43 -28.95
CA PHE B 9 22.07 23.80 -29.82
C PHE B 9 20.73 23.67 -29.09
N THR B 10 19.66 24.07 -29.78
CA THR B 10 18.29 24.02 -29.22
C THR B 10 17.34 23.58 -30.34
N ALA B 11 16.18 23.04 -29.97
CA ALA B 11 15.18 22.59 -30.97
C ALA B 11 13.80 23.17 -30.66
N ASN B 12 13.72 24.48 -30.43
CA ASN B 12 12.44 25.18 -30.20
C ASN B 12 11.78 24.70 -28.91
N GLY B 13 12.58 24.25 -27.95
CA GLY B 13 12.00 23.73 -26.72
C GLY B 13 11.76 22.24 -26.71
N THR B 14 12.11 21.54 -27.79
CA THR B 14 11.99 20.09 -27.80
C THR B 14 13.02 19.47 -26.84
N HIS B 15 12.58 18.48 -26.07
CA HIS B 15 13.46 17.88 -25.07
C HIS B 15 14.53 17.02 -25.71
N LEU B 16 15.69 16.97 -25.05
CA LEU B 16 16.83 16.17 -25.48
C LEU B 16 17.02 15.02 -24.50
N GLN B 17 17.05 13.80 -25.02
CA GLN B 17 17.10 12.61 -24.18
C GLN B 17 18.48 11.98 -24.11
N HIS B 18 19.14 11.79 -25.25
CA HIS B 18 20.40 11.07 -25.26
C HIS B 18 21.36 11.71 -26.25
N LEU B 19 22.64 11.39 -26.06
CA LEU B 19 23.73 11.98 -26.81
C LEU B 19 24.80 10.92 -27.01
N ALA B 20 25.29 10.79 -28.23
CA ALA B 20 26.30 9.79 -28.57
C ALA B 20 27.31 10.39 -29.54
N ARG B 21 28.58 10.11 -29.29
CA ARG B 21 29.68 10.66 -30.08
C ARG B 21 30.39 9.55 -30.83
N ASP B 22 30.64 9.78 -32.13
CA ASP B 22 31.38 8.84 -32.96
C ASP B 22 32.87 9.08 -32.75
N PRO B 23 33.59 8.11 -32.17
CA PRO B 23 35.01 8.35 -31.86
C PRO B 23 35.89 8.48 -33.09
N THR B 24 35.45 8.00 -34.25
CA THR B 24 36.26 8.12 -35.45
C THR B 24 36.19 9.53 -36.05
N THR B 25 34.99 10.12 -36.11
CA THR B 25 34.79 11.37 -36.80
C THR B 25 34.47 12.54 -35.88
N GLY B 26 34.15 12.29 -34.61
CA GLY B 26 33.70 13.35 -33.72
C GLY B 26 32.27 13.79 -33.93
N THR B 27 31.53 13.15 -34.83
CA THR B 27 30.15 13.51 -35.08
C THR B 27 29.29 13.20 -33.86
N LEU B 28 28.35 14.10 -33.56
CA LEU B 28 27.46 13.98 -32.42
C LEU B 28 26.07 13.59 -32.90
N TYR B 29 25.52 12.54 -32.33
CA TYR B 29 24.15 12.10 -32.60
C TYR B 29 23.30 12.39 -31.38
N VAL B 30 22.17 13.07 -31.59
CA VAL B 30 21.33 13.57 -30.50
C VAL B 30 19.94 12.98 -30.65
N GLY B 31 19.47 12.29 -29.61
CA GLY B 31 18.13 11.76 -29.58
C GLY B 31 17.21 12.69 -28.82
N ALA B 32 16.18 13.18 -29.51
CA ALA B 32 15.24 14.14 -28.97
C ALA B 32 13.82 13.65 -29.23
N THR B 33 12.85 14.30 -28.58
CA THR B 33 11.46 13.98 -28.81
C THR B 33 11.09 14.21 -30.27
N ASN B 34 10.71 13.13 -30.95
CA ASN B 34 10.29 13.14 -32.36
C ASN B 34 11.41 13.55 -33.31
N PHE B 35 12.64 13.55 -32.84
CA PHE B 35 13.74 13.88 -33.75
C PHE B 35 15.02 13.10 -33.47
N LEU B 36 15.83 12.97 -34.48
CA LEU B 36 17.18 12.42 -34.35
C LEU B 36 18.11 13.34 -35.13
N PHE B 37 19.09 13.87 -34.44
CA PHE B 37 19.95 14.90 -35.06
C PHE B 37 21.38 14.44 -35.24
N GLN B 38 22.01 14.92 -36.29
CA GLN B 38 23.41 14.69 -36.58
C GLN B 38 24.12 16.03 -36.61
N LEU B 39 25.09 16.20 -35.71
CA LEU B 39 25.75 17.48 -35.51
C LEU B 39 27.26 17.34 -35.67
N SER B 40 27.88 18.39 -36.19
CA SER B 40 29.33 18.47 -36.26
C SER B 40 29.88 18.66 -34.85
N PRO B 41 31.19 18.47 -34.64
CA PRO B 41 31.75 18.73 -33.31
C PRO B 41 31.49 20.14 -32.80
N GLY B 42 31.17 21.09 -33.67
CA GLY B 42 30.82 22.44 -33.24
C GLY B 42 29.32 22.68 -33.21
N LEU B 43 28.55 21.59 -33.17
CA LEU B 43 27.10 21.64 -32.96
C LEU B 43 26.36 22.26 -34.15
N GLN B 44 26.93 22.17 -35.35
CA GLN B 44 26.23 22.62 -36.54
C GLN B 44 25.44 21.47 -37.15
N LEU B 45 24.23 21.76 -37.60
CA LEU B 45 23.31 20.72 -38.07
C LEU B 45 23.76 20.16 -39.41
N GLU B 46 23.99 18.85 -39.44
CA GLU B 46 24.33 18.15 -40.68
C GLU B 46 23.16 17.39 -41.28
N ALA B 47 22.27 16.85 -40.46
CA ALA B 47 21.10 16.14 -40.96
C ALA B 47 20.09 15.99 -39.83
N VAL B 48 18.83 15.80 -40.20
CA VAL B 48 17.75 15.65 -39.24
C VAL B 48 16.81 14.56 -39.75
N VAL B 49 16.38 13.69 -38.83
CA VAL B 49 15.43 12.63 -39.10
C VAL B 49 14.24 12.82 -38.16
N SER B 50 13.03 12.71 -38.71
CA SER B 50 11.82 12.76 -37.89
C SER B 50 11.48 11.35 -37.42
N THR B 51 11.17 11.22 -36.13
CA THR B 51 10.82 9.93 -35.54
C THR B 51 9.42 9.92 -34.94
N GLY B 52 8.64 10.97 -35.16
CA GLY B 52 7.30 11.04 -34.63
C GLY B 52 6.66 12.39 -34.89
N PRO B 53 5.43 12.61 -34.40
CA PRO B 53 4.60 11.71 -33.58
C PRO B 53 3.98 10.59 -34.39
N VAL B 54 3.43 9.61 -33.70
CA VAL B 54 2.81 8.44 -34.38
C VAL B 54 1.52 8.10 -33.66
N ASN B 55 0.49 7.66 -34.39
CA ASN B 55 -0.77 7.22 -33.73
C ASN B 55 -0.51 5.85 -33.10
N ASP B 56 -0.50 5.79 -31.77
CA ASP B 56 -0.10 4.55 -31.08
C ASP B 56 -0.72 4.42 -29.70
N SER B 57 -0.54 3.26 -29.07
CA SER B 57 -0.99 3.03 -27.67
C SER B 57 -0.06 1.98 -27.07
N ARG B 58 0.27 2.12 -25.79
CA ARG B 58 1.17 1.17 -25.11
C ARG B 58 0.44 -0.17 -24.96
N ASP B 59 -0.79 -0.27 -25.48
CA ASP B 59 -1.49 -1.55 -25.46
C ASP B 59 -1.53 -2.23 -26.81
N CYS B 60 -1.12 -1.56 -27.88
CA CYS B 60 -1.16 -2.12 -29.22
C CYS B 60 0.22 -2.56 -29.66
N LEU B 61 0.25 -3.43 -30.68
CA LEU B 61 1.49 -4.05 -31.13
C LEU B 61 1.86 -3.61 -32.54
N PRO B 62 3.17 -3.41 -32.80
CA PRO B 62 3.62 -3.03 -34.13
C PRO B 62 3.68 -4.20 -35.12
N PRO B 63 3.50 -4.01 -36.44
CA PRO B 63 2.84 -2.82 -37.02
C PRO B 63 1.48 -2.41 -36.44
N VAL B 64 1.25 -1.11 -36.32
CA VAL B 64 -0.02 -0.62 -35.71
C VAL B 64 -1.04 -0.31 -36.81
N ILE B 65 -1.93 -1.25 -37.10
CA ILE B 65 -3.02 -1.02 -38.04
C ILE B 65 -4.02 -0.09 -37.39
N PRO B 66 -4.30 1.11 -37.96
CA PRO B 66 -5.20 2.07 -37.30
C PRO B 66 -6.57 1.47 -36.94
N ASP B 67 -7.02 0.45 -37.66
CA ASP B 67 -8.32 -0.17 -37.38
C ASP B 67 -8.24 -1.24 -36.31
N GLU B 68 -7.04 -1.69 -35.95
CA GLU B 68 -6.87 -2.63 -34.84
C GLU B 68 -6.63 -1.92 -33.50
N CYS B 69 -6.24 -0.65 -33.55
CA CYS B 69 -5.95 0.13 -32.32
C CYS B 69 -6.93 1.30 -32.23
N PRO B 70 -8.13 1.11 -31.66
CA PRO B 70 -9.11 2.18 -31.53
C PRO B 70 -8.77 3.17 -30.43
N GLN B 71 -7.90 2.82 -29.49
CA GLN B 71 -7.45 3.73 -28.45
C GLN B 71 -6.18 4.48 -28.84
N ALA B 72 -5.86 4.51 -30.11
CA ALA B 72 -4.65 5.20 -30.59
C ALA B 72 -4.78 6.71 -30.49
N GLN B 73 -3.72 7.39 -30.09
CA GLN B 73 -3.69 8.86 -30.00
C GLN B 73 -2.33 9.34 -30.50
N PRO B 74 -2.21 10.57 -31.05
CA PRO B 74 -0.89 11.09 -31.44
C PRO B 74 0.13 11.06 -30.30
N THR B 75 1.10 10.16 -30.40
CA THR B 75 2.06 9.98 -29.28
C THR B 75 3.46 10.46 -29.67
N ASN B 76 4.05 11.29 -28.83
CA ASN B 76 5.43 11.74 -29.03
C ASN B 76 6.40 10.59 -28.78
N ASN B 77 7.57 10.69 -29.41
CA ASN B 77 8.55 9.61 -29.40
C ASN B 77 9.88 10.10 -28.83
N PRO B 78 9.98 10.24 -27.50
CA PRO B 78 11.29 10.50 -26.90
C PRO B 78 12.23 9.34 -27.15
N ASN B 79 13.50 9.69 -27.38
CA ASN B 79 14.50 8.66 -27.64
C ASN B 79 14.86 7.93 -26.36
N GLN B 80 14.96 6.60 -26.45
CA GLN B 80 15.25 5.77 -25.30
C GLN B 80 16.64 5.16 -25.31
N LEU B 81 17.21 4.92 -26.49
CA LEU B 81 18.53 4.34 -26.62
C LEU B 81 19.21 4.89 -27.86
N LEU B 82 20.49 5.24 -27.72
CA LEU B 82 21.25 5.82 -28.82
C LEU B 82 22.71 5.43 -28.61
N LEU B 83 23.18 4.46 -29.40
CA LEU B 83 24.50 3.88 -29.23
C LEU B 83 25.21 3.81 -30.57
N VAL B 84 26.51 4.06 -30.57
CA VAL B 84 27.34 3.93 -31.76
C VAL B 84 28.01 2.56 -31.71
N SER B 85 27.77 1.77 -32.74
CA SER B 85 28.42 0.48 -32.95
C SER B 85 29.36 0.59 -34.15
N PRO B 86 30.34 -0.34 -34.27
CA PRO B 86 31.38 -0.22 -35.32
C PRO B 86 30.89 0.22 -36.69
N GLU B 87 29.74 -0.29 -37.14
CA GLU B 87 29.32 -0.09 -38.52
C GLU B 87 27.87 0.39 -38.65
N ALA B 88 27.29 0.92 -37.57
CA ALA B 88 25.92 1.42 -37.61
C ALA B 88 25.63 2.20 -36.34
N LEU B 89 24.53 2.96 -36.37
CA LEU B 89 24.02 3.65 -35.20
C LEU B 89 22.75 2.95 -34.73
N VAL B 90 22.70 2.62 -33.44
CA VAL B 90 21.57 1.90 -32.84
C VAL B 90 20.62 2.92 -32.23
N VAL B 91 19.35 2.89 -32.66
CA VAL B 91 18.35 3.86 -32.22
C VAL B 91 17.10 3.11 -31.80
N CYS B 92 16.68 3.30 -30.55
CA CYS B 92 15.42 2.76 -30.05
C CYS B 92 14.60 3.89 -29.44
N GLY B 93 13.31 3.94 -29.80
CA GLY B 93 12.41 4.95 -29.31
C GLY B 93 11.50 4.43 -28.20
N SER B 94 10.58 5.29 -27.79
CA SER B 94 9.63 4.94 -26.71
C SER B 94 8.35 4.36 -27.32
N VAL B 95 8.12 4.61 -28.60
CA VAL B 95 6.87 4.17 -29.26
C VAL B 95 7.03 2.78 -29.86
N HIS B 96 5.94 2.14 -30.21
CA HIS B 96 5.96 0.81 -30.87
C HIS B 96 6.68 -0.20 -29.98
N GLN B 97 6.31 -0.24 -28.71
CA GLN B 97 6.85 -1.25 -27.79
C GLN B 97 8.37 -1.20 -27.72
N GLY B 98 8.96 -0.03 -27.98
CA GLY B 98 10.39 0.15 -27.81
C GLY B 98 11.26 -0.55 -28.83
N ILE B 99 10.77 -0.62 -30.06
CA ILE B 99 11.52 -1.29 -31.15
C ILE B 99 12.73 -0.46 -31.57
N CYS B 100 13.73 -1.10 -32.17
CA CYS B 100 14.95 -0.43 -32.58
C CYS B 100 15.16 -0.53 -34.08
N GLU B 101 16.20 0.17 -34.52
CA GLU B 101 16.56 0.21 -35.95
C GLU B 101 18.03 0.62 -36.04
N LEU B 102 18.68 0.30 -37.15
CA LEU B 102 20.05 0.71 -37.41
C LEU B 102 20.08 1.71 -38.55
N ARG B 103 20.92 2.72 -38.37
CA ARG B 103 21.06 3.78 -39.41
C ARG B 103 22.55 3.97 -39.70
N SER B 104 22.86 4.54 -40.85
CA SER B 104 24.25 4.70 -41.28
C SER B 104 24.92 5.82 -40.50
N LEU B 105 26.13 5.56 -40.00
CA LEU B 105 26.93 6.62 -39.40
C LEU B 105 27.32 7.62 -40.48
N GLY B 106 27.21 8.91 -40.14
CA GLY B 106 27.46 9.97 -41.10
C GLY B 106 26.35 10.22 -42.10
N GLN B 107 25.30 9.38 -42.10
CA GLN B 107 24.16 9.49 -43.01
C GLN B 107 22.94 8.93 -42.29
N ILE B 108 22.49 9.62 -41.23
CA ILE B 108 21.41 9.08 -40.40
C ILE B 108 20.10 8.96 -41.14
N ARG B 109 19.96 9.58 -42.31
CA ARG B 109 18.75 9.42 -43.09
C ARG B 109 18.71 8.08 -43.83
N GLN B 110 19.82 7.36 -43.88
CA GLN B 110 19.87 6.06 -44.54
C GLN B 110 19.56 4.97 -43.53
N LEU B 111 18.39 4.35 -43.67
CA LEU B 111 17.97 3.26 -42.81
C LEU B 111 18.69 1.98 -43.25
N LEU B 112 19.47 1.37 -42.34
CA LEU B 112 20.16 0.13 -42.67
C LEU B 112 19.31 -1.09 -42.37
N LEU B 113 18.54 -1.08 -41.28
CA LEU B 113 17.84 -2.29 -40.86
C LEU B 113 16.70 -1.93 -39.91
N ARG B 114 15.48 -2.25 -40.31
CA ARG B 114 14.31 -2.13 -39.43
C ARG B 114 13.44 -3.36 -39.72
N PRO B 115 13.42 -4.38 -38.85
CA PRO B 115 12.66 -5.60 -39.13
C PRO B 115 11.20 -5.31 -39.45
N GLU B 116 10.65 -6.07 -40.39
CA GLU B 116 9.33 -5.76 -40.93
C GLU B 116 8.22 -6.05 -39.93
N ARG B 117 8.25 -7.23 -39.30
CA ARG B 117 7.28 -7.59 -38.27
C ARG B 117 8.02 -8.04 -37.02
N PRO B 118 8.34 -7.12 -36.12
CA PRO B 118 9.01 -7.51 -34.88
C PRO B 118 8.08 -8.29 -33.97
N GLY B 119 8.61 -9.35 -33.36
CA GLY B 119 7.89 -10.12 -32.38
C GLY B 119 8.14 -9.62 -30.97
N ASP B 120 7.48 -10.27 -30.00
CA ASP B 120 7.62 -9.85 -28.62
C ASP B 120 8.99 -10.19 -28.03
N THR B 121 9.87 -10.82 -28.82
CA THR B 121 11.27 -10.99 -28.44
C THR B 121 12.15 -9.85 -28.94
N GLN B 122 11.58 -8.88 -29.65
CA GLN B 122 12.31 -7.75 -30.20
C GLN B 122 11.78 -6.41 -29.68
N TYR B 123 11.01 -6.42 -28.59
CA TYR B 123 10.59 -5.20 -27.91
C TYR B 123 11.72 -4.86 -26.93
N VAL B 124 12.56 -3.90 -27.31
CA VAL B 124 13.84 -3.69 -26.64
C VAL B 124 13.74 -2.66 -25.52
N ALA B 125 13.55 -1.39 -25.88
CA ALA B 125 13.60 -0.32 -24.91
C ALA B 125 12.28 -0.22 -24.14
N ALA B 126 12.29 0.57 -23.08
CA ALA B 126 11.07 0.86 -22.34
C ALA B 126 10.15 1.72 -23.20
N ASN B 127 8.87 1.37 -23.22
CA ASN B 127 7.88 2.10 -24.00
C ASN B 127 7.20 3.22 -23.21
N ASP B 128 7.84 3.67 -22.13
CA ASP B 128 7.32 4.76 -21.30
C ASP B 128 8.44 5.78 -21.19
N PRO B 129 8.23 7.03 -21.61
CA PRO B 129 9.32 8.02 -21.57
C PRO B 129 9.82 8.35 -20.17
N ALA B 130 9.11 7.93 -19.13
CA ALA B 130 9.52 8.18 -17.76
C ALA B 130 10.41 7.09 -17.19
N VAL B 131 10.69 6.04 -17.97
CA VAL B 131 11.46 4.89 -17.51
C VAL B 131 12.74 4.80 -18.33
N SER B 132 13.87 4.63 -17.65
CA SER B 132 15.17 4.69 -18.31
C SER B 132 15.55 3.36 -18.95
N THR B 133 16.22 3.45 -20.09
CA THR B 133 16.85 2.31 -20.74
C THR B 133 18.34 2.61 -20.87
N VAL B 134 19.18 1.64 -20.52
CA VAL B 134 20.61 1.78 -20.68
C VAL B 134 21.10 0.62 -21.56
N GLY B 135 22.25 0.82 -22.18
CA GLY B 135 22.76 -0.21 -23.06
C GLY B 135 24.24 -0.05 -23.30
N LEU B 136 24.81 -1.11 -23.87
CA LEU B 136 26.20 -1.11 -24.31
C LEU B 136 26.33 -2.04 -25.51
N VAL B 137 27.36 -1.80 -26.31
CA VAL B 137 27.66 -2.62 -27.48
C VAL B 137 29.00 -3.30 -27.26
N ALA B 138 29.08 -4.58 -27.58
CA ALA B 138 30.29 -5.37 -27.37
C ALA B 138 30.43 -6.39 -28.49
N GLN B 139 31.47 -7.21 -28.38
CA GLN B 139 31.83 -8.19 -29.40
C GLN B 139 31.56 -9.60 -28.90
N GLY B 140 31.15 -10.48 -29.81
CA GLY B 140 31.08 -11.89 -29.51
C GLY B 140 32.41 -12.57 -29.76
N LEU B 141 32.40 -13.89 -29.59
CA LEU B 141 33.65 -14.65 -29.70
C LEU B 141 34.20 -14.68 -31.12
N VAL B 142 33.36 -14.48 -32.13
CA VAL B 142 33.85 -14.42 -33.51
C VAL B 142 33.67 -13.01 -34.05
N GLY B 143 33.68 -12.02 -33.15
CA GLY B 143 33.64 -10.62 -33.54
C GLY B 143 32.28 -10.07 -33.88
N GLU B 144 31.21 -10.84 -33.73
CA GLU B 144 29.89 -10.34 -34.08
C GLU B 144 29.39 -9.32 -33.05
N PRO B 145 28.60 -8.33 -33.48
CA PRO B 145 28.18 -7.26 -32.55
C PRO B 145 27.00 -7.69 -31.69
N LEU B 146 27.11 -7.42 -30.39
CA LEU B 146 26.08 -7.75 -29.43
C LEU B 146 25.58 -6.47 -28.75
N LEU B 147 24.34 -6.52 -28.27
CA LEU B 147 23.72 -5.39 -27.61
C LEU B 147 23.18 -5.85 -26.26
N PHE B 148 23.76 -5.31 -25.18
CA PHE B 148 23.28 -5.55 -23.82
C PHE B 148 22.38 -4.40 -23.42
N VAL B 149 21.20 -4.70 -22.89
CA VAL B 149 20.20 -3.69 -22.58
C VAL B 149 19.76 -3.85 -21.14
N GLY B 150 19.68 -2.72 -20.43
CA GLY B 150 19.06 -2.65 -19.11
C GLY B 150 17.81 -1.80 -19.20
N ARG B 151 16.68 -2.38 -18.79
CA ARG B 151 15.39 -1.76 -19.01
C ARG B 151 14.55 -1.84 -17.74
N GLY B 152 13.98 -0.71 -17.33
CA GLY B 152 13.17 -0.67 -16.14
C GLY B 152 11.74 -1.17 -16.35
N TYR B 153 11.02 -1.26 -15.25
CA TYR B 153 9.66 -1.79 -15.29
C TYR B 153 8.68 -0.74 -15.82
N THR B 154 7.77 -1.19 -16.68
CA THR B 154 6.72 -0.35 -17.25
C THR B 154 5.34 -0.97 -17.17
N SER B 155 5.24 -2.30 -17.33
CA SER B 155 4.02 -3.06 -17.66
C SER B 155 2.71 -2.28 -17.64
N ARG B 156 2.33 -1.72 -18.65
CA ARG B 156 0.98 -1.23 -18.93
C ARG B 156 0.97 -1.57 -20.42
N GLY B 157 1.83 -2.49 -20.87
CA GLY B 157 1.86 -3.00 -22.21
C GLY B 157 1.39 -4.43 -22.38
N VAL B 158 2.05 -5.18 -23.26
CA VAL B 158 1.55 -6.46 -23.74
C VAL B 158 2.61 -7.52 -23.50
N GLY B 159 2.16 -8.78 -23.52
CA GLY B 159 3.04 -9.91 -23.32
C GLY B 159 3.48 -10.03 -21.87
N GLY B 160 4.46 -10.91 -21.67
CA GLY B 160 5.14 -10.97 -20.40
C GLY B 160 6.20 -9.88 -20.31
N GLY B 161 6.40 -9.40 -19.09
CA GLY B 161 7.37 -8.34 -18.85
C GLY B 161 8.73 -8.64 -19.45
N ILE B 162 9.27 -7.70 -20.21
CA ILE B 162 10.59 -7.90 -20.82
C ILE B 162 11.62 -8.04 -19.71
N PRO B 163 12.56 -8.99 -19.81
CA PRO B 163 13.52 -9.17 -18.73
C PRO B 163 14.34 -7.92 -18.50
N PRO B 164 14.74 -7.65 -17.26
CA PRO B 164 15.45 -6.39 -16.97
C PRO B 164 16.79 -6.25 -17.67
N ILE B 165 17.52 -7.35 -17.84
CA ILE B 165 18.80 -7.34 -18.55
C ILE B 165 18.79 -8.45 -19.59
N THR B 166 19.17 -8.11 -20.82
CA THR B 166 19.14 -9.04 -21.94
C THR B 166 20.40 -8.85 -22.78
N THR B 167 20.70 -9.87 -23.59
CA THR B 167 21.79 -9.83 -24.56
C THR B 167 21.20 -10.12 -25.93
N ARG B 168 21.37 -9.19 -26.86
CA ARG B 168 20.65 -9.22 -28.12
C ARG B 168 21.62 -9.16 -29.29
N ALA B 169 21.25 -9.82 -30.39
CA ALA B 169 22.11 -9.94 -31.56
C ALA B 169 21.81 -8.81 -32.54
N LEU B 170 22.86 -8.13 -32.99
CA LEU B 170 22.72 -7.04 -33.94
C LEU B 170 22.90 -7.48 -35.39
N ARG B 171 23.71 -8.51 -35.63
CA ARG B 171 23.89 -9.10 -36.96
C ARG B 171 23.68 -10.61 -36.88
N PRO B 172 22.44 -11.06 -36.76
CA PRO B 172 22.17 -12.50 -36.76
C PRO B 172 22.13 -13.02 -38.19
N PRO B 173 22.07 -14.34 -38.38
CA PRO B 173 21.95 -14.87 -39.75
C PRO B 173 20.78 -14.28 -40.53
N ASP B 174 19.59 -14.29 -39.94
CA ASP B 174 18.41 -13.72 -40.59
C ASP B 174 18.23 -12.28 -40.12
N PRO B 175 18.37 -11.28 -41.00
CA PRO B 175 18.27 -9.88 -40.54
C PRO B 175 16.93 -9.53 -39.93
N GLN B 176 15.86 -10.26 -40.26
CA GLN B 176 14.57 -10.01 -39.64
C GLN B 176 14.51 -10.48 -38.19
N ALA B 177 15.54 -11.17 -37.71
CA ALA B 177 15.63 -11.59 -36.32
C ALA B 177 16.52 -10.68 -35.49
N ALA B 178 16.98 -9.57 -36.07
CA ALA B 178 17.84 -8.65 -35.35
C ALA B 178 17.13 -8.10 -34.11
N PHE B 179 17.91 -7.81 -33.08
CA PHE B 179 17.50 -7.25 -31.79
C PHE B 179 16.80 -8.28 -30.90
N SER B 180 16.68 -9.53 -31.32
CA SER B 180 16.08 -10.56 -30.50
C SER B 180 17.13 -11.19 -29.59
N TYR B 181 16.65 -11.80 -28.51
CA TYR B 181 17.50 -12.48 -27.55
C TYR B 181 17.15 -13.97 -27.48
N GLU B 182 18.17 -14.80 -27.34
CA GLU B 182 17.96 -16.23 -27.14
C GLU B 182 17.22 -16.47 -25.83
N GLU B 183 16.60 -17.65 -25.71
CA GLU B 183 15.65 -17.88 -24.63
C GLU B 183 16.29 -17.76 -23.25
N THR B 184 17.56 -18.15 -23.11
CA THR B 184 18.23 -18.09 -21.82
C THR B 184 19.21 -16.93 -21.68
N ALA B 185 19.36 -16.10 -22.72
CA ALA B 185 20.30 -14.98 -22.69
C ALA B 185 19.63 -13.73 -22.11
N LYS B 186 19.25 -13.83 -20.84
CA LYS B 186 18.52 -12.76 -20.17
C LYS B 186 18.51 -13.05 -18.66
N LEU B 187 18.11 -12.05 -17.90
CA LEU B 187 17.95 -12.18 -16.45
C LEU B 187 16.49 -12.54 -16.16
N ALA B 188 16.26 -13.75 -15.64
CA ALA B 188 14.92 -14.22 -15.34
C ALA B 188 14.52 -13.71 -13.95
N VAL B 189 13.52 -12.84 -13.89
CA VAL B 189 13.04 -12.27 -12.63
C VAL B 189 11.52 -12.39 -12.60
N GLY B 190 10.98 -12.72 -11.43
CA GLY B 190 9.56 -12.98 -11.29
C GLY B 190 8.67 -11.77 -11.19
N ARG B 191 8.73 -11.05 -10.06
CA ARG B 191 7.86 -9.89 -9.82
C ARG B 191 8.59 -8.63 -10.23
N LEU B 192 8.60 -8.38 -11.55
CA LEU B 192 9.25 -7.18 -12.07
C LEU B 192 8.65 -5.92 -11.46
N SER B 193 7.33 -5.90 -11.29
CA SER B 193 6.67 -4.73 -10.70
C SER B 193 7.20 -4.43 -9.31
N GLU B 194 7.52 -5.47 -8.54
CA GLU B 194 7.89 -5.29 -7.14
C GLU B 194 9.36 -4.96 -6.96
N TYR B 195 10.25 -5.61 -7.71
CA TYR B 195 11.66 -5.24 -7.65
C TYR B 195 11.89 -3.84 -8.19
N SER B 196 11.09 -3.44 -9.19
CA SER B 196 11.05 -2.05 -9.67
C SER B 196 12.44 -1.54 -10.04
N HIS B 197 13.02 -2.18 -11.06
CA HIS B 197 14.35 -1.80 -11.52
C HIS B 197 14.34 -0.39 -12.11
N HIS B 198 15.32 0.41 -11.72
CA HIS B 198 15.60 1.70 -12.33
CA HIS B 198 15.61 1.70 -12.34
C HIS B 198 17.08 1.73 -12.67
N PHE B 199 17.41 1.72 -13.96
CA PHE B 199 18.79 1.59 -14.40
C PHE B 199 19.46 2.96 -14.51
N VAL B 200 20.73 3.01 -14.13
CA VAL B 200 21.50 4.29 -14.13
C VAL B 200 22.65 4.25 -15.14
N SER B 201 23.35 3.12 -15.30
CA SER B 201 24.54 3.11 -16.15
C SER B 201 24.89 1.69 -16.53
N ALA B 202 25.72 1.58 -17.58
CA ALA B 202 26.22 0.30 -18.06
C ALA B 202 27.59 0.53 -18.70
N PHE B 203 28.48 -0.45 -18.54
CA PHE B 203 29.83 -0.30 -19.08
C PHE B 203 30.49 -1.66 -19.21
N VAL B 204 31.49 -1.72 -20.09
CA VAL B 204 32.28 -2.92 -20.33
C VAL B 204 33.60 -2.79 -19.60
N ARG B 205 34.03 -3.87 -18.94
CA ARG B 205 35.36 -3.95 -18.36
C ARG B 205 35.88 -5.37 -18.57
N GLY B 206 37.06 -5.48 -19.16
CA GLY B 206 37.62 -6.79 -19.45
C GLY B 206 36.71 -7.57 -20.37
N ALA B 207 36.29 -8.75 -19.91
CA ALA B 207 35.43 -9.64 -20.69
C ALA B 207 34.03 -9.73 -20.10
N SER B 208 33.59 -8.70 -19.39
CA SER B 208 32.29 -8.72 -18.72
C SER B 208 31.57 -7.41 -18.95
N ALA B 209 30.25 -7.45 -18.79
CA ALA B 209 29.40 -6.28 -18.86
C ALA B 209 28.85 -5.98 -17.47
N TYR B 210 28.79 -4.69 -17.14
CA TYR B 210 28.37 -4.23 -15.82
C TYR B 210 27.18 -3.30 -15.95
N PHE B 211 26.25 -3.39 -15.00
CA PHE B 211 25.09 -2.51 -14.94
C PHE B 211 24.95 -1.94 -13.54
N LEU B 212 24.63 -0.66 -13.45
CA LEU B 212 24.28 0.00 -12.21
C LEU B 212 22.78 0.31 -12.20
N PHE B 213 22.12 0.01 -11.09
CA PHE B 213 20.67 0.19 -11.04
C PHE B 213 20.23 0.23 -9.59
N LEU B 214 19.02 0.74 -9.39
CA LEU B 214 18.30 0.59 -8.13
C LEU B 214 17.22 -0.47 -8.28
N ARG B 215 16.98 -1.19 -7.19
CA ARG B 215 15.83 -2.08 -7.11
C ARG B 215 15.52 -2.33 -5.64
N ARG B 216 14.33 -2.86 -5.40
CA ARG B 216 13.89 -3.12 -4.04
C ARG B 216 14.44 -4.45 -3.53
N ASP B 217 14.95 -4.44 -2.31
CA ASP B 217 15.40 -5.65 -1.64
C ASP B 217 14.20 -6.22 -0.89
N LEU B 218 13.57 -7.24 -1.47
CA LEU B 218 12.33 -7.77 -0.90
C LEU B 218 12.57 -8.79 0.21
N LYS B 219 13.75 -9.41 0.25
CA LYS B 219 14.00 -10.44 1.26
C LYS B 219 14.44 -9.84 2.59
N ALA B 220 15.19 -8.73 2.55
CA ALA B 220 15.58 -8.01 3.76
C ALA B 220 14.39 -7.25 4.32
N PRO B 221 14.46 -6.81 5.59
CA PRO B 221 13.37 -6.02 6.15
C PRO B 221 13.26 -4.66 5.49
N SER B 222 12.11 -4.02 5.69
CA SER B 222 11.79 -2.64 5.31
C SER B 222 11.52 -2.46 3.82
N ARG B 223 11.69 -3.47 2.98
CA ARG B 223 11.33 -3.40 1.55
C ARG B 223 12.01 -2.20 0.88
N ALA B 224 13.33 -2.16 0.99
CA ALA B 224 14.09 -0.95 0.75
C ALA B 224 14.70 -0.92 -0.66
N PHE B 225 14.75 0.27 -1.23
CA PHE B 225 15.51 0.51 -2.45
C PHE B 225 17.00 0.50 -2.14
N ARG B 226 17.76 -0.21 -2.97
CA ARG B 226 19.21 -0.30 -2.76
C ARG B 226 19.95 -0.12 -4.08
N ALA B 227 21.22 0.24 -4.03
CA ALA B 227 22.03 0.39 -5.24
C ALA B 227 22.81 -0.90 -5.49
N TYR B 228 22.82 -1.34 -6.75
CA TYR B 228 23.51 -2.57 -7.10
C TYR B 228 24.38 -2.35 -8.32
N VAL B 229 25.45 -3.14 -8.41
CA VAL B 229 26.21 -3.30 -9.65
C VAL B 229 26.17 -4.77 -10.03
N SER B 230 25.96 -5.03 -11.32
CA SER B 230 25.86 -6.38 -11.85
C SER B 230 27.06 -6.69 -12.72
N ARG B 231 27.30 -7.98 -12.94
CA ARG B 231 28.38 -8.42 -13.81
C ARG B 231 27.96 -9.70 -14.50
N VAL B 232 28.18 -9.77 -15.81
CA VAL B 232 27.90 -10.98 -16.58
C VAL B 232 28.97 -11.11 -17.66
N CYS B 233 29.44 -12.35 -17.87
CA CYS B 233 30.41 -12.60 -18.93
C CYS B 233 29.81 -12.22 -20.28
N LEU B 234 30.62 -11.59 -21.13
CA LEU B 234 30.12 -11.15 -22.43
C LEU B 234 29.68 -12.32 -23.30
N GLN B 235 30.33 -13.46 -23.16
CA GLN B 235 30.07 -14.62 -23.99
C GLN B 235 29.08 -15.59 -23.37
N ASP B 236 28.66 -15.36 -22.13
CA ASP B 236 27.76 -16.26 -21.41
C ASP B 236 26.36 -16.09 -21.97
N GLN B 237 25.88 -17.10 -22.70
CA GLN B 237 24.59 -17.05 -23.36
C GLN B 237 23.44 -17.57 -22.48
N HIS B 238 23.75 -18.06 -21.29
CA HIS B 238 22.72 -18.55 -20.37
C HIS B 238 22.63 -17.70 -19.09
N TYR B 239 23.45 -16.66 -18.97
CA TYR B 239 23.55 -15.86 -17.76
C TYR B 239 23.84 -16.73 -16.54
N TYR B 240 24.67 -17.76 -16.74
CA TYR B 240 25.18 -18.56 -15.64
C TYR B 240 26.08 -17.73 -14.72
N SER B 241 26.77 -16.74 -15.28
CA SER B 241 27.79 -15.97 -14.59
C SER B 241 27.23 -14.74 -13.87
N TYR B 242 25.91 -14.58 -13.84
CA TYR B 242 25.33 -13.36 -13.31
C TYR B 242 25.49 -13.27 -11.80
N VAL B 243 25.86 -12.09 -11.32
CA VAL B 243 26.05 -11.84 -9.89
C VAL B 243 25.82 -10.36 -9.61
N GLU B 244 25.23 -10.06 -8.44
CA GLU B 244 24.92 -8.70 -8.01
C GLU B 244 25.63 -8.39 -6.70
N LEU B 245 25.93 -7.10 -6.49
CA LEU B 245 26.50 -6.61 -5.24
C LEU B 245 25.81 -5.32 -4.85
N PRO B 246 25.46 -5.14 -3.58
CA PRO B 246 24.93 -3.85 -3.13
C PRO B 246 26.04 -2.83 -2.91
N LEU B 247 25.76 -1.59 -3.28
CA LEU B 247 26.74 -0.50 -3.13
C LEU B 247 26.21 0.50 -2.09
N ALA B 248 27.10 0.99 -1.25
CA ALA B 248 26.74 2.00 -0.23
C ALA B 248 27.91 2.94 0.03
N CYS B 249 27.63 4.08 0.64
CA CYS B 249 28.65 5.08 0.93
C CYS B 249 28.43 5.63 2.33
N GLN B 250 29.54 6.10 2.93
CA GLN B 250 29.52 6.74 4.25
C GLN B 250 28.84 5.86 5.29
N GLY B 251 29.30 4.62 5.39
CA GLY B 251 28.81 3.72 6.41
C GLY B 251 27.35 3.35 6.26
N GLY B 252 26.85 3.32 5.04
CA GLY B 252 25.45 3.01 4.79
C GLY B 252 24.50 4.18 4.87
N ARG B 253 25.00 5.38 5.19
CA ARG B 253 24.14 6.56 5.23
C ARG B 253 23.62 6.92 3.85
N TYR B 254 24.37 6.58 2.80
CA TYR B 254 23.97 6.87 1.42
C TYR B 254 23.94 5.55 0.65
N GLY B 255 22.78 5.19 0.12
CA GLY B 255 22.64 3.91 -0.60
C GLY B 255 21.88 4.00 -1.91
N LEU B 256 21.55 5.22 -2.35
CA LEU B 256 20.83 5.42 -3.61
C LEU B 256 21.77 6.15 -4.58
N ILE B 257 22.23 5.43 -5.60
CA ILE B 257 23.12 6.00 -6.59
C ILE B 257 22.30 6.74 -7.65
N GLN B 258 22.80 7.90 -8.08
CA GLN B 258 22.11 8.74 -9.05
C GLN B 258 22.78 8.80 -10.41
N ALA B 259 24.08 8.68 -10.42
CA ALA B 259 24.85 8.72 -11.67
C ALA B 259 26.28 8.27 -11.36
N ALA B 260 27.02 7.90 -12.38
CA ALA B 260 28.39 7.41 -12.19
C ALA B 260 29.22 7.54 -13.46
N ALA B 261 30.52 7.40 -13.30
CA ALA B 261 31.43 7.48 -14.44
C ALA B 261 32.81 6.98 -14.00
N VAL B 262 33.58 6.54 -14.99
CA VAL B 262 34.98 6.28 -14.80
C VAL B 262 35.76 7.48 -15.34
N ALA B 263 37.03 7.57 -14.98
CA ALA B 263 37.86 8.64 -15.48
C ALA B 263 38.23 8.39 -16.94
N THR B 264 38.09 9.45 -17.73
CA THR B 264 38.39 9.37 -19.19
C THR B 264 39.36 10.51 -19.52
N SER B 265 40.45 10.23 -20.25
CA SER B 265 41.42 11.25 -20.60
C SER B 265 42.19 10.81 -21.83
N LYS B 266 43.04 11.72 -22.33
CA LYS B 266 43.93 11.36 -23.44
C LYS B 266 44.80 10.18 -23.08
N GLU B 267 45.32 10.18 -21.84
CA GLU B 267 46.21 9.14 -21.35
C GLU B 267 45.49 7.80 -21.28
N VAL B 268 44.56 7.66 -20.34
CA VAL B 268 43.79 6.44 -20.15
C VAL B 268 42.37 6.70 -20.65
N ALA B 269 41.94 5.95 -21.66
CA ALA B 269 40.63 6.18 -22.27
C ALA B 269 39.51 5.87 -21.29
N ARG B 270 39.58 4.73 -20.62
CA ARG B 270 38.58 4.33 -19.62
C ARG B 270 39.31 3.85 -18.37
N GLY B 271 39.23 4.65 -17.31
CA GLY B 271 39.89 4.32 -16.06
C GLY B 271 39.26 3.12 -15.36
N ASP B 272 39.83 2.78 -14.20
CA ASP B 272 39.45 1.58 -13.46
C ASP B 272 38.89 1.90 -12.08
N VAL B 273 38.45 3.13 -11.85
CA VAL B 273 37.75 3.51 -10.63
C VAL B 273 36.41 4.11 -11.03
N LEU B 274 35.35 3.66 -10.37
CA LEU B 274 33.99 4.14 -10.65
C LEU B 274 33.64 5.23 -9.66
N PHE B 275 33.49 6.45 -10.15
CA PHE B 275 33.09 7.59 -9.32
C PHE B 275 31.57 7.68 -9.33
N ALA B 276 30.96 7.59 -8.15
CA ALA B 276 29.52 7.43 -8.02
C ALA B 276 28.94 8.59 -7.22
N ALA B 277 27.86 9.17 -7.72
CA ALA B 277 27.13 10.23 -7.05
C ALA B 277 25.94 9.65 -6.30
N PHE B 278 25.83 9.99 -5.02
CA PHE B 278 24.72 9.55 -4.18
C PHE B 278 23.90 10.75 -3.73
N SER B 279 22.59 10.55 -3.62
CA SER B 279 21.68 11.55 -3.08
C SER B 279 20.45 10.85 -2.54
N SER B 280 19.73 11.53 -1.66
CA SER B 280 18.51 10.97 -1.05
C SER B 280 17.31 11.24 -1.96
N VAL B 281 17.35 10.61 -3.13
CA VAL B 281 16.26 10.69 -4.11
C VAL B 281 15.89 9.28 -4.54
N ALA B 282 14.59 9.03 -4.63
CA ALA B 282 14.04 7.74 -5.03
C ALA B 282 12.99 7.94 -6.10
N PRO B 283 12.65 6.89 -6.86
CA PRO B 283 11.54 6.98 -7.82
C PRO B 283 10.26 6.33 -7.30
N GLY B 298 18.81 18.23 0.82
CA GLY B 298 19.79 17.28 1.31
C GLY B 298 21.17 17.46 0.70
N THR B 299 22.12 16.67 1.16
CA THR B 299 23.50 16.74 0.70
C THR B 299 23.79 15.59 -0.24
N SER B 300 24.53 15.87 -1.31
CA SER B 300 25.03 14.86 -2.22
C SER B 300 26.48 14.52 -1.88
N VAL B 301 26.88 13.30 -2.23
CA VAL B 301 28.25 12.86 -2.00
C VAL B 301 28.79 12.19 -3.25
N LEU B 302 30.11 12.25 -3.40
CA LEU B 302 30.83 11.55 -4.45
C LEU B 302 31.73 10.53 -3.79
N CYS B 303 31.66 9.28 -4.24
CA CYS B 303 32.43 8.18 -3.68
C CYS B 303 33.14 7.42 -4.79
N ALA B 304 34.19 6.71 -4.42
CA ALA B 304 35.04 5.99 -5.37
C ALA B 304 34.95 4.49 -5.11
N PHE B 305 34.72 3.73 -6.16
CA PHE B 305 34.66 2.27 -6.10
C PHE B 305 35.69 1.70 -7.07
N PRO B 306 36.84 1.23 -6.60
CA PRO B 306 37.78 0.56 -7.51
C PRO B 306 37.14 -0.68 -8.11
N LEU B 307 37.21 -0.78 -9.44
CA LEU B 307 36.62 -1.92 -10.12
C LEU B 307 37.30 -3.23 -9.75
N ASP B 308 38.55 -3.18 -9.27
CA ASP B 308 39.18 -4.38 -8.73
C ASP B 308 38.43 -4.88 -7.49
N GLU B 309 38.03 -3.97 -6.61
CA GLU B 309 37.27 -4.35 -5.42
C GLU B 309 35.92 -4.96 -5.81
N VAL B 310 35.33 -4.48 -6.90
CA VAL B 310 34.06 -5.04 -7.37
C VAL B 310 34.26 -6.49 -7.80
N ASP B 311 35.25 -6.73 -8.66
CA ASP B 311 35.54 -8.09 -9.11
C ASP B 311 35.98 -8.98 -7.96
N GLN B 312 36.66 -8.42 -6.97
CA GLN B 312 37.09 -9.19 -5.81
C GLN B 312 35.90 -9.73 -5.03
N LEU B 313 34.94 -8.85 -4.75
CA LEU B 313 33.76 -9.27 -3.99
C LEU B 313 32.86 -10.18 -4.81
N ALA B 314 32.75 -9.92 -6.12
CA ALA B 314 31.95 -10.79 -6.97
C ALA B 314 32.57 -12.18 -7.06
N ASN B 315 33.90 -12.25 -7.12
CA ASN B 315 34.57 -13.55 -7.13
C ASN B 315 34.37 -14.28 -5.82
N TYR B 316 34.40 -13.57 -4.69
CA TYR B 316 34.19 -14.19 -3.36
C TYR B 316 32.74 -14.64 -3.24
N THR B 317 31.83 -13.89 -3.85
CA THR B 317 30.43 -14.31 -3.82
C THR B 317 30.21 -15.59 -4.61
N ARG B 318 30.87 -15.70 -5.77
CA ARG B 318 30.76 -16.90 -6.59
C ARG B 318 31.33 -18.11 -5.87
N ASP B 319 32.52 -17.96 -5.29
CA ASP B 319 33.15 -19.09 -4.59
C ASP B 319 32.32 -19.55 -3.41
N ALA B 320 31.71 -18.60 -2.68
CA ALA B 320 30.96 -18.97 -1.48
C ALA B 320 29.66 -19.68 -1.82
N CYS B 321 28.98 -19.25 -2.88
CA CYS B 321 27.74 -19.90 -3.28
C CYS B 321 27.99 -21.17 -4.10
N TYR B 322 29.15 -21.30 -4.73
CA TYR B 322 29.46 -22.53 -5.46
C TYR B 322 29.83 -23.67 -4.50
N THR B 323 30.62 -23.37 -3.46
CA THR B 323 31.32 -24.41 -2.71
C THR B 323 30.97 -24.48 -1.23
N ARG B 324 30.39 -23.44 -0.64
CA ARG B 324 30.11 -23.46 0.80
C ARG B 324 28.67 -23.05 1.10
N GLU B 325 27.74 -23.35 0.19
CA GLU B 325 26.32 -23.08 0.40
C GLU B 325 26.04 -21.60 0.64
N GLY B 326 26.85 -20.73 0.07
CA GLY B 326 26.66 -19.30 0.27
C GLY B 326 26.91 -18.83 1.69
N ARG B 327 27.71 -19.56 2.45
CA ARG B 327 28.00 -19.23 3.84
C ARG B 327 29.51 -19.05 4.00
N ALA B 328 29.87 -18.18 4.93
CA ALA B 328 31.28 -17.91 5.20
C ALA B 328 31.80 -18.91 6.23
N GLU B 329 33.12 -18.95 6.44
CA GLU B 329 33.74 -19.93 7.33
C GLU B 329 33.12 -19.87 8.72
N ASN B 330 32.80 -18.68 9.21
CA ASN B 330 32.14 -18.56 10.52
C ASN B 330 30.69 -19.04 10.47
N GLY B 331 30.24 -19.55 9.33
CA GLY B 331 28.86 -19.99 9.18
C GLY B 331 27.88 -18.90 8.81
N THR B 332 28.39 -17.69 8.58
CA THR B 332 27.51 -16.53 8.28
C THR B 332 27.11 -16.52 6.81
N LYS B 333 25.84 -16.27 6.53
CA LYS B 333 25.37 -16.15 5.15
C LYS B 333 25.97 -14.91 4.49
N VAL B 334 26.74 -15.12 3.43
CA VAL B 334 27.33 -14.01 2.69
C VAL B 334 26.81 -13.90 1.27
N ALA B 335 26.18 -14.94 0.73
CA ALA B 335 25.65 -14.92 -0.62
C ALA B 335 24.38 -15.75 -0.67
N ASP B 336 23.63 -15.61 -1.76
CA ASP B 336 22.39 -16.33 -1.93
C ASP B 336 22.00 -16.28 -3.40
N ILE B 337 20.97 -17.04 -3.75
CA ILE B 337 20.39 -16.97 -5.08
C ILE B 337 19.55 -15.71 -5.18
N ALA B 338 19.75 -14.95 -6.25
CA ALA B 338 19.09 -13.66 -6.41
C ALA B 338 17.66 -13.84 -6.90
N TYR B 339 16.81 -12.90 -6.50
CA TYR B 339 15.43 -12.81 -6.97
C TYR B 339 14.63 -14.05 -6.58
N ASP B 340 13.59 -14.35 -7.35
CA ASP B 340 12.65 -15.41 -6.99
C ASP B 340 12.93 -16.69 -7.74
N VAL B 341 14.17 -16.89 -8.16
CA VAL B 341 14.55 -18.13 -8.83
C VAL B 341 14.55 -19.25 -7.81
N LEU B 342 13.92 -20.37 -8.15
CA LEU B 342 13.92 -21.55 -7.29
C LEU B 342 15.19 -22.33 -7.58
N SER B 343 16.21 -22.05 -6.79
CA SER B 343 17.52 -22.68 -6.91
C SER B 343 18.21 -22.57 -5.56
N ASP B 344 19.46 -23.03 -5.49
CA ASP B 344 20.16 -23.03 -4.22
C ASP B 344 21.66 -22.97 -4.45
N CYS B 345 22.37 -22.40 -3.48
CA CYS B 345 23.81 -22.53 -3.43
C CYS B 345 24.17 -24.00 -3.19
N ALA B 346 25.44 -24.33 -3.38
CA ALA B 346 25.85 -25.72 -3.47
C ALA B 346 27.15 -25.96 -2.70
N GLN B 347 27.56 -27.23 -2.69
CA GLN B 347 28.85 -27.66 -2.17
C GLN B 347 29.59 -28.37 -3.31
N LEU B 348 29.89 -27.61 -4.35
CA LEU B 348 30.65 -28.11 -5.48
C LEU B 348 32.12 -28.20 -5.11
N PRO B 349 32.92 -28.93 -5.89
CA PRO B 349 34.36 -28.99 -5.61
C PRO B 349 34.98 -27.60 -5.58
N VAL B 350 36.06 -27.47 -4.79
CA VAL B 350 36.69 -26.18 -4.59
C VAL B 350 37.21 -25.59 -5.89
N ASP B 351 37.60 -26.44 -6.84
CA ASP B 351 38.16 -25.99 -8.11
C ASP B 351 37.12 -25.70 -9.18
N THR B 352 35.83 -25.67 -8.82
CA THR B 352 34.80 -25.34 -9.81
C THR B 352 34.93 -23.93 -10.37
N PRO B 353 35.21 -22.88 -9.58
CA PRO B 353 35.41 -21.55 -10.21
C PRO B 353 36.56 -21.52 -11.20
N ASP B 354 37.65 -22.23 -10.92
CA ASP B 354 38.76 -22.30 -11.86
C ASP B 354 38.32 -22.95 -13.18
N ALA B 355 37.63 -24.09 -13.08
CA ALA B 355 37.26 -24.82 -14.29
C ALA B 355 36.14 -24.14 -15.05
N PHE B 356 35.25 -23.43 -14.35
CA PHE B 356 34.08 -22.82 -14.96
C PHE B 356 33.91 -21.40 -14.42
N PRO B 357 34.72 -20.46 -14.91
CA PRO B 357 34.64 -19.08 -14.38
C PRO B 357 33.35 -18.37 -14.74
N CYS B 358 32.71 -18.75 -15.85
CA CYS B 358 31.43 -18.16 -16.23
C CYS B 358 30.27 -19.12 -15.99
N GLY B 359 30.47 -20.16 -15.20
CA GLY B 359 29.41 -21.05 -14.79
C GLY B 359 29.16 -22.20 -15.75
N SER B 360 28.26 -23.08 -15.33
CA SER B 360 27.80 -24.19 -16.15
C SER B 360 26.38 -24.52 -15.75
N ASP B 361 25.79 -25.53 -16.40
CA ASP B 361 24.44 -25.95 -16.05
C ASP B 361 24.38 -26.74 -14.75
N HIS B 362 25.51 -26.91 -14.07
CA HIS B 362 25.58 -27.58 -12.78
C HIS B 362 25.86 -26.60 -11.64
N THR B 363 25.87 -25.29 -11.92
CA THR B 363 26.26 -24.28 -10.95
C THR B 363 25.10 -23.36 -10.61
N PRO B 364 25.06 -22.84 -9.39
CA PRO B 364 23.97 -21.92 -9.02
C PRO B 364 24.10 -20.59 -9.75
N SER B 365 22.99 -20.15 -10.34
CA SER B 365 22.98 -18.98 -11.20
C SER B 365 21.93 -18.00 -10.67
N PRO B 366 21.79 -16.79 -11.26
CA PRO B 366 21.41 -15.62 -10.45
C PRO B 366 21.89 -15.64 -9.01
N MET B 367 23.03 -15.02 -8.76
CA MET B 367 23.64 -14.92 -7.45
C MET B 367 23.61 -13.47 -6.98
N VAL B 368 23.51 -13.29 -5.67
CA VAL B 368 23.55 -11.95 -5.08
C VAL B 368 24.38 -12.03 -3.81
N SER B 369 25.21 -11.01 -3.59
CA SER B 369 26.01 -10.91 -2.39
C SER B 369 25.22 -10.25 -1.28
N CYS B 370 25.25 -10.85 -0.09
CA CYS B 370 24.64 -10.25 1.07
C CYS B 370 25.53 -9.18 1.70
N VAL B 371 26.83 -9.21 1.44
CA VAL B 371 27.80 -8.27 1.98
C VAL B 371 27.94 -7.10 1.01
N PRO B 372 27.73 -5.87 1.46
CA PRO B 372 27.80 -4.72 0.56
C PRO B 372 29.21 -4.22 0.34
N LEU B 373 29.44 -3.64 -0.83
CA LEU B 373 30.66 -2.92 -1.11
C LEU B 373 30.51 -1.49 -0.61
N GLU B 374 31.48 -1.05 0.20
CA GLU B 374 31.35 0.20 0.94
C GLU B 374 32.48 1.15 0.55
N ALA B 375 32.16 2.45 0.52
CA ALA B 375 33.13 3.46 0.13
C ALA B 375 33.02 4.65 1.09
N THR B 376 34.05 5.49 1.05
CA THR B 376 34.08 6.70 1.86
C THR B 376 33.95 7.93 0.96
N PRO B 377 33.26 8.97 1.43
CA PRO B 377 33.00 10.13 0.56
C PRO B 377 34.26 10.95 0.35
N ILE B 378 34.58 11.21 -0.93
CA ILE B 378 35.69 12.10 -1.24
C ILE B 378 35.25 13.55 -1.33
N LEU B 379 33.95 13.83 -1.21
CA LEU B 379 33.43 15.18 -1.41
C LEU B 379 31.97 15.22 -0.98
N GLU B 380 31.56 16.34 -0.37
CA GLU B 380 30.18 16.56 0.04
C GLU B 380 29.70 17.90 -0.51
N LEU B 381 28.44 17.93 -0.93
CA LEU B 381 27.84 19.12 -1.53
C LEU B 381 26.50 19.40 -0.86
N PRO B 382 26.46 20.29 0.13
CA PRO B 382 25.18 20.59 0.79
C PRO B 382 24.20 21.27 -0.15
N GLY B 383 22.92 20.92 0.00
CA GLY B 383 21.85 21.56 -0.75
C GLY B 383 21.86 21.31 -2.24
N VAL B 384 22.55 20.28 -2.70
CA VAL B 384 22.71 19.99 -4.12
C VAL B 384 22.26 18.56 -4.37
N GLN B 385 21.52 18.36 -5.47
CA GLN B 385 21.07 17.04 -5.91
C GLN B 385 21.75 16.71 -7.23
N LEU B 386 22.77 15.85 -7.19
CA LEU B 386 23.56 15.51 -8.37
C LEU B 386 22.78 14.60 -9.31
N THR B 387 22.99 14.80 -10.62
CA THR B 387 22.34 13.98 -11.63
C THR B 387 23.27 13.47 -12.72
N ALA B 388 24.53 13.94 -12.79
CA ALA B 388 25.44 13.54 -13.84
C ALA B 388 26.87 13.67 -13.35
N VAL B 389 27.76 12.83 -13.91
CA VAL B 389 29.16 12.77 -13.48
C VAL B 389 30.04 12.54 -14.70
N ALA B 390 31.11 13.33 -14.80
CA ALA B 390 32.19 13.11 -15.77
C ALA B 390 33.51 13.43 -15.08
N VAL B 391 34.52 12.59 -15.34
CA VAL B 391 35.81 12.67 -14.64
C VAL B 391 36.93 12.54 -15.67
N THR B 392 37.96 13.37 -15.51
CA THR B 392 39.10 13.38 -16.42
C THR B 392 40.36 13.71 -15.63
N MET B 393 41.50 13.70 -16.32
CA MET B 393 42.80 13.93 -15.69
C MET B 393 43.61 14.92 -16.51
N GLU B 394 44.09 15.97 -15.85
CA GLU B 394 44.97 16.97 -16.44
C GLU B 394 46.30 16.91 -15.71
N ASP B 395 47.28 16.25 -16.32
CA ASP B 395 48.65 16.16 -15.78
C ASP B 395 48.66 15.54 -14.38
N GLY B 396 48.05 14.36 -14.26
CA GLY B 396 48.03 13.62 -13.01
C GLY B 396 47.01 14.08 -12.00
N HIS B 397 46.45 15.28 -12.14
CA HIS B 397 45.39 15.75 -11.27
C HIS B 397 44.04 15.26 -11.79
N THR B 398 43.14 14.95 -10.87
CA THR B 398 41.84 14.38 -11.20
C THR B 398 40.76 15.43 -10.98
N ILE B 399 39.99 15.70 -12.02
CA ILE B 399 38.95 16.74 -12.02
C ILE B 399 37.62 16.09 -12.37
N ALA B 400 36.57 16.42 -11.61
CA ALA B 400 35.23 15.93 -11.86
C ALA B 400 34.31 17.06 -12.28
N PHE B 401 33.46 16.78 -13.26
CA PHE B 401 32.41 17.70 -13.70
C PHE B 401 31.07 17.10 -13.30
N LEU B 402 30.31 17.83 -12.49
CA LEU B 402 29.09 17.31 -11.87
C LEU B 402 27.91 18.19 -12.23
N GLY B 403 26.86 17.59 -12.76
CA GLY B 403 25.60 18.27 -13.02
C GLY B 403 24.62 17.99 -11.90
N ASP B 404 23.73 18.95 -11.66
CA ASP B 404 22.72 18.81 -10.61
C ASP B 404 21.33 19.05 -11.20
N SER B 405 20.31 18.87 -10.35
CA SER B 405 18.91 18.93 -10.77
C SER B 405 18.41 20.35 -11.00
N GLN B 406 19.20 21.37 -10.67
CA GLN B 406 18.81 22.77 -10.88
C GLN B 406 19.45 23.38 -12.12
N GLY B 407 20.17 22.58 -12.91
CA GLY B 407 20.76 23.05 -14.14
C GLY B 407 22.17 23.58 -14.02
N GLN B 408 22.84 23.38 -12.90
CA GLN B 408 24.17 23.90 -12.69
C GLN B 408 25.22 22.85 -12.97
N LEU B 409 26.43 23.32 -13.30
CA LEU B 409 27.59 22.47 -13.58
C LEU B 409 28.70 22.83 -12.60
N HIS B 410 29.00 21.93 -11.68
CA HIS B 410 30.07 22.14 -10.72
C HIS B 410 31.36 21.50 -11.21
N ARG B 411 32.47 22.20 -11.01
CA ARG B 411 33.80 21.69 -11.31
C ARG B 411 34.56 21.52 -10.00
N VAL B 412 35.22 20.38 -9.83
CA VAL B 412 35.81 19.99 -8.56
C VAL B 412 37.18 19.37 -8.79
N TYR B 413 38.15 19.77 -7.99
CA TYR B 413 39.45 19.13 -7.93
C TYR B 413 39.42 18.03 -6.88
N LEU B 414 39.94 16.85 -7.22
CA LEU B 414 39.82 15.68 -6.35
C LEU B 414 41.16 15.20 -5.81
N GLY B 415 42.09 14.78 -6.67
CA GLY B 415 43.32 14.22 -6.17
C GLY B 415 44.55 14.78 -6.86
N PRO B 416 45.74 14.49 -6.30
CA PRO B 416 45.96 13.86 -4.98
C PRO B 416 45.64 14.68 -3.72
N GLY B 417 45.71 16.02 -3.74
CA GLY B 417 45.53 16.81 -2.54
C GLY B 417 44.17 17.47 -2.44
N ARG B 418 44.02 18.32 -1.42
CA ARG B 418 42.82 19.13 -1.20
C ARG B 418 41.55 18.31 -1.18
N SER B 419 41.13 17.85 -2.36
CA SER B 419 40.01 16.93 -2.58
C SER B 419 38.65 17.62 -2.46
N ALA B 420 38.40 18.32 -1.36
CA ALA B 420 37.16 19.07 -1.18
C ALA B 420 37.33 20.46 -1.79
N ALA B 421 37.46 20.49 -3.11
CA ALA B 421 37.81 21.69 -3.87
C ALA B 421 36.81 21.96 -4.99
N PRO B 422 35.54 22.29 -4.66
CA PRO B 422 34.64 22.83 -5.68
C PRO B 422 35.07 24.21 -6.11
N TYR B 423 35.74 24.33 -7.26
CA TYR B 423 36.38 25.59 -7.64
C TYR B 423 35.57 26.41 -8.63
N SER B 424 34.50 25.87 -9.21
CA SER B 424 33.75 26.62 -10.18
C SER B 424 32.31 26.11 -10.22
N LYS B 425 31.41 26.98 -10.64
CA LYS B 425 30.00 26.64 -10.76
C LYS B 425 29.35 27.61 -11.75
N GLN B 426 28.52 27.08 -12.65
CA GLN B 426 27.84 27.91 -13.63
C GLN B 426 26.45 27.33 -13.87
N SER B 427 25.57 28.17 -14.39
CA SER B 427 24.20 27.78 -14.71
C SER B 427 24.07 27.54 -16.21
N ILE B 428 23.51 26.39 -16.57
CA ILE B 428 23.25 26.07 -17.97
C ILE B 428 21.82 26.39 -18.36
N GLN B 429 20.87 26.09 -17.47
CA GLN B 429 19.44 26.34 -17.72
C GLN B 429 18.71 26.23 -16.39
N PRO B 430 18.05 27.29 -15.94
CA PRO B 430 17.51 27.32 -14.58
C PRO B 430 16.43 26.28 -14.36
N GLY B 431 16.58 25.51 -13.28
CA GLY B 431 15.59 24.54 -12.88
C GLY B 431 15.44 23.34 -13.79
N SER B 432 16.44 23.05 -14.61
CA SER B 432 16.36 21.98 -15.60
C SER B 432 17.48 20.97 -15.35
N PRO B 433 17.17 19.73 -15.00
CA PRO B 433 18.23 18.78 -14.62
C PRO B 433 19.24 18.55 -15.73
N VAL B 434 20.50 18.36 -15.33
CA VAL B 434 21.58 18.07 -16.26
C VAL B 434 21.53 16.60 -16.65
N ASN B 435 21.72 16.33 -17.94
CA ASN B 435 21.61 14.99 -18.48
C ASN B 435 22.83 14.16 -18.11
N ARG B 436 22.61 12.87 -17.85
CA ARG B 436 23.72 11.95 -17.46
C ARG B 436 24.75 11.79 -18.57
N ASP B 437 24.38 12.03 -19.83
CA ASP B 437 25.29 11.78 -20.95
C ASP B 437 26.31 12.92 -21.11
N LEU B 438 27.09 13.17 -20.06
CA LEU B 438 28.19 14.17 -20.15
C LEU B 438 29.29 13.55 -20.98
N THR B 439 29.58 14.12 -22.14
CA THR B 439 30.59 13.54 -23.07
C THR B 439 31.70 14.54 -23.38
N PHE B 440 32.94 14.05 -23.44
CA PHE B 440 34.09 14.90 -23.81
C PHE B 440 34.39 14.77 -25.29
N ASP B 441 34.93 15.83 -25.89
CA ASP B 441 35.36 15.73 -27.27
C ASP B 441 36.63 14.89 -27.36
N GLY B 442 37.12 14.70 -28.59
CA GLY B 442 38.23 13.78 -28.79
C GLY B 442 39.51 14.18 -28.07
N THR B 443 39.72 15.49 -27.90
CA THR B 443 40.93 16.00 -27.28
C THR B 443 40.68 16.50 -25.86
N PHE B 444 39.55 16.11 -25.26
CA PHE B 444 39.19 16.44 -23.88
C PHE B 444 39.39 17.92 -23.57
N GLU B 445 39.14 18.77 -24.57
CA GLU B 445 39.19 20.20 -24.40
C GLU B 445 37.82 20.81 -24.14
N HIS B 446 36.75 20.08 -24.45
CA HIS B 446 35.39 20.56 -24.24
C HIS B 446 34.53 19.45 -23.66
N LEU B 447 33.49 19.86 -22.93
CA LEU B 447 32.51 18.94 -22.37
C LEU B 447 31.15 19.29 -22.96
N TYR B 448 30.54 18.32 -23.65
CA TYR B 448 29.18 18.48 -24.13
C TYR B 448 28.22 18.28 -22.96
N VAL B 449 27.44 19.31 -22.65
CA VAL B 449 26.54 19.32 -21.50
C VAL B 449 25.14 19.62 -21.98
N ALA B 450 24.18 18.81 -21.55
CA ALA B 450 22.79 18.96 -21.98
C ALA B 450 21.88 19.01 -20.77
N THR B 451 20.93 19.94 -20.79
CA THR B 451 19.80 19.94 -19.89
C THR B 451 18.59 19.42 -20.67
N GLN B 452 17.38 19.80 -20.25
CA GLN B 452 16.18 19.24 -20.88
C GLN B 452 16.05 19.71 -22.32
N THR B 453 16.28 21.00 -22.59
CA THR B 453 16.00 21.57 -23.90
C THR B 453 17.22 22.25 -24.53
N THR B 454 18.42 22.06 -23.97
CA THR B 454 19.59 22.80 -24.38
C THR B 454 20.82 21.89 -24.38
N LEU B 455 21.68 22.04 -25.39
CA LEU B 455 22.95 21.33 -25.46
C LEU B 455 24.06 22.33 -25.69
N VAL B 456 25.07 22.30 -24.82
CA VAL B 456 26.11 23.33 -24.78
C VAL B 456 27.48 22.65 -24.84
N LYS B 457 28.42 23.31 -25.50
CA LYS B 457 29.80 22.84 -25.64
C LYS B 457 30.69 23.69 -24.73
N VAL B 458 30.94 23.19 -23.51
CA VAL B 458 31.65 23.94 -22.47
C VAL B 458 33.15 23.71 -22.59
N PRO B 459 33.98 24.75 -22.48
CA PRO B 459 35.44 24.54 -22.46
C PRO B 459 35.91 24.11 -21.09
N VAL B 460 36.79 23.11 -21.05
CA VAL B 460 37.27 22.61 -19.77
C VAL B 460 38.27 23.58 -19.14
N ALA B 461 39.02 24.32 -19.96
CA ALA B 461 40.08 25.22 -19.47
C ALA B 461 39.81 26.64 -19.95
N PRO B 462 39.03 27.42 -19.21
CA PRO B 462 38.79 28.82 -19.58
C PRO B 462 39.90 29.75 -19.08
N CYS B 463 41.11 29.52 -19.58
CA CYS B 463 42.29 30.20 -19.06
C CYS B 463 42.50 31.57 -19.71
N ALA B 464 42.44 31.64 -21.04
CA ALA B 464 42.75 32.86 -21.76
C ALA B 464 41.84 34.04 -21.39
N GLN B 465 40.78 33.78 -20.62
CA GLN B 465 39.93 34.87 -20.16
C GLN B 465 40.68 35.83 -19.24
N HIS B 466 41.72 35.34 -18.57
CA HIS B 466 42.46 36.11 -17.58
C HIS B 466 43.68 36.72 -18.23
N LEU B 467 43.88 38.03 -18.02
CA LEU B 467 44.84 38.81 -18.77
C LEU B 467 46.15 39.06 -18.02
N ASP B 468 46.08 39.47 -16.76
CA ASP B 468 47.27 39.69 -15.97
C ASP B 468 47.51 38.54 -15.00
N CYS B 469 48.72 38.47 -14.47
CA CYS B 469 49.07 37.41 -13.53
C CYS B 469 48.17 37.46 -12.29
N ASP B 470 47.95 38.67 -11.75
CA ASP B 470 47.10 38.83 -10.58
C ASP B 470 45.68 38.35 -10.86
N SER B 471 45.19 38.51 -12.10
CA SER B 471 43.86 38.01 -12.45
C SER B 471 43.89 36.50 -12.64
N CYS B 472 44.93 35.98 -13.30
CA CYS B 472 45.04 34.54 -13.51
C CYS B 472 45.11 33.77 -12.21
N LEU B 473 45.69 34.38 -11.17
CA LEU B 473 45.83 33.72 -9.88
C LEU B 473 44.69 34.01 -8.92
N ALA B 474 43.88 35.05 -9.18
CA ALA B 474 42.75 35.34 -8.31
C ALA B 474 41.65 34.30 -8.46
N HIS B 475 41.53 33.73 -9.65
CA HIS B 475 40.49 32.75 -9.98
C HIS B 475 41.18 31.39 -10.17
N ARG B 476 41.22 30.62 -9.08
CA ARG B 476 41.99 29.39 -9.05
C ARG B 476 41.30 28.29 -9.85
N ASP B 477 42.08 27.59 -10.67
CA ASP B 477 41.54 26.58 -11.58
C ASP B 477 42.67 25.59 -11.87
N PRO B 478 42.47 24.30 -11.62
CA PRO B 478 43.56 23.32 -11.82
C PRO B 478 44.10 23.27 -13.24
N TYR B 479 43.32 23.66 -14.24
CA TYR B 479 43.82 23.70 -15.60
C TYR B 479 44.70 24.90 -15.88
N CYS B 480 44.55 25.98 -15.13
CA CYS B 480 45.06 27.29 -15.50
C CYS B 480 46.28 27.68 -14.67
N GLY B 481 47.15 28.47 -15.28
CA GLY B 481 48.34 28.97 -14.61
C GLY B 481 49.02 30.01 -15.47
N TRP B 482 49.83 30.84 -14.80
CA TRP B 482 50.45 31.99 -15.45
C TRP B 482 51.77 31.59 -16.08
N CYS B 483 51.85 31.71 -17.39
CA CYS B 483 53.12 31.63 -18.10
C CYS B 483 53.82 32.99 -18.07
N VAL B 484 55.15 32.96 -18.01
CA VAL B 484 55.93 34.17 -18.13
C VAL B 484 56.70 34.23 -19.45
N LEU B 485 57.06 33.08 -20.03
CA LEU B 485 57.60 33.05 -21.38
C LEU B 485 56.68 33.78 -22.34
N LEU B 486 55.38 33.50 -22.25
CA LEU B 486 54.35 34.23 -22.95
C LEU B 486 53.48 34.93 -21.91
N GLY B 487 52.76 35.97 -22.35
CA GLY B 487 51.92 36.72 -21.46
C GLY B 487 50.60 36.06 -21.12
N ARG B 488 50.53 34.74 -21.27
CA ARG B 488 49.28 34.01 -21.22
C ARG B 488 49.11 33.27 -19.89
N CYS B 489 47.91 33.39 -19.32
CA CYS B 489 47.38 32.36 -18.44
C CYS B 489 46.91 31.20 -19.31
N SER B 490 47.50 30.02 -19.12
CA SER B 490 47.27 28.91 -20.04
C SER B 490 47.33 27.59 -19.28
N ARG B 491 47.05 26.50 -20.00
CA ARG B 491 47.26 25.15 -19.48
C ARG B 491 48.76 24.92 -19.26
N ARG B 492 49.07 23.88 -18.50
CA ARG B 492 50.47 23.56 -18.24
C ARG B 492 51.18 23.11 -19.52
N SER B 493 50.53 22.25 -20.31
CA SER B 493 51.14 21.72 -21.52
C SER B 493 51.10 22.70 -22.69
N GLU B 494 51.33 23.99 -22.42
CA GLU B 494 51.66 24.94 -23.49
C GLU B 494 52.86 25.81 -23.09
N CYS B 495 53.54 25.48 -22.00
CA CYS B 495 54.76 26.17 -21.60
C CYS B 495 55.83 25.16 -21.20
N GLN B 503 58.17 26.89 -18.06
CA GLN B 503 57.93 27.42 -16.72
C GLN B 503 56.50 27.95 -16.59
N TRP B 504 55.84 27.58 -15.50
CA TRP B 504 54.39 27.73 -15.40
C TRP B 504 54.01 27.85 -13.94
N LEU B 505 53.35 28.96 -13.58
CA LEU B 505 52.93 29.22 -12.21
C LEU B 505 51.49 28.75 -12.05
N TRP B 506 51.30 27.68 -11.29
CA TRP B 506 49.98 27.07 -11.14
C TRP B 506 49.04 27.98 -10.36
N SER B 507 47.81 28.11 -10.86
CA SER B 507 46.84 28.96 -10.17
C SER B 507 46.32 28.32 -8.90
N PHE B 508 46.31 26.99 -8.82
CA PHE B 508 45.69 26.31 -7.69
C PHE B 508 46.58 26.36 -6.45
N GLN B 509 47.79 25.81 -6.53
CA GLN B 509 48.77 25.92 -5.46
C GLN B 509 49.98 26.54 -6.15
N PRO B 510 50.10 27.87 -6.12
CA PRO B 510 51.20 28.53 -6.84
C PRO B 510 52.53 28.26 -6.17
N GLU B 511 53.54 28.06 -7.01
CA GLU B 511 54.89 27.76 -6.54
C GLU B 511 55.70 29.01 -6.22
N LEU B 512 55.21 30.19 -6.56
CA LEU B 512 55.92 31.44 -6.30
C LEU B 512 54.95 32.57 -6.02
N GLY B 513 55.18 33.74 -6.62
CA GLY B 513 54.33 34.89 -6.38
C GLY B 513 54.05 35.69 -7.63
N CYS B 514 53.88 37.00 -7.49
CA CYS B 514 53.63 37.91 -8.59
C CYS B 514 54.60 39.10 -8.48
N LEU B 515 54.55 39.97 -9.48
CA LEU B 515 55.50 41.12 -9.52
C LEU B 515 54.67 42.40 -9.39
N VAL C 2 4.51 8.87 -12.68
CA VAL C 2 4.17 10.02 -13.50
C VAL C 2 2.68 10.00 -13.79
N GLN C 3 2.00 11.11 -13.49
CA GLN C 3 0.55 11.14 -13.49
C GLN C 3 0.04 12.55 -13.76
N LEU C 4 -1.04 12.63 -14.53
CA LEU C 4 -1.84 13.86 -14.67
C LEU C 4 -3.27 13.53 -14.26
N GLN C 5 -3.86 14.37 -13.43
CA GLN C 5 -5.18 14.12 -12.87
C GLN C 5 -6.06 15.35 -13.06
N GLU C 6 -7.08 15.21 -13.89
CA GLU C 6 -8.07 16.26 -14.07
C GLU C 6 -9.17 16.15 -13.02
N SER C 7 -9.77 17.30 -12.71
CA SER C 7 -10.84 17.35 -11.72
C SER C 7 -11.66 18.60 -11.96
N GLY C 8 -12.90 18.58 -11.47
CA GLY C 8 -13.77 19.72 -11.55
C GLY C 8 -14.92 19.60 -12.52
N GLY C 9 -15.10 18.45 -13.15
CA GLY C 9 -16.22 18.25 -14.04
C GLY C 9 -17.56 18.32 -13.33
N GLY C 10 -18.62 18.32 -14.11
CA GLY C 10 -19.95 18.41 -13.54
C GLY C 10 -21.02 18.51 -14.62
N LEU C 11 -22.23 18.89 -14.16
CA LEU C 11 -23.39 19.01 -15.08
C LEU C 11 -24.01 20.40 -14.93
N VAL C 12 -23.80 21.24 -15.95
CA VAL C 12 -24.33 22.60 -15.95
C VAL C 12 -25.31 22.75 -17.11
N GLN C 13 -26.10 23.81 -17.07
CA GLN C 13 -27.02 24.10 -18.15
C GLN C 13 -26.49 25.24 -19.01
N PRO C 14 -26.95 25.35 -20.27
CA PRO C 14 -26.34 26.32 -21.20
C PRO C 14 -26.22 27.72 -20.60
N GLY C 15 -25.10 28.38 -20.92
CA GLY C 15 -24.75 29.64 -20.33
C GLY C 15 -23.95 29.53 -19.04
N GLY C 16 -23.79 28.32 -18.50
CA GLY C 16 -23.06 28.13 -17.26
C GLY C 16 -21.56 28.24 -17.44
N SER C 17 -20.87 28.27 -16.30
CA SER C 17 -19.42 28.33 -16.24
C SER C 17 -18.88 27.13 -15.47
N LEU C 18 -17.60 26.84 -15.68
CA LEU C 18 -16.95 25.71 -15.03
C LEU C 18 -15.45 25.89 -15.11
N ARG C 19 -14.75 25.40 -14.09
CA ARG C 19 -13.29 25.52 -14.00
C ARG C 19 -12.70 24.15 -13.74
N LEU C 20 -11.93 23.64 -14.69
CA LEU C 20 -11.25 22.36 -14.55
C LEU C 20 -9.80 22.59 -14.13
N SER C 21 -9.24 21.62 -13.42
CA SER C 21 -7.84 21.63 -13.04
C SER C 21 -7.16 20.38 -13.55
N CYS C 22 -5.84 20.45 -13.71
CA CYS C 22 -5.03 19.30 -14.09
C CYS C 22 -3.77 19.33 -13.26
N ALA C 23 -3.62 18.37 -12.35
CA ALA C 23 -2.51 18.31 -11.43
C ALA C 23 -1.54 17.23 -11.86
N ALA C 24 -0.25 17.56 -11.89
CA ALA C 24 0.79 16.64 -12.32
C ALA C 24 1.53 16.07 -11.13
N SER C 25 1.93 14.81 -11.24
CA SER C 25 2.71 14.13 -10.21
C SER C 25 3.78 13.28 -10.88
N GLY C 26 4.92 13.19 -10.22
CA GLY C 26 6.02 12.39 -10.71
C GLY C 26 6.96 13.08 -11.68
N PHE C 27 6.65 14.32 -12.07
CA PHE C 27 7.51 15.10 -12.94
C PHE C 27 7.10 16.56 -12.82
N ARG C 28 7.96 17.44 -13.35
CA ARG C 28 7.70 18.87 -13.31
C ARG C 28 7.20 19.34 -14.67
N LEU C 29 6.11 20.11 -14.66
CA LEU C 29 5.52 20.65 -15.88
C LEU C 29 6.27 21.86 -16.43
N ASP C 30 7.36 22.26 -15.80
CA ASP C 30 7.97 23.56 -16.08
C ASP C 30 8.35 23.71 -17.55
N TYR C 31 8.97 22.69 -18.14
CA TYR C 31 9.44 22.75 -19.51
C TYR C 31 8.58 21.93 -20.46
N TYR C 32 7.29 21.82 -20.16
CA TYR C 32 6.33 21.10 -20.98
C TYR C 32 5.26 22.05 -21.49
N ALA C 33 4.79 21.80 -22.71
CA ALA C 33 3.55 22.41 -23.18
C ALA C 33 2.37 21.58 -22.72
N ILE C 34 1.26 22.25 -22.44
CA ILE C 34 0.07 21.59 -21.90
C ILE C 34 -1.10 21.91 -22.81
N GLY C 35 -1.87 20.88 -23.15
CA GLY C 35 -3.08 21.07 -23.94
C GLY C 35 -4.27 20.39 -23.27
N TRP C 36 -5.45 20.93 -23.58
CA TRP C 36 -6.72 20.33 -23.16
C TRP C 36 -7.40 19.75 -24.39
N PHE C 37 -7.91 18.52 -24.26
CA PHE C 37 -8.60 17.83 -25.33
C PHE C 37 -9.97 17.40 -24.84
N ARG C 38 -10.85 17.05 -25.78
CA ARG C 38 -12.15 16.54 -25.42
C ARG C 38 -12.57 15.49 -26.43
N GLN C 39 -13.33 14.49 -25.94
CA GLN C 39 -13.86 13.43 -26.78
C GLN C 39 -15.31 13.21 -26.40
N ALA C 40 -16.22 13.48 -27.33
CA ALA C 40 -17.63 13.21 -27.12
C ALA C 40 -17.94 11.75 -27.44
N PRO C 41 -19.01 11.19 -26.85
CA PRO C 41 -19.39 9.80 -27.18
C PRO C 41 -19.69 9.65 -28.66
N GLY C 42 -18.94 8.77 -29.32
CA GLY C 42 -19.14 8.46 -30.72
C GLY C 42 -18.23 9.20 -31.68
N LYS C 43 -17.53 10.24 -31.22
CA LYS C 43 -16.70 11.07 -32.08
C LYS C 43 -15.24 10.96 -31.66
N GLU C 44 -14.41 11.57 -32.47
CA GLU C 44 -12.95 11.48 -32.21
C GLU C 44 -12.50 12.60 -31.27
N ARG C 45 -11.39 12.36 -30.60
CA ARG C 45 -10.80 13.36 -29.72
C ARG C 45 -10.32 14.56 -30.53
N GLU C 46 -10.37 15.73 -29.92
CA GLU C 46 -9.97 16.95 -30.60
C GLU C 46 -9.34 17.91 -29.61
N GLY C 47 -8.40 18.71 -30.11
CA GLY C 47 -7.78 19.73 -29.27
C GLY C 47 -8.75 20.86 -28.98
N VAL C 48 -8.70 21.33 -27.74
CA VAL C 48 -9.52 22.44 -27.28
C VAL C 48 -8.67 23.69 -27.06
N LEU C 49 -7.59 23.56 -26.32
CA LEU C 49 -6.75 24.68 -25.93
C LEU C 49 -5.35 24.18 -25.67
N CYS C 50 -4.38 25.08 -25.80
CA CYS C 50 -2.98 24.68 -25.71
C CYS C 50 -2.15 25.87 -25.26
N ILE C 51 -1.15 25.61 -24.42
CA ILE C 51 -0.29 26.65 -23.87
C ILE C 51 1.15 26.17 -23.91
N SER C 52 2.07 27.08 -24.20
CA SER C 52 3.49 26.77 -24.22
C SER C 52 4.05 26.76 -22.80
N SER C 53 5.31 26.33 -22.68
CA SER C 53 5.92 26.19 -21.36
C SER C 53 6.04 27.53 -20.65
N SER C 54 6.34 28.59 -21.39
CA SER C 54 6.47 29.92 -20.80
C SER C 54 5.12 30.56 -20.49
N GLY C 55 4.04 30.07 -21.10
CA GLY C 55 2.74 30.67 -20.96
C GLY C 55 2.50 31.86 -21.87
N GLY C 56 3.49 32.24 -22.68
CA GLY C 56 3.36 33.39 -23.56
C GLY C 56 2.69 33.11 -24.88
N SER C 57 2.47 31.84 -25.22
CA SER C 57 1.81 31.47 -26.46
C SER C 57 0.62 30.58 -26.15
N ILE C 58 -0.53 30.90 -26.73
CA ILE C 58 -1.77 30.19 -26.49
C ILE C 58 -2.50 30.02 -27.82
N ASN C 59 -3.05 28.82 -28.05
CA ASN C 59 -3.81 28.53 -29.25
C ASN C 59 -5.17 27.96 -28.88
N TYR C 60 -6.19 28.34 -29.66
CA TYR C 60 -7.56 27.96 -29.40
C TYR C 60 -8.13 27.21 -30.59
N ALA C 61 -9.02 26.26 -30.32
CA ALA C 61 -9.88 25.73 -31.36
C ALA C 61 -10.93 26.77 -31.71
N ASP C 62 -11.41 26.72 -32.95
CA ASP C 62 -12.35 27.74 -33.42
C ASP C 62 -13.62 27.76 -32.58
N SER C 63 -14.14 26.57 -32.24
CA SER C 63 -15.43 26.46 -31.57
C SER C 63 -15.45 27.04 -30.16
N VAL C 64 -14.30 27.41 -29.60
CA VAL C 64 -14.21 27.85 -28.21
C VAL C 64 -13.62 29.24 -28.06
N LYS C 65 -13.20 29.89 -29.15
CA LYS C 65 -12.60 31.21 -29.05
C LYS C 65 -13.57 32.19 -28.40
N GLY C 66 -13.07 32.94 -27.42
CA GLY C 66 -13.87 33.90 -26.70
C GLY C 66 -14.57 33.36 -25.47
N ARG C 67 -14.67 32.04 -25.33
CA ARG C 67 -15.39 31.41 -24.24
C ARG C 67 -14.48 30.72 -23.23
N PHE C 68 -13.56 29.88 -23.69
CA PHE C 68 -12.62 29.16 -22.83
C PHE C 68 -11.31 29.92 -22.74
N THR C 69 -10.69 29.86 -21.56
CA THR C 69 -9.35 30.41 -21.34
C THR C 69 -8.51 29.39 -20.57
N ILE C 70 -7.20 29.50 -20.74
CA ILE C 70 -6.26 28.56 -20.13
C ILE C 70 -5.18 29.35 -19.39
N SER C 71 -4.71 28.79 -18.28
CA SER C 71 -3.65 29.40 -17.49
C SER C 71 -2.90 28.29 -16.76
N ARG C 72 -1.62 28.56 -16.49
CA ARG C 72 -0.75 27.56 -15.87
C ARG C 72 -0.02 28.15 -14.68
N ASP C 73 0.34 27.27 -13.74
CA ASP C 73 1.00 27.66 -12.48
C ASP C 73 2.11 26.64 -12.23
N ASN C 74 3.32 26.95 -12.73
CA ASN C 74 4.42 26.00 -12.70
C ASN C 74 4.83 25.61 -11.29
N ALA C 75 4.49 26.42 -10.29
CA ALA C 75 4.90 26.11 -8.92
C ALA C 75 3.95 25.13 -8.26
N LYS C 76 2.66 25.20 -8.57
CA LYS C 76 1.70 24.24 -8.07
C LYS C 76 1.57 23.01 -8.97
N ASN C 77 2.35 22.97 -10.06
CA ASN C 77 2.31 21.85 -11.01
C ASN C 77 0.90 21.62 -11.53
N THR C 78 0.17 22.72 -11.76
CA THR C 78 -1.25 22.65 -12.11
C THR C 78 -1.54 23.57 -13.29
N VAL C 79 -2.53 23.16 -14.09
CA VAL C 79 -3.02 23.93 -15.22
C VAL C 79 -4.54 23.99 -15.11
N TYR C 80 -5.12 25.15 -15.44
CA TYR C 80 -6.55 25.37 -15.30
C TYR C 80 -7.17 25.70 -16.65
N LEU C 81 -8.42 25.28 -16.82
CA LEU C 81 -9.20 25.55 -18.02
C LEU C 81 -10.51 26.21 -17.59
N GLN C 82 -10.64 27.51 -17.85
CA GLN C 82 -11.83 28.26 -17.50
C GLN C 82 -12.81 28.20 -18.66
N MET C 83 -13.95 27.54 -18.45
CA MET C 83 -14.95 27.31 -19.49
C MET C 83 -16.17 28.19 -19.21
N ASN C 84 -16.45 29.13 -20.11
CA ASN C 84 -17.57 30.04 -19.99
C ASN C 84 -18.53 29.89 -21.16
N SER C 85 -19.77 30.35 -20.94
CA SER C 85 -20.82 30.34 -21.97
C SER C 85 -20.97 28.95 -22.60
N LEU C 86 -21.09 27.95 -21.73
CA LEU C 86 -21.11 26.57 -22.20
C LEU C 86 -22.38 26.28 -22.98
N LYS C 87 -22.27 25.32 -23.90
CA LYS C 87 -23.33 24.97 -24.83
C LYS C 87 -23.46 23.46 -24.87
N PRO C 88 -24.61 22.94 -25.30
CA PRO C 88 -24.76 21.48 -25.39
C PRO C 88 -23.69 20.80 -26.25
N GLU C 89 -23.16 21.50 -27.26
CA GLU C 89 -22.10 20.94 -28.08
C GLU C 89 -20.80 20.72 -27.32
N ASP C 90 -20.66 21.27 -26.11
CA ASP C 90 -19.46 21.13 -25.32
C ASP C 90 -19.44 19.87 -24.45
N THR C 91 -20.49 19.05 -24.52
CA THR C 91 -20.56 17.86 -23.67
C THR C 91 -19.55 16.82 -24.15
N ALA C 92 -18.63 16.45 -23.26
CA ALA C 92 -17.60 15.46 -23.57
C ALA C 92 -16.81 15.18 -22.30
N VAL C 93 -15.93 14.19 -22.37
CA VAL C 93 -14.90 13.98 -21.36
C VAL C 93 -13.70 14.84 -21.74
N TYR C 94 -13.23 15.65 -20.79
CA TYR C 94 -12.15 16.58 -21.05
C TYR C 94 -10.84 16.03 -20.50
N TYR C 95 -9.84 15.95 -21.37
CA TYR C 95 -8.53 15.40 -21.04
C TYR C 95 -7.48 16.50 -21.05
N CYS C 96 -6.45 16.22 -20.15
CA CYS C 96 -5.28 17.14 -20.10
C CYS C 96 -4.03 16.34 -20.45
N GLY C 97 -3.10 16.99 -21.24
CA GLY C 97 -1.90 16.30 -21.65
C GLY C 97 -0.69 17.20 -21.63
N ALA C 98 0.48 16.56 -21.54
CA ALA C 98 1.76 17.25 -21.52
C ALA C 98 2.62 16.77 -22.67
N SER C 99 3.40 17.69 -23.24
CA SER C 99 4.20 17.42 -24.42
C SER C 99 5.62 17.96 -24.23
N SER C 100 6.61 17.16 -24.61
CA SER C 100 8.01 17.58 -24.60
C SER C 100 8.49 17.94 -26.01
N TYR C 101 7.58 18.43 -26.86
CA TYR C 101 7.82 18.61 -28.28
C TYR C 101 7.47 20.03 -28.66
N ASN C 102 8.47 20.79 -29.11
CA ASN C 102 8.29 22.20 -29.49
C ASN C 102 7.58 22.98 -28.38
N THR C 103 8.05 22.79 -27.14
CA THR C 103 7.39 23.34 -25.97
C THR C 103 7.43 24.85 -25.91
N GLN C 104 8.32 25.49 -26.67
CA GLN C 104 8.30 26.95 -26.77
C GLN C 104 7.15 27.46 -27.65
N ARG C 105 6.47 26.54 -28.31
CA ARG C 105 5.30 26.91 -29.14
C ARG C 105 4.05 26.28 -28.56
N ALA C 106 2.89 26.71 -29.05
CA ALA C 106 1.61 26.17 -28.59
C ALA C 106 0.98 25.29 -29.67
N GLU C 107 1.69 24.21 -30.01
CA GLU C 107 1.24 23.29 -31.06
C GLU C 107 0.36 22.19 -30.49
N CYS C 108 0.90 21.41 -29.54
CA CYS C 108 0.15 20.36 -28.85
C CYS C 108 -0.36 19.27 -29.78
N TYR C 109 0.36 18.99 -30.87
CA TYR C 109 -0.03 17.89 -31.78
C TYR C 109 0.25 16.56 -31.09
N GLY C 110 1.52 16.18 -30.95
CA GLY C 110 1.84 14.99 -30.21
C GLY C 110 1.83 15.21 -28.70
N MET C 111 1.68 14.12 -27.96
CA MET C 111 1.58 14.19 -26.50
C MET C 111 2.43 13.12 -25.85
N ASP C 112 3.01 13.47 -24.70
CA ASP C 112 3.82 12.55 -23.91
C ASP C 112 2.99 11.79 -22.88
N TYR C 113 2.18 12.52 -22.11
CA TYR C 113 1.37 11.94 -21.04
C TYR C 113 -0.05 12.49 -21.13
N TRP C 114 -1.02 11.67 -20.75
CA TRP C 114 -2.42 12.06 -20.67
C TRP C 114 -2.93 11.84 -19.26
N GLY C 115 -4.10 12.40 -18.98
CA GLY C 115 -4.86 12.08 -17.79
C GLY C 115 -6.05 11.18 -18.15
N LYS C 116 -6.73 10.71 -17.11
CA LYS C 116 -7.87 9.83 -17.32
C LYS C 116 -9.14 10.60 -17.69
N GLY C 117 -9.17 11.91 -17.47
CA GLY C 117 -10.25 12.75 -17.95
C GLY C 117 -11.29 13.05 -16.88
N THR C 118 -12.21 13.94 -17.24
CA THR C 118 -13.33 14.31 -16.38
C THR C 118 -14.51 14.67 -17.28
N GLN C 119 -15.70 14.24 -16.87
CA GLN C 119 -16.89 14.40 -17.69
C GLN C 119 -17.54 15.77 -17.47
N VAL C 120 -17.93 16.42 -18.56
CA VAL C 120 -18.63 17.69 -18.53
C VAL C 120 -19.88 17.54 -19.38
N THR C 121 -21.05 17.79 -18.77
CA THR C 121 -22.33 17.66 -19.45
C THR C 121 -23.08 18.98 -19.42
N VAL C 122 -23.59 19.40 -20.57
CA VAL C 122 -24.42 20.59 -20.70
C VAL C 122 -25.80 20.16 -21.18
N SER C 123 -26.82 20.39 -20.35
CA SER C 123 -28.20 19.92 -20.56
C SER C 123 -28.64 19.89 -22.02
N GLN D 1 -8.01 17.28 -4.86
CA GLN D 1 -8.15 17.23 -3.40
C GLN D 1 -9.59 16.92 -3.00
N VAL D 2 -9.80 15.74 -2.43
CA VAL D 2 -11.13 15.27 -2.05
C VAL D 2 -11.30 15.53 -0.56
N GLN D 3 -12.03 16.60 -0.23
CA GLN D 3 -12.41 16.96 1.13
C GLN D 3 -13.38 18.15 1.07
N LEU D 4 -14.48 18.08 1.82
CA LEU D 4 -15.55 19.05 1.68
C LEU D 4 -15.34 20.25 2.59
N GLN D 5 -15.87 21.40 2.17
CA GLN D 5 -15.79 22.65 2.92
C GLN D 5 -17.18 23.08 3.34
N GLU D 6 -17.31 23.45 4.61
CA GLU D 6 -18.55 23.99 5.16
C GLU D 6 -18.49 25.52 5.16
N SER D 7 -19.66 26.15 5.02
CA SER D 7 -19.76 27.60 5.00
C SER D 7 -21.21 28.00 5.16
N GLY D 8 -21.42 29.19 5.75
CA GLY D 8 -22.76 29.73 5.94
C GLY D 8 -22.92 30.49 7.24
N SER D 17 -34.09 30.94 6.86
CA SER D 17 -33.44 32.03 7.60
C SER D 17 -31.91 31.92 7.48
N LEU D 18 -31.43 30.78 7.01
CA LEU D 18 -30.00 30.59 6.78
C LEU D 18 -29.79 29.42 5.84
N ARG D 19 -28.85 29.59 4.90
CA ARG D 19 -28.50 28.56 3.93
C ARG D 19 -27.05 28.14 4.17
N LEU D 20 -26.83 26.84 4.33
CA LEU D 20 -25.51 26.29 4.59
C LEU D 20 -24.98 25.60 3.33
N SER D 21 -23.66 25.59 3.19
CA SER D 21 -23.00 25.16 1.95
C SER D 21 -21.96 24.09 2.25
N CYS D 22 -22.14 22.92 1.68
CA CYS D 22 -21.16 21.83 1.72
C CYS D 22 -20.63 21.66 0.30
N ALA D 23 -19.48 22.24 0.02
CA ALA D 23 -18.96 22.36 -1.34
C ALA D 23 -17.69 21.55 -1.52
N ALA D 24 -17.57 20.93 -2.69
CA ALA D 24 -16.35 20.23 -3.05
C ALA D 24 -15.23 21.22 -3.35
N SER D 25 -14.00 20.82 -3.03
CA SER D 25 -12.83 21.65 -3.29
C SER D 25 -12.33 21.43 -4.72
N GLY D 26 -13.22 21.70 -5.67
CA GLY D 26 -12.87 21.59 -7.08
C GLY D 26 -12.96 20.20 -7.66
N PHE D 27 -13.70 19.29 -7.02
CA PHE D 27 -13.92 17.96 -7.56
C PHE D 27 -15.41 17.73 -7.78
N THR D 28 -15.72 16.60 -8.40
CA THR D 28 -17.10 16.24 -8.73
C THR D 28 -17.68 15.39 -7.60
N LEU D 29 -18.89 15.73 -7.17
CA LEU D 29 -19.58 14.94 -6.17
C LEU D 29 -19.92 13.56 -6.73
N GLY D 30 -19.65 12.52 -5.95
CA GLY D 30 -19.81 11.15 -6.40
C GLY D 30 -21.17 10.58 -6.10
N TYR D 31 -21.24 9.24 -6.08
CA TYR D 31 -22.52 8.53 -5.87
C TYR D 31 -22.80 8.33 -4.37
N TYR D 32 -21.96 8.92 -3.53
CA TYR D 32 -22.12 8.78 -2.08
C TYR D 32 -23.22 9.72 -1.55
N ALA D 33 -23.87 9.28 -0.48
CA ALA D 33 -24.89 10.13 0.17
C ALA D 33 -24.18 11.12 1.08
N ILE D 34 -24.72 12.33 1.17
CA ILE D 34 -24.11 13.39 1.95
C ILE D 34 -25.07 13.80 3.06
N GLY D 35 -24.54 13.97 4.27
CA GLY D 35 -25.36 14.34 5.41
C GLY D 35 -24.81 15.56 6.12
N TRP D 36 -25.71 16.22 6.86
CA TRP D 36 -25.38 17.35 7.71
C TRP D 36 -25.53 16.96 9.17
N PHE D 37 -24.61 17.43 10.00
CA PHE D 37 -24.56 17.10 11.42
C PHE D 37 -24.38 18.39 12.23
N ARG D 38 -24.64 18.29 13.54
CA ARG D 38 -24.51 19.44 14.42
C ARG D 38 -24.09 18.97 15.81
N GLN D 39 -23.21 19.75 16.44
CA GLN D 39 -22.76 19.48 17.81
C GLN D 39 -22.94 20.74 18.64
N ALA D 40 -23.98 20.76 19.48
CA ALA D 40 -24.15 21.83 20.43
C ALA D 40 -23.16 21.67 21.58
N PRO D 41 -22.72 22.79 22.16
CA PRO D 41 -21.76 22.73 23.26
C PRO D 41 -22.31 21.89 24.41
N GLY D 42 -21.53 20.87 24.77
CA GLY D 42 -21.83 20.00 25.89
C GLY D 42 -22.68 18.80 25.55
N LYS D 43 -23.13 18.67 24.29
CA LYS D 43 -23.95 17.55 23.85
C LYS D 43 -23.24 16.83 22.73
N GLU D 44 -23.68 15.60 22.44
CA GLU D 44 -23.03 14.80 21.43
C GLU D 44 -23.53 15.15 20.03
N ARG D 45 -22.64 14.95 19.06
CA ARG D 45 -22.94 15.20 17.66
C ARG D 45 -24.07 14.30 17.19
N GLU D 46 -25.08 14.90 16.58
CA GLU D 46 -26.27 14.21 16.12
C GLU D 46 -26.42 14.40 14.62
N GLU D 47 -27.20 13.51 14.00
CA GLU D 47 -27.49 13.61 12.59
C GLU D 47 -28.64 14.58 12.37
N VAL D 48 -28.55 15.36 11.29
CA VAL D 48 -29.56 16.36 10.95
C VAL D 48 -30.34 15.98 9.69
N SER D 49 -29.65 15.90 8.55
CA SER D 49 -30.29 15.62 7.27
C SER D 49 -29.39 14.75 6.42
N CYS D 50 -29.97 14.16 5.38
CA CYS D 50 -29.27 13.19 4.54
C CYS D 50 -29.92 13.17 3.16
N ILE D 51 -29.10 13.12 2.12
CA ILE D 51 -29.58 13.13 0.73
C ILE D 51 -28.70 12.23 -0.11
N ASN D 52 -29.32 11.49 -1.03
CA ASN D 52 -28.57 10.59 -1.90
C ASN D 52 -28.12 11.32 -3.16
N ALA D 53 -27.44 10.60 -4.06
CA ALA D 53 -26.75 11.23 -5.18
C ALA D 53 -27.74 11.75 -6.22
N SER D 54 -28.82 11.01 -6.46
CA SER D 54 -29.82 11.46 -7.41
C SER D 54 -30.73 12.55 -6.85
N GLY D 55 -30.66 12.82 -5.55
CA GLY D 55 -31.58 13.72 -4.92
C GLY D 55 -32.99 13.18 -4.75
N GLY D 56 -33.24 11.93 -5.15
CA GLY D 56 -34.56 11.31 -5.07
C GLY D 56 -35.01 10.90 -3.68
N SER D 57 -34.11 10.86 -2.70
CA SER D 57 -34.45 10.46 -1.35
C SER D 57 -33.81 11.45 -0.37
N THR D 58 -34.62 11.97 0.55
CA THR D 58 -34.12 12.87 1.58
C THR D 58 -34.60 12.36 2.95
N PHE D 59 -33.79 12.64 3.96
CA PHE D 59 -34.11 12.28 5.33
C PHE D 59 -33.87 13.49 6.22
N TYR D 60 -34.86 13.84 7.02
CA TYR D 60 -34.76 14.93 7.98
C TYR D 60 -35.05 14.40 9.38
N GLU D 61 -34.27 14.85 10.36
CA GLU D 61 -34.55 14.45 11.73
C GLU D 61 -35.73 15.23 12.29
N ASP D 62 -36.37 14.65 13.30
CA ASP D 62 -37.65 15.15 13.78
C ASP D 62 -37.56 16.59 14.28
N SER D 63 -36.44 16.94 14.91
CA SER D 63 -36.31 18.28 15.48
C SER D 63 -36.31 19.36 14.40
N VAL D 64 -35.88 19.01 13.18
CA VAL D 64 -35.88 19.94 12.06
C VAL D 64 -36.80 19.53 10.93
N LYS D 65 -37.38 18.33 10.98
CA LYS D 65 -38.33 17.86 9.98
C LYS D 65 -39.50 18.82 9.85
N GLY D 66 -39.60 19.50 8.70
CA GLY D 66 -40.68 20.44 8.49
C GLY D 66 -40.21 21.79 8.01
N ARG D 67 -39.17 22.33 8.65
CA ARG D 67 -38.65 23.65 8.33
C ARG D 67 -37.29 23.60 7.65
N PHE D 68 -36.74 22.40 7.43
CA PHE D 68 -35.44 22.24 6.78
C PHE D 68 -35.63 21.53 5.44
N THR D 69 -34.81 21.92 4.46
CA THR D 69 -34.80 21.26 3.16
C THR D 69 -33.36 21.17 2.68
N ILE D 70 -32.94 19.97 2.27
CA ILE D 70 -31.59 19.71 1.79
C ILE D 70 -31.65 19.48 0.28
N SER D 71 -30.64 19.97 -0.43
CA SER D 71 -30.62 19.91 -1.88
C SER D 71 -29.19 19.74 -2.36
N ARG D 72 -29.05 19.09 -3.52
CA ARG D 72 -27.75 18.83 -4.13
C ARG D 72 -27.67 19.54 -5.47
N ASP D 73 -26.57 20.26 -5.69
CA ASP D 73 -26.33 21.02 -6.91
C ASP D 73 -25.17 20.37 -7.66
N ASN D 74 -25.47 19.70 -8.77
CA ASN D 74 -24.44 19.04 -9.57
C ASN D 74 -23.65 20.00 -10.44
N ALA D 75 -24.09 21.25 -10.56
CA ALA D 75 -23.36 22.26 -11.33
C ALA D 75 -22.30 22.96 -10.50
N LYS D 76 -22.60 23.27 -9.24
CA LYS D 76 -21.62 23.82 -8.32
C LYS D 76 -20.91 22.75 -7.50
N ASN D 77 -21.30 21.48 -7.63
CA ASN D 77 -20.78 20.39 -6.82
C ASN D 77 -20.86 20.74 -5.34
N THR D 78 -22.08 21.03 -4.90
CA THR D 78 -22.32 21.54 -3.55
C THR D 78 -23.66 21.03 -3.06
N VAL D 79 -23.74 20.74 -1.76
CA VAL D 79 -24.97 20.35 -1.09
C VAL D 79 -25.40 21.50 -0.18
N PHE D 80 -26.64 21.94 -0.33
CA PHE D 80 -27.16 23.07 0.43
C PHE D 80 -28.20 22.61 1.45
N LEU D 81 -28.26 23.34 2.56
CA LEU D 81 -29.24 23.10 3.62
C LEU D 81 -29.94 24.40 3.95
N GLN D 82 -31.24 24.46 3.66
CA GLN D 82 -32.04 25.65 3.92
C GLN D 82 -32.72 25.50 5.29
N MET D 83 -32.35 26.37 6.22
CA MET D 83 -32.90 26.36 7.57
C MET D 83 -33.97 27.44 7.68
N ASN D 84 -35.21 27.04 7.90
CA ASN D 84 -36.31 27.99 8.02
C ASN D 84 -37.14 27.72 9.27
N GLU D 89 -32.71 26.49 20.41
CA GLU D 89 -32.68 25.04 20.40
C GLU D 89 -32.14 24.49 19.08
N ASP D 90 -31.51 25.37 18.31
CA ASP D 90 -30.91 25.04 17.02
C ASP D 90 -29.50 25.61 16.93
N THR D 91 -28.83 25.73 18.06
CA THR D 91 -27.58 26.48 18.19
C THR D 91 -26.43 25.50 18.35
N ALA D 92 -25.61 25.36 17.31
CA ALA D 92 -24.54 24.37 17.32
C ALA D 92 -23.53 24.69 16.22
N VAL D 93 -22.44 23.92 16.22
CA VAL D 93 -21.52 23.85 15.09
C VAL D 93 -22.04 22.79 14.13
N TYR D 94 -22.13 23.15 12.85
CA TYR D 94 -22.70 22.27 11.84
C TYR D 94 -21.61 21.73 10.93
N TYR D 95 -21.59 20.41 10.76
CA TYR D 95 -20.63 19.74 9.89
C TYR D 95 -21.36 18.93 8.83
N CYS D 96 -20.71 18.75 7.69
CA CYS D 96 -21.17 17.85 6.64
C CYS D 96 -20.10 16.81 6.36
N ALA D 97 -20.53 15.69 5.78
CA ALA D 97 -19.61 14.60 5.49
C ALA D 97 -20.25 13.70 4.44
N ALA D 98 -19.41 12.90 3.78
CA ALA D 98 -19.87 11.96 2.76
C ALA D 98 -20.42 10.69 3.40
N ALA D 99 -21.27 10.87 4.42
CA ALA D 99 -21.92 9.77 5.11
C ALA D 99 -23.08 10.34 5.91
N CYS D 100 -24.01 9.47 6.28
CA CYS D 100 -25.22 9.89 6.96
C CYS D 100 -25.34 9.34 8.38
N GLU D 101 -24.33 8.65 8.87
CA GLU D 101 -24.29 8.20 10.25
C GLU D 101 -23.01 8.72 10.91
N VAL D 102 -23.13 9.18 12.16
CA VAL D 102 -22.03 9.85 12.82
C VAL D 102 -20.86 8.91 13.01
N VAL D 103 -21.13 7.68 13.47
CA VAL D 103 -20.08 6.71 13.77
C VAL D 103 -19.34 6.24 12.52
N ALA D 104 -19.88 6.49 11.33
CA ALA D 104 -19.22 6.09 10.10
C ALA D 104 -18.16 7.08 9.65
N VAL D 105 -18.22 8.32 10.11
CA VAL D 105 -17.29 9.36 9.65
C VAL D 105 -15.97 9.21 10.38
N GLY D 106 -14.86 9.29 9.62
CA GLY D 106 -13.54 9.13 10.18
C GLY D 106 -12.66 10.36 10.05
N TYR D 107 -13.19 11.42 9.43
CA TYR D 107 -12.49 12.70 9.35
C TYR D 107 -13.54 13.79 9.27
N TRP D 108 -13.53 14.71 10.24
CA TRP D 108 -14.43 15.85 10.26
C TRP D 108 -13.69 17.12 9.88
N GLY D 109 -14.40 18.01 9.19
CA GLY D 109 -13.88 19.32 8.88
C GLY D 109 -13.98 20.25 10.07
N GLN D 110 -13.61 21.51 9.82
CA GLN D 110 -13.65 22.51 10.88
C GLN D 110 -15.07 22.89 11.27
N GLY D 111 -16.03 22.69 10.38
CA GLY D 111 -17.42 22.99 10.68
C GLY D 111 -17.78 24.44 10.41
N THR D 112 -19.00 24.80 10.85
CA THR D 112 -19.46 26.19 10.74
C THR D 112 -20.36 26.49 11.93
N GLN D 113 -20.17 27.67 12.53
CA GLN D 113 -20.82 28.06 13.77
C GLN D 113 -22.14 28.76 13.48
N VAL D 114 -23.13 28.51 14.34
CA VAL D 114 -24.49 29.02 14.15
C VAL D 114 -25.08 29.39 15.51
N THR D 115 -25.71 30.57 15.59
CA THR D 115 -26.36 31.05 16.80
C THR D 115 -27.78 31.49 16.46
N VAL D 116 -28.74 31.07 17.28
CA VAL D 116 -30.15 31.39 17.05
C VAL D 116 -30.78 31.98 18.29
N SER D 117 -30.51 33.27 18.54
CA SER D 117 -31.27 33.99 19.56
C SER D 117 -32.65 34.38 19.04
N ALA D 118 -32.71 34.83 17.79
CA ALA D 118 -33.98 35.09 17.10
C ALA D 118 -33.76 34.95 15.61
N HIS D 119 -32.50 35.11 15.18
CA HIS D 119 -32.01 34.99 13.80
C HIS D 119 -33.04 34.59 12.75
N PRO E 6 -33.41 -28.71 25.57
CA PRO E 6 -34.02 -27.70 26.42
C PRO E 6 -33.14 -27.22 27.58
N ALA E 7 -32.20 -28.05 28.03
CA ALA E 7 -31.28 -27.67 29.11
C ALA E 7 -30.15 -26.82 28.53
N ALA E 8 -30.13 -25.54 28.87
CA ALA E 8 -29.15 -24.61 28.31
C ALA E 8 -27.72 -24.98 28.72
N PHE E 9 -26.78 -24.67 27.84
CA PHE E 9 -25.37 -24.96 28.07
C PHE E 9 -24.64 -23.70 28.49
N THR E 10 -23.90 -23.78 29.60
CA THR E 10 -23.08 -22.68 30.08
C THR E 10 -21.73 -23.23 30.52
N ALA E 11 -20.74 -22.35 30.58
CA ALA E 11 -19.36 -22.72 30.93
C ALA E 11 -18.80 -21.78 31.99
N ASN E 12 -19.54 -21.61 33.08
CA ASN E 12 -19.04 -20.84 34.26
C ASN E 12 -18.72 -19.39 33.91
N GLY E 13 -19.46 -18.81 32.96
CA GLY E 13 -19.19 -17.45 32.58
C GLY E 13 -18.16 -17.29 31.49
N THR E 14 -17.60 -18.39 30.97
CA THR E 14 -16.66 -18.31 29.87
C THR E 14 -17.37 -17.81 28.62
N HIS E 15 -16.74 -16.86 27.92
CA HIS E 15 -17.35 -16.28 26.74
C HIS E 15 -17.34 -17.28 25.58
N LEU E 16 -18.43 -17.31 24.83
CA LEU E 16 -18.56 -18.15 23.66
C LEU E 16 -18.36 -17.32 22.40
N GLN E 17 -17.58 -17.84 21.45
CA GLN E 17 -17.22 -17.08 20.26
C GLN E 17 -17.88 -17.61 19.00
N HIS E 18 -17.82 -18.91 18.74
CA HIS E 18 -18.34 -19.45 17.49
C HIS E 18 -19.06 -20.77 17.74
N LEU E 19 -19.96 -21.08 16.81
CA LEU E 19 -20.76 -22.30 16.84
C LEU E 19 -20.82 -22.87 15.43
N ALA E 20 -20.54 -24.16 15.30
CA ALA E 20 -20.56 -24.86 14.03
C ALA E 20 -21.30 -26.18 14.19
N ARG E 21 -22.01 -26.56 13.13
CA ARG E 21 -22.81 -27.80 13.17
C ARG E 21 -22.43 -28.73 12.03
N ASP E 22 -22.20 -29.97 12.36
CA ASP E 22 -21.94 -30.99 11.35
C ASP E 22 -23.26 -31.42 10.73
N PRO E 23 -23.47 -31.20 9.42
CA PRO E 23 -24.76 -31.56 8.82
C PRO E 23 -24.96 -33.07 8.67
N THR E 24 -23.89 -33.86 8.70
CA THR E 24 -24.06 -35.31 8.62
C THR E 24 -24.64 -35.88 9.90
N THR E 25 -24.06 -35.50 11.04
CA THR E 25 -24.40 -36.11 12.33
C THR E 25 -25.23 -35.22 13.23
N GLY E 26 -25.32 -33.92 12.95
CA GLY E 26 -25.99 -33.00 13.84
C GLY E 26 -25.17 -32.58 15.04
N THR E 27 -23.93 -33.05 15.15
CA THR E 27 -23.06 -32.67 16.27
C THR E 27 -22.76 -31.18 16.24
N LEU E 28 -22.74 -30.57 17.42
CA LEU E 28 -22.41 -29.17 17.57
C LEU E 28 -20.97 -29.02 18.07
N TYR E 29 -20.26 -28.03 17.52
CA TYR E 29 -18.93 -27.66 17.98
C TYR E 29 -18.97 -26.19 18.39
N VAL E 30 -18.34 -25.88 19.51
CA VAL E 30 -18.41 -24.56 20.12
C VAL E 30 -17.00 -24.09 20.45
N GLY E 31 -16.65 -22.89 19.97
CA GLY E 31 -15.40 -22.26 20.31
C GLY E 31 -15.60 -21.23 21.40
N ALA E 32 -14.94 -21.43 22.53
CA ALA E 32 -15.00 -20.52 23.67
C ALA E 32 -13.58 -20.19 24.11
N THR E 33 -13.47 -19.24 25.04
CA THR E 33 -12.17 -18.88 25.58
C THR E 33 -11.55 -20.08 26.29
N ASN E 34 -10.40 -20.52 25.78
CA ASN E 34 -9.60 -21.63 26.30
C ASN E 34 -10.30 -22.98 26.15
N PHE E 35 -11.38 -23.06 25.37
CA PHE E 35 -12.18 -24.28 25.31
C PHE E 35 -12.58 -24.56 23.87
N LEU E 36 -12.74 -25.85 23.57
CA LEU E 36 -13.41 -26.32 22.37
C LEU E 36 -14.33 -27.46 22.79
N PHE E 37 -15.64 -27.27 22.62
CA PHE E 37 -16.64 -28.19 23.13
C PHE E 37 -17.24 -28.99 21.98
N GLN E 38 -17.44 -30.29 22.21
CA GLN E 38 -18.19 -31.15 21.31
C GLN E 38 -19.50 -31.52 21.98
N LEU E 39 -20.61 -31.12 21.37
CA LEU E 39 -21.93 -31.27 21.98
C LEU E 39 -22.85 -32.07 21.09
N SER E 40 -23.78 -32.78 21.72
CA SER E 40 -24.83 -33.49 21.02
C SER E 40 -25.92 -32.51 20.62
N PRO E 41 -26.86 -32.92 19.76
CA PRO E 41 -28.00 -32.04 19.44
C PRO E 41 -28.82 -31.62 20.65
N GLY E 42 -28.78 -32.39 21.74
CA GLY E 42 -29.49 -32.03 22.95
C GLY E 42 -28.64 -31.25 23.93
N LEU E 43 -27.55 -30.66 23.43
CA LEU E 43 -26.64 -29.82 24.20
C LEU E 43 -25.96 -30.58 25.35
N GLN E 44 -25.84 -31.90 25.24
CA GLN E 44 -25.08 -32.67 26.22
C GLN E 44 -23.64 -32.80 25.74
N LEU E 45 -22.70 -32.56 26.66
CA LEU E 45 -21.29 -32.53 26.32
C LEU E 45 -20.78 -33.94 26.00
N GLU E 46 -20.14 -34.10 24.86
CA GLU E 46 -19.54 -35.38 24.47
C GLU E 46 -18.04 -35.43 24.73
N ALA E 47 -17.32 -34.33 24.51
CA ALA E 47 -15.89 -34.25 24.76
C ALA E 47 -15.51 -32.78 24.84
N VAL E 48 -14.35 -32.52 25.47
CA VAL E 48 -13.87 -31.17 25.65
C VAL E 48 -12.35 -31.14 25.44
N VAL E 49 -11.87 -30.10 24.78
CA VAL E 49 -10.45 -29.87 24.56
C VAL E 49 -10.09 -28.51 25.16
N SER E 50 -8.98 -28.47 25.90
CA SER E 50 -8.47 -27.21 26.42
C SER E 50 -7.51 -26.60 25.40
N THR E 51 -7.79 -25.35 25.00
CA THR E 51 -7.01 -24.65 24.00
C THR E 51 -6.17 -23.52 24.58
N GLY E 52 -6.14 -23.39 25.90
CA GLY E 52 -5.37 -22.36 26.56
C GLY E 52 -5.52 -22.45 28.06
N PRO E 53 -4.90 -21.51 28.80
CA PRO E 53 -4.09 -20.40 28.31
C PRO E 53 -2.67 -20.84 27.94
N VAL E 54 -1.95 -20.02 27.18
CA VAL E 54 -0.57 -20.31 26.81
C VAL E 54 0.28 -19.09 27.14
N ASN E 55 1.51 -19.33 27.60
CA ASN E 55 2.47 -18.26 27.80
C ASN E 55 2.85 -17.69 26.42
N ASP E 56 2.44 -16.46 26.15
CA ASP E 56 2.48 -15.94 24.79
C ASP E 56 2.52 -14.41 24.84
N SER E 57 2.76 -13.81 23.68
CA SER E 57 2.66 -12.38 23.49
C SER E 57 2.32 -12.11 22.04
N ARG E 58 1.54 -11.05 21.81
CA ARG E 58 1.19 -10.66 20.46
C ARG E 58 2.36 -10.04 19.70
N ASP E 59 3.46 -9.73 20.39
CA ASP E 59 4.66 -9.20 19.76
C ASP E 59 5.67 -10.27 19.41
N CYS E 60 5.41 -11.53 19.77
CA CYS E 60 6.34 -12.63 19.54
C CYS E 60 5.82 -13.54 18.44
N LEU E 61 6.63 -14.54 18.10
CA LEU E 61 6.33 -15.51 17.06
C LEU E 61 6.20 -16.91 17.67
N PRO E 62 5.39 -17.78 17.08
CA PRO E 62 5.28 -19.15 17.57
C PRO E 62 6.38 -20.03 17.00
N PRO E 63 6.96 -20.95 17.79
CA PRO E 63 6.82 -21.17 19.24
C PRO E 63 7.16 -19.95 20.09
N ASP E 67 11.54 -18.70 25.23
CA ASP E 67 12.80 -18.65 24.47
C ASP E 67 13.15 -17.22 24.08
N GLU E 68 12.77 -16.83 22.86
CA GLU E 68 12.97 -15.48 22.36
C GLU E 68 11.88 -14.51 22.80
N CYS E 69 11.08 -14.87 23.81
CA CYS E 69 9.95 -14.06 24.26
C CYS E 69 10.04 -13.86 25.77
N PRO E 70 10.82 -12.87 26.22
CA PRO E 70 10.91 -12.60 27.66
C PRO E 70 9.70 -11.87 28.23
N GLN E 71 8.90 -11.22 27.40
CA GLN E 71 7.71 -10.51 27.86
C GLN E 71 6.46 -11.35 27.80
N ALA E 72 6.58 -12.67 27.64
CA ALA E 72 5.42 -13.54 27.52
C ALA E 72 4.68 -13.64 28.85
N GLN E 73 3.34 -13.61 28.77
CA GLN E 73 2.45 -13.78 29.90
C GLN E 73 1.35 -14.77 29.52
N PRO E 74 0.82 -15.51 30.48
CA PRO E 74 -0.26 -16.48 30.16
C PRO E 74 -1.45 -15.76 29.55
N THR E 75 -1.76 -16.15 28.31
CA THR E 75 -2.76 -15.46 27.51
C THR E 75 -3.92 -16.41 27.21
N ASN E 76 -5.14 -15.94 27.42
CA ASN E 76 -6.32 -16.72 27.08
C ASN E 76 -6.50 -16.77 25.56
N ASN E 77 -7.16 -17.83 25.10
CA ASN E 77 -7.27 -18.14 23.67
C ASN E 77 -8.74 -18.17 23.25
N PRO E 78 -9.34 -17.02 22.98
CA PRO E 78 -10.65 -17.00 22.34
C PRO E 78 -10.59 -17.56 20.93
N ASN E 79 -11.56 -18.41 20.60
CA ASN E 79 -11.59 -19.04 19.29
C ASN E 79 -11.89 -18.01 18.21
N GLN E 80 -11.16 -18.10 17.10
CA GLN E 80 -11.30 -17.11 15.99
C GLN E 80 -11.99 -17.72 14.75
N LEU E 81 -11.80 -19.00 14.49
CA LEU E 81 -12.43 -19.63 13.34
C LEU E 81 -12.84 -21.06 13.71
N LEU E 82 -14.04 -21.44 13.27
CA LEU E 82 -14.57 -22.78 13.55
C LEU E 82 -15.41 -23.20 12.34
N LEU E 83 -14.87 -24.11 11.53
CA LEU E 83 -15.51 -24.51 10.28
C LEU E 83 -15.53 -26.03 10.18
N VAL E 84 -16.61 -26.55 9.60
CA VAL E 84 -16.75 -27.96 9.33
C VAL E 84 -16.45 -28.18 7.84
N SER E 85 -15.36 -28.86 7.55
CA SER E 85 -15.11 -29.34 6.20
C SER E 85 -15.58 -30.79 6.09
N PRO E 86 -15.77 -31.30 4.87
CA PRO E 86 -16.21 -32.69 4.73
C PRO E 86 -15.28 -33.71 5.37
N GLU E 87 -14.02 -33.35 5.63
CA GLU E 87 -13.04 -34.29 6.16
C GLU E 87 -12.67 -34.05 7.61
N ALA E 88 -12.75 -32.81 8.10
CA ALA E 88 -12.24 -32.50 9.43
C ALA E 88 -12.89 -31.22 9.94
N LEU E 89 -12.44 -30.79 11.12
CA LEU E 89 -12.90 -29.56 11.75
C LEU E 89 -11.74 -28.56 11.79
N VAL E 90 -11.95 -27.39 11.22
CA VAL E 90 -10.93 -26.35 11.16
C VAL E 90 -11.04 -25.48 12.40
N VAL E 91 -9.94 -25.34 13.13
CA VAL E 91 -9.90 -24.57 14.37
C VAL E 91 -8.71 -23.63 14.32
N CYS E 92 -8.97 -22.33 14.49
CA CYS E 92 -7.93 -21.31 14.57
C CYS E 92 -8.19 -20.45 15.79
N GLY E 93 -7.12 -20.20 16.57
CA GLY E 93 -7.23 -19.40 17.77
C GLY E 93 -6.69 -17.99 17.57
N SER E 94 -6.68 -17.24 18.67
CA SER E 94 -6.07 -15.92 18.67
C SER E 94 -4.60 -15.96 19.06
N VAL E 95 -4.21 -16.89 19.91
CA VAL E 95 -2.83 -16.96 20.36
C VAL E 95 -1.95 -17.53 19.26
N HIS E 96 -0.63 -17.34 19.41
CA HIS E 96 0.36 -17.85 18.47
C HIS E 96 0.09 -17.33 17.05
N GLN E 97 -0.25 -16.05 16.94
CA GLN E 97 -0.39 -15.36 15.65
C GLN E 97 -1.49 -15.96 14.80
N GLY E 98 -2.46 -16.63 15.43
CA GLY E 98 -3.62 -17.11 14.71
C GLY E 98 -3.43 -18.38 13.93
N ILE E 99 -2.52 -19.26 14.36
CA ILE E 99 -2.31 -20.51 13.64
C ILE E 99 -3.50 -21.45 13.81
N CYS E 100 -3.62 -22.40 12.89
CA CYS E 100 -4.77 -23.29 12.84
C CYS E 100 -4.36 -24.74 13.05
N GLU E 101 -5.37 -25.60 13.07
CA GLU E 101 -5.18 -27.05 13.16
C GLU E 101 -6.46 -27.72 12.69
N LEU E 102 -6.34 -28.99 12.33
CA LEU E 102 -7.48 -29.82 11.97
C LEU E 102 -7.69 -30.90 13.03
N ARG E 103 -8.94 -31.15 13.38
CA ARG E 103 -9.29 -32.16 14.37
C ARG E 103 -10.40 -33.04 13.82
N SER E 104 -10.52 -34.23 14.40
CA SER E 104 -11.47 -35.21 13.89
C SER E 104 -12.89 -34.80 14.24
N LEU E 105 -13.77 -34.84 13.24
CA LEU E 105 -15.20 -34.76 13.52
C LEU E 105 -15.61 -35.99 14.33
N GLY E 106 -16.38 -35.78 15.38
CA GLY E 106 -16.77 -36.85 16.27
C GLY E 106 -15.77 -37.19 17.34
N GLN E 107 -14.50 -36.78 17.19
CA GLN E 107 -13.45 -36.99 18.21
C GLN E 107 -12.53 -35.77 18.18
N ILE E 108 -12.99 -34.67 18.78
CA ILE E 108 -12.23 -33.43 18.73
C ILE E 108 -10.91 -33.52 19.49
N ARG E 109 -10.76 -34.49 20.38
CA ARG E 109 -9.51 -34.64 21.10
C ARG E 109 -8.40 -35.24 20.24
N GLN E 110 -8.73 -35.75 19.07
CA GLN E 110 -7.75 -36.33 18.15
C GLN E 110 -7.34 -35.27 17.14
N LEU E 111 -6.08 -34.84 17.20
CA LEU E 111 -5.53 -33.91 16.23
C LEU E 111 -5.26 -34.62 14.91
N LEU E 112 -5.70 -34.00 13.81
CA LEU E 112 -5.41 -34.52 12.48
C LEU E 112 -4.19 -33.88 11.83
N LEU E 113 -3.94 -32.60 12.11
CA LEU E 113 -2.86 -31.88 11.46
C LEU E 113 -2.55 -30.57 12.17
N ARG E 114 -1.28 -30.35 12.52
CA ARG E 114 -0.83 -29.07 13.05
C ARG E 114 0.65 -28.93 12.73
N PRO E 115 1.00 -28.10 11.74
CA PRO E 115 2.41 -27.87 11.42
C PRO E 115 3.23 -27.57 12.66
N GLU E 116 4.41 -28.17 12.72
CA GLU E 116 5.23 -28.10 13.93
C GLU E 116 5.85 -26.72 14.12
N ARG E 117 6.39 -26.13 13.06
CA ARG E 117 6.92 -24.77 13.11
C ARG E 117 6.40 -23.99 11.91
N PRO E 118 5.26 -23.32 12.07
CA PRO E 118 4.67 -22.60 10.94
C PRO E 118 5.43 -21.33 10.61
N GLY E 119 5.40 -20.97 9.32
CA GLY E 119 5.98 -19.72 8.87
C GLY E 119 4.98 -18.59 8.87
N ASP E 120 5.45 -17.41 8.45
CA ASP E 120 4.58 -16.24 8.44
C ASP E 120 3.52 -16.30 7.36
N THR E 121 3.62 -17.27 6.44
CA THR E 121 2.55 -17.53 5.48
C THR E 121 1.45 -18.39 6.06
N GLN E 122 1.56 -18.79 7.33
CA GLN E 122 0.56 -19.65 7.97
C GLN E 122 -0.05 -19.01 9.21
N TYR E 123 0.16 -17.70 9.42
CA TYR E 123 -0.54 -16.96 10.47
C TYR E 123 -1.90 -16.57 9.92
N VAL E 124 -2.90 -17.42 10.15
CA VAL E 124 -4.18 -17.31 9.45
C VAL E 124 -5.12 -16.31 10.11
N ALA E 125 -5.59 -16.61 11.32
CA ALA E 125 -6.60 -15.80 11.96
C ALA E 125 -5.97 -14.56 12.60
N ALA E 126 -6.83 -13.62 12.99
CA ALA E 126 -6.37 -12.44 13.71
C ALA E 126 -5.93 -12.82 15.12
N ASN E 127 -4.88 -12.17 15.61
CA ASN E 127 -4.34 -12.47 16.93
C ASN E 127 -4.91 -11.58 18.02
N ASP E 128 -5.91 -10.76 17.71
CA ASP E 128 -6.58 -9.90 18.67
C ASP E 128 -8.03 -10.37 18.78
N PRO E 129 -8.48 -10.81 19.97
CA PRO E 129 -9.84 -11.33 20.11
C PRO E 129 -10.94 -10.33 19.73
N ALA E 130 -10.61 -9.06 19.59
CA ALA E 130 -11.60 -8.06 19.22
C ALA E 130 -11.75 -7.89 17.72
N VAL E 131 -10.91 -8.57 16.96
CA VAL E 131 -10.90 -8.42 15.48
C VAL E 131 -11.52 -9.68 14.87
N SER E 132 -12.41 -9.52 13.90
CA SER E 132 -13.16 -10.67 13.38
C SER E 132 -12.45 -11.44 12.27
N THR E 133 -12.68 -12.74 12.25
CA THR E 133 -12.17 -13.59 11.18
C THR E 133 -13.32 -14.44 10.66
N VAL E 134 -13.52 -14.43 9.34
CA VAL E 134 -14.53 -15.25 8.69
C VAL E 134 -13.85 -16.19 7.71
N GLY E 135 -14.44 -17.38 7.55
CA GLY E 135 -13.82 -18.43 6.79
C GLY E 135 -14.82 -19.13 5.88
N LEU E 136 -14.27 -19.99 5.02
CA LEU E 136 -15.04 -20.64 3.98
C LEU E 136 -14.25 -21.80 3.38
N VAL E 137 -14.83 -23.00 3.35
CA VAL E 137 -14.18 -24.18 2.80
C VAL E 137 -14.80 -24.49 1.44
N ALA E 138 -13.96 -24.74 0.44
CA ALA E 138 -14.39 -25.01 -0.91
C ALA E 138 -13.79 -26.33 -1.37
N GLN E 139 -14.65 -27.27 -1.77
CA GLN E 139 -14.29 -28.61 -2.26
C GLN E 139 -13.02 -29.21 -1.65
N GLU E 144 -7.78 -31.40 -3.56
CA GLU E 144 -7.19 -30.35 -2.73
C GLU E 144 -8.23 -29.29 -2.37
N PRO E 145 -8.73 -29.36 -1.13
CA PRO E 145 -9.71 -28.36 -0.67
C PRO E 145 -9.05 -27.05 -0.29
N LEU E 146 -9.84 -25.98 -0.36
CA LEU E 146 -9.34 -24.62 -0.18
C LEU E 146 -10.06 -23.94 0.98
N LEU E 147 -9.34 -23.09 1.69
CA LEU E 147 -9.88 -22.30 2.79
C LEU E 147 -9.75 -20.83 2.41
N PHE E 148 -10.89 -20.15 2.31
CA PHE E 148 -10.93 -18.71 2.05
C PHE E 148 -11.13 -18.00 3.38
N VAL E 149 -10.22 -17.09 3.71
CA VAL E 149 -10.22 -16.42 5.01
C VAL E 149 -10.31 -14.91 4.80
N GLY E 150 -11.27 -14.28 5.45
CA GLY E 150 -11.31 -12.84 5.58
C GLY E 150 -10.87 -12.45 6.98
N ARG E 151 -9.92 -11.52 7.05
CA ARG E 151 -9.26 -11.20 8.30
C ARG E 151 -9.10 -9.69 8.43
N GLY E 152 -9.49 -9.15 9.58
CA GLY E 152 -9.35 -7.74 9.84
C GLY E 152 -7.94 -7.34 10.20
N TYR E 153 -7.75 -6.05 10.44
CA TYR E 153 -6.42 -5.50 10.71
C TYR E 153 -6.12 -5.56 12.21
N THR E 154 -4.93 -6.05 12.54
CA THR E 154 -4.42 -6.05 13.91
C THR E 154 -3.05 -5.38 13.92
N SER E 155 -2.83 -4.48 14.88
CA SER E 155 -1.64 -3.65 14.85
C SER E 155 -0.45 -4.34 15.52
N ARG E 156 -0.67 -5.03 16.63
CA ARG E 156 0.41 -5.53 17.48
C ARG E 156 1.10 -6.76 16.92
N GLY E 157 0.67 -7.29 15.78
CA GLY E 157 1.27 -8.49 15.24
C GLY E 157 2.67 -8.28 14.69
N VAL E 158 3.26 -9.38 14.22
CA VAL E 158 4.56 -9.34 13.54
C VAL E 158 4.47 -10.10 12.22
N GLY E 160 4.75 -8.36 9.26
CA GLY E 160 4.26 -7.42 8.27
C GLY E 160 2.75 -7.45 8.11
N GLY E 161 2.29 -7.29 6.87
CA GLY E 161 0.88 -7.22 6.57
C GLY E 161 0.32 -8.54 6.07
N ILE E 162 -0.61 -9.11 6.84
CA ILE E 162 -1.37 -10.27 6.37
C ILE E 162 -2.49 -9.77 5.46
N PRO E 163 -2.64 -10.32 4.26
CA PRO E 163 -3.65 -9.80 3.34
C PRO E 163 -5.03 -9.97 3.92
N PRO E 164 -5.95 -9.05 3.61
CA PRO E 164 -7.32 -9.17 4.17
C PRO E 164 -8.03 -10.43 3.74
N ILE E 165 -7.85 -10.85 2.49
CA ILE E 165 -8.48 -12.06 1.96
C ILE E 165 -7.41 -12.94 1.36
N THR E 166 -7.41 -14.22 1.71
CA THR E 166 -6.41 -15.18 1.26
C THR E 166 -7.10 -16.48 0.87
N THR E 167 -6.44 -17.24 -0.01
CA THR E 167 -6.88 -18.58 -0.38
C THR E 167 -5.79 -19.55 0.05
N ARG E 168 -6.10 -20.38 1.04
CA ARG E 168 -5.10 -21.21 1.71
C ARG E 168 -5.38 -22.69 1.45
N ALA E 169 -4.32 -23.48 1.45
CA ALA E 169 -4.39 -24.89 1.11
C ALA E 169 -4.55 -25.73 2.37
N LEU E 170 -5.58 -26.58 2.38
CA LEU E 170 -5.83 -27.46 3.52
C LEU E 170 -5.07 -28.78 3.42
N ARG E 171 -4.85 -29.29 2.20
CA ARG E 171 -4.14 -30.53 1.97
C ARG E 171 -3.10 -30.34 0.87
N PRO E 172 -2.03 -29.60 1.15
CA PRO E 172 -1.02 -29.35 0.12
C PRO E 172 -0.22 -30.61 -0.17
N PRO E 173 0.72 -30.56 -1.13
CA PRO E 173 1.67 -31.67 -1.25
C PRO E 173 2.39 -31.97 0.05
N ASP E 174 3.01 -30.96 0.66
CA ASP E 174 3.70 -31.12 1.93
C ASP E 174 2.74 -30.75 3.05
N PRO E 175 2.33 -31.70 3.90
CA PRO E 175 1.38 -31.37 4.98
C PRO E 175 1.91 -30.34 5.96
N GLN E 176 3.23 -30.22 6.10
CA GLN E 176 3.81 -29.20 6.96
C GLN E 176 3.60 -27.79 6.44
N ALA E 177 3.09 -27.65 5.22
CA ALA E 177 2.78 -26.34 4.63
C ALA E 177 1.28 -26.08 4.55
N ALA E 178 0.49 -26.79 5.37
CA ALA E 178 -0.94 -26.56 5.39
C ALA E 178 -1.26 -25.18 5.95
N PHE E 179 -2.39 -24.63 5.50
CA PHE E 179 -2.91 -23.32 5.87
C PHE E 179 -2.10 -22.17 5.28
N SER E 180 -1.08 -22.45 4.47
CA SER E 180 -0.36 -21.40 3.77
C SER E 180 -1.04 -21.09 2.45
N TYR E 181 -0.79 -19.87 1.94
CA TYR E 181 -1.37 -19.42 0.70
C TYR E 181 -0.27 -19.16 -0.33
N GLU E 182 -0.60 -19.41 -1.60
CA GLU E 182 0.31 -19.05 -2.68
C GLU E 182 0.47 -17.53 -2.73
N GLU E 183 1.68 -17.10 -3.08
CA GLU E 183 2.03 -15.69 -2.95
C GLU E 183 1.10 -14.77 -3.74
N THR E 184 0.52 -15.27 -4.83
CA THR E 184 -0.43 -14.49 -5.60
C THR E 184 -1.88 -14.66 -5.16
N ALA E 185 -2.20 -15.76 -4.50
CA ALA E 185 -3.58 -16.06 -4.07
C ALA E 185 -3.97 -15.22 -2.85
N LYS E 186 -4.00 -13.91 -3.05
CA LYS E 186 -4.30 -12.97 -1.98
C LYS E 186 -4.78 -11.67 -2.59
N LEU E 187 -5.50 -10.88 -1.79
CA LEU E 187 -5.94 -9.55 -2.18
C LEU E 187 -4.85 -8.56 -1.75
N ALA E 188 -4.14 -8.00 -2.73
CA ALA E 188 -3.02 -7.12 -2.45
C ALA E 188 -3.53 -5.74 -2.04
N VAL E 189 -3.41 -5.41 -0.75
CA VAL E 189 -3.83 -4.14 -0.19
C VAL E 189 -2.66 -3.51 0.53
N GLY E 190 -2.45 -2.22 0.32
CA GLY E 190 -1.27 -1.56 0.84
C GLY E 190 -1.46 -0.90 2.19
N ARG E 191 -2.53 -0.15 2.36
CA ARG E 191 -2.73 0.63 3.58
C ARG E 191 -3.74 -0.06 4.50
N LEU E 192 -3.33 -1.23 5.02
CA LEU E 192 -4.23 -2.07 5.81
C LEU E 192 -4.80 -1.32 7.00
N SER E 193 -3.96 -0.59 7.73
CA SER E 193 -4.41 0.10 8.94
C SER E 193 -5.41 1.21 8.61
N GLU E 194 -5.30 1.82 7.43
CA GLU E 194 -6.21 2.90 7.08
C GLU E 194 -7.54 2.38 6.54
N TYR E 195 -7.49 1.30 5.75
CA TYR E 195 -8.73 0.71 5.25
C TYR E 195 -9.53 0.07 6.37
N SER E 196 -8.85 -0.59 7.31
CA SER E 196 -9.45 -1.09 8.53
C SER E 196 -10.64 -2.01 8.25
N HIS E 197 -10.35 -3.11 7.54
CA HIS E 197 -11.38 -4.07 7.20
C HIS E 197 -11.97 -4.70 8.46
N HIS E 198 -13.29 -4.84 8.48
CA HIS E 198 -14.00 -5.57 9.52
C HIS E 198 -14.96 -6.52 8.82
N PHE E 199 -14.70 -7.82 8.90
CA PHE E 199 -15.42 -8.81 8.12
C PHE E 199 -16.66 -9.30 8.87
N VAL E 200 -17.77 -9.36 8.14
CA VAL E 200 -19.05 -9.77 8.73
C VAL E 200 -19.39 -11.21 8.37
N SER E 201 -19.20 -11.60 7.11
CA SER E 201 -19.66 -12.90 6.66
C SER E 201 -18.93 -13.31 5.39
N ALA E 202 -19.03 -14.59 5.06
CA ALA E 202 -18.49 -15.14 3.83
C ALA E 202 -19.37 -16.32 3.40
N PHE E 203 -19.63 -16.41 2.10
CA PHE E 203 -20.47 -17.49 1.60
C PHE E 203 -20.14 -17.76 0.15
N VAL E 204 -20.54 -18.93 -0.31
CA VAL E 204 -20.28 -19.39 -1.67
C VAL E 204 -21.59 -19.42 -2.44
N ARG E 205 -21.56 -18.96 -3.69
CA ARG E 205 -22.71 -19.02 -4.59
C ARG E 205 -22.21 -19.35 -5.99
N GLY E 206 -22.80 -20.38 -6.59
CA GLY E 206 -22.38 -20.81 -7.91
C GLY E 206 -20.92 -21.20 -7.93
N ALA E 207 -20.12 -20.51 -8.74
CA ALA E 207 -18.70 -20.79 -8.85
C ALA E 207 -17.83 -19.71 -8.22
N SER E 208 -18.41 -18.91 -7.30
CA SER E 208 -17.72 -17.77 -6.73
C SER E 208 -17.86 -17.77 -5.21
N ALA E 209 -16.91 -17.10 -4.55
CA ALA E 209 -16.95 -16.87 -3.11
C ALA E 209 -17.20 -15.39 -2.84
N TYR E 210 -18.06 -15.12 -1.87
CA TYR E 210 -18.49 -13.77 -1.54
C TYR E 210 -18.12 -13.41 -0.12
N PHE E 211 -17.76 -12.13 0.10
CA PHE E 211 -17.43 -11.63 1.42
C PHE E 211 -18.23 -10.37 1.71
N LEU E 212 -18.70 -10.23 2.94
CA LEU E 212 -19.36 -9.04 3.43
C LEU E 212 -18.50 -8.39 4.49
N PHE E 213 -18.21 -7.10 4.34
CA PHE E 213 -17.30 -6.44 5.27
C PHE E 213 -17.54 -4.93 5.21
N LEU E 214 -17.01 -4.26 6.22
CA LEU E 214 -16.88 -2.80 6.23
C LEU E 214 -15.42 -2.44 6.03
N ARG E 215 -15.19 -1.32 5.34
CA ARG E 215 -13.86 -0.76 5.22
C ARG E 215 -13.97 0.73 4.98
N ARG E 216 -12.86 1.44 5.18
CA ARG E 216 -12.86 2.88 5.02
C ARG E 216 -12.71 3.25 3.56
N ASP E 217 -13.54 4.19 3.11
CA ASP E 217 -13.43 4.74 1.76
C ASP E 217 -12.45 5.91 1.83
N LEU E 218 -11.23 5.70 1.31
CA LEU E 218 -10.17 6.69 1.41
C LEU E 218 -10.13 7.65 0.22
N LYS E 219 -10.87 7.37 -0.84
CA LYS E 219 -10.87 8.23 -2.04
C LYS E 219 -11.98 9.26 -1.99
N ALA E 220 -13.14 8.88 -1.46
CA ALA E 220 -14.24 9.80 -1.20
C ALA E 220 -13.90 10.66 0.02
N PRO E 221 -14.67 11.72 0.29
CA PRO E 221 -14.38 12.52 1.48
C PRO E 221 -14.81 11.79 2.74
N SER E 222 -14.27 12.28 3.86
CA SER E 222 -14.62 11.99 5.24
C SER E 222 -14.04 10.69 5.78
N ARG E 223 -13.25 9.94 5.00
CA ARG E 223 -12.64 8.68 5.44
C ARG E 223 -13.67 7.80 6.16
N ALA E 224 -14.75 7.51 5.45
CA ALA E 224 -15.95 6.93 6.04
C ALA E 224 -15.98 5.41 5.90
N PHE E 225 -16.50 4.75 6.93
CA PHE E 225 -16.76 3.32 6.87
C PHE E 225 -17.96 3.05 5.97
N ARG E 226 -17.77 2.17 5.00
CA ARG E 226 -18.90 1.78 4.12
C ARG E 226 -18.99 0.26 4.09
N ALA E 227 -20.16 -0.26 3.70
CA ALA E 227 -20.37 -1.71 3.59
C ALA E 227 -20.09 -2.16 2.15
N TYR E 228 -19.48 -3.32 1.99
CA TYR E 228 -19.12 -3.84 0.68
C TYR E 228 -19.42 -5.33 0.60
N VAL E 229 -19.64 -5.80 -0.64
CA VAL E 229 -19.72 -7.23 -0.93
C VAL E 229 -18.71 -7.53 -2.04
N SER E 230 -17.97 -8.61 -1.88
CA SER E 230 -16.93 -9.02 -2.82
C SER E 230 -17.34 -10.27 -3.56
N ARG E 231 -16.75 -10.47 -4.73
CA ARG E 231 -16.94 -11.69 -5.50
C ARG E 231 -15.63 -12.07 -6.18
N VAL E 232 -15.19 -13.30 -5.97
CA VAL E 232 -13.98 -13.82 -6.61
C VAL E 232 -14.26 -15.24 -7.05
N CYS E 233 -13.82 -15.59 -8.27
CA CYS E 233 -14.01 -16.94 -8.76
C CYS E 233 -13.29 -17.94 -7.87
N LEU E 234 -13.88 -19.12 -7.72
CA LEU E 234 -13.34 -20.12 -6.81
C LEU E 234 -12.00 -20.66 -7.30
N GLN E 235 -11.84 -20.82 -8.61
CA GLN E 235 -10.59 -21.32 -9.18
C GLN E 235 -9.60 -20.21 -9.49
N ASP E 236 -10.02 -18.95 -9.47
CA ASP E 236 -9.12 -17.83 -9.70
C ASP E 236 -8.06 -17.77 -8.61
N GLN E 237 -6.84 -18.16 -8.93
CA GLN E 237 -5.76 -18.24 -7.95
C GLN E 237 -4.80 -17.06 -8.01
N HIS E 238 -5.12 -16.03 -8.80
CA HIS E 238 -4.38 -14.78 -8.78
C HIS E 238 -5.25 -13.61 -8.34
N TYR E 239 -6.52 -13.85 -8.03
CA TYR E 239 -7.48 -12.80 -7.69
C TYR E 239 -7.65 -11.79 -8.82
N TYR E 240 -7.55 -12.26 -10.05
CA TYR E 240 -7.78 -11.36 -11.22
C TYR E 240 -9.26 -11.06 -11.39
N SER E 241 -10.15 -11.86 -10.79
CA SER E 241 -11.59 -11.69 -10.94
C SER E 241 -12.23 -10.92 -9.78
N TYR E 242 -11.42 -10.32 -8.91
CA TYR E 242 -11.94 -9.71 -7.70
C TYR E 242 -12.64 -8.39 -8.02
N VAL E 243 -13.83 -8.20 -7.46
CA VAL E 243 -14.61 -6.98 -7.67
C VAL E 243 -15.43 -6.69 -6.42
N GLU E 244 -15.55 -5.41 -6.07
CA GLU E 244 -16.27 -4.95 -4.89
C GLU E 244 -17.41 -4.03 -5.29
N LEU E 245 -18.50 -4.08 -4.52
CA LEU E 245 -19.62 -3.18 -4.66
C LEU E 245 -20.04 -2.67 -3.30
N PRO E 246 -20.34 -1.35 -3.17
CA PRO E 246 -20.85 -0.82 -1.93
C PRO E 246 -22.35 -1.09 -1.77
N LEU E 247 -22.78 -1.33 -0.53
CA LEU E 247 -24.21 -1.59 -0.23
C LEU E 247 -24.75 -0.49 0.68
N ALA E 248 -26.05 -0.20 0.59
CA ALA E 248 -26.72 0.84 1.36
C ALA E 248 -28.22 0.57 1.37
N CYS E 249 -28.89 1.08 2.40
CA CYS E 249 -30.32 0.92 2.57
C CYS E 249 -30.96 2.26 2.91
N GLN E 250 -32.20 2.45 2.42
CA GLN E 250 -32.99 3.66 2.68
C GLN E 250 -32.27 4.91 2.20
N GLY E 251 -31.83 4.89 0.94
CA GLY E 251 -31.19 6.03 0.32
C GLY E 251 -29.93 6.48 1.01
N GLY E 252 -29.04 5.53 1.33
CA GLY E 252 -27.80 5.85 2.01
C GLY E 252 -27.95 6.22 3.46
N ARG E 253 -29.18 6.26 3.98
CA ARG E 253 -29.38 6.54 5.40
C ARG E 253 -28.72 5.47 6.27
N TYR E 254 -28.65 4.24 5.78
CA TYR E 254 -28.00 3.14 6.49
C TYR E 254 -26.91 2.58 5.61
N GLY E 255 -25.68 2.53 6.12
CA GLY E 255 -24.55 2.02 5.32
C GLY E 255 -23.62 1.09 6.07
N LEU E 256 -23.95 0.76 7.31
CA LEU E 256 -23.11 -0.12 8.12
C LEU E 256 -23.87 -1.42 8.38
N ILE E 257 -23.42 -2.49 7.74
CA ILE E 257 -24.06 -3.80 7.85
C ILE E 257 -23.53 -4.53 9.06
N GLN E 258 -24.42 -5.20 9.79
CA GLN E 258 -24.08 -5.89 11.03
C GLN E 258 -24.11 -7.40 10.90
N ALA E 259 -25.07 -7.94 10.16
CA ALA E 259 -25.20 -9.38 9.97
C ALA E 259 -26.06 -9.61 8.73
N ALA E 260 -25.97 -10.82 8.19
CA ALA E 260 -26.70 -11.14 6.97
C ALA E 260 -26.84 -12.65 6.85
N ALA E 261 -27.82 -13.07 6.04
CA ALA E 261 -28.07 -14.49 5.83
C ALA E 261 -28.92 -14.66 4.58
N VAL E 262 -28.83 -15.86 3.99
CA VAL E 262 -29.75 -16.28 2.96
C VAL E 262 -30.79 -17.18 3.61
N ALA E 263 -31.87 -17.43 2.90
CA ALA E 263 -32.92 -18.34 3.43
C ALA E 263 -32.42 -19.78 3.47
N THR E 264 -32.74 -20.48 4.55
CA THR E 264 -32.26 -21.87 4.75
C THR E 264 -33.46 -22.75 5.12
N SER E 265 -33.76 -23.76 4.31
CA SER E 265 -34.97 -24.59 4.52
C SER E 265 -34.77 -25.98 3.92
N LYS E 266 -35.80 -26.84 4.03
CA LYS E 266 -35.66 -28.22 3.55
C LYS E 266 -35.75 -28.30 2.04
N GLU E 267 -36.59 -27.46 1.43
CA GLU E 267 -36.72 -27.46 -0.02
C GLU E 267 -35.51 -26.81 -0.69
N VAL E 268 -35.26 -25.55 -0.33
CA VAL E 268 -34.09 -24.82 -0.87
C VAL E 268 -33.06 -24.68 0.25
N ALA E 269 -31.94 -25.38 0.12
CA ALA E 269 -30.93 -25.39 1.17
C ALA E 269 -30.36 -23.99 1.39
N ARG E 270 -29.94 -23.32 0.33
CA ARG E 270 -29.42 -21.96 0.39
C ARG E 270 -30.16 -21.12 -0.65
N GLY E 271 -30.91 -20.13 -0.19
CA GLY E 271 -31.65 -19.24 -1.07
C GLY E 271 -30.74 -18.29 -1.83
N ASP E 272 -31.37 -17.45 -2.65
CA ASP E 272 -30.65 -16.52 -3.52
C ASP E 272 -30.97 -15.06 -3.24
N VAL E 273 -31.51 -14.75 -2.05
CA VAL E 273 -31.71 -13.38 -1.62
C VAL E 273 -30.98 -13.19 -0.31
N LEU E 274 -30.18 -12.13 -0.23
CA LEU E 274 -29.37 -11.83 0.94
C LEU E 274 -30.12 -10.83 1.82
N PHE E 275 -30.56 -11.28 3.00
CA PHE E 275 -31.21 -10.41 3.96
C PHE E 275 -30.14 -9.85 4.89
N ALA E 276 -30.06 -8.52 4.96
CA ALA E 276 -28.98 -7.83 5.67
C ALA E 276 -29.55 -6.95 6.77
N ALA E 277 -28.86 -6.93 7.91
CA ALA E 277 -29.23 -6.10 9.05
C ALA E 277 -28.31 -4.88 9.12
N PHE E 278 -28.91 -3.70 9.22
CA PHE E 278 -28.16 -2.44 9.31
C PHE E 278 -28.47 -1.75 10.63
N SER E 279 -27.42 -1.21 11.26
CA SER E 279 -27.55 -0.36 12.43
C SER E 279 -26.40 0.62 12.43
N SER E 280 -26.53 1.68 13.24
CA SER E 280 -25.52 2.74 13.29
C SER E 280 -24.41 2.38 14.28
N VAL E 281 -23.76 1.25 14.02
CA VAL E 281 -22.68 0.74 14.85
C VAL E 281 -21.45 0.54 13.98
N ALA E 282 -20.29 0.92 14.50
CA ALA E 282 -19.03 0.84 13.79
C ALA E 282 -18.02 0.04 14.60
N PRO E 283 -17.07 -0.60 13.93
CA PRO E 283 -16.02 -1.34 14.67
C PRO E 283 -15.15 -0.39 15.48
N PRO E 284 -14.50 -0.88 16.54
CA PRO E 284 -13.68 -0.03 17.42
C PRO E 284 -12.21 0.02 17.02
N SER E 297 -30.62 0.90 20.90
CA SER E 297 -30.72 2.31 21.26
C SER E 297 -31.29 3.12 20.11
N GLY E 298 -30.66 3.00 18.94
CA GLY E 298 -31.15 3.59 17.71
C GLY E 298 -32.06 2.62 16.97
N THR E 299 -32.28 2.95 15.70
CA THR E 299 -33.16 2.14 14.83
C THR E 299 -32.33 1.23 13.94
N SER E 300 -32.78 -0.01 13.79
CA SER E 300 -32.21 -0.97 12.87
C SER E 300 -33.22 -1.29 11.76
N VAL E 301 -32.70 -1.76 10.64
CA VAL E 301 -33.53 -2.13 9.50
C VAL E 301 -33.06 -3.45 8.93
N LEU E 302 -33.97 -4.17 8.29
CA LEU E 302 -33.68 -5.38 7.54
C LEU E 302 -33.98 -5.12 6.07
N CYS E 303 -33.00 -5.38 5.20
CA CYS E 303 -33.11 -5.11 3.78
C CYS E 303 -32.74 -6.35 2.98
N ALA E 304 -33.29 -6.46 1.77
CA ALA E 304 -33.09 -7.61 0.90
C ALA E 304 -32.25 -7.21 -0.30
N PHE E 305 -31.21 -7.98 -0.57
CA PHE E 305 -30.37 -7.81 -1.76
C PHE E 305 -30.42 -9.09 -2.58
N PRO E 306 -31.20 -9.13 -3.66
CA PRO E 306 -31.18 -10.32 -4.52
C PRO E 306 -29.77 -10.53 -5.06
N LEU E 307 -29.27 -11.77 -4.90
CA LEU E 307 -27.90 -12.06 -5.34
C LEU E 307 -27.76 -11.97 -6.85
N ASP E 308 -28.87 -12.06 -7.60
CA ASP E 308 -28.81 -11.80 -9.03
C ASP E 308 -28.45 -10.35 -9.31
N GLU E 309 -29.02 -9.42 -8.54
CA GLU E 309 -28.67 -8.01 -8.68
C GLU E 309 -27.21 -7.76 -8.32
N VAL E 310 -26.70 -8.50 -7.34
CA VAL E 310 -25.28 -8.40 -7.01
C VAL E 310 -24.42 -8.77 -8.20
N ASP E 311 -24.74 -9.91 -8.83
CA ASP E 311 -23.95 -10.37 -9.96
C ASP E 311 -24.15 -9.49 -11.19
N GLN E 312 -25.32 -8.85 -11.32
CA GLN E 312 -25.57 -7.98 -12.46
C GLN E 312 -24.71 -6.72 -12.37
N LEU E 313 -24.67 -6.08 -11.21
CA LEU E 313 -23.87 -4.88 -11.05
C LEU E 313 -22.38 -5.20 -11.04
N ALA E 314 -22.00 -6.36 -10.51
CA ALA E 314 -20.61 -6.77 -10.59
C ALA E 314 -20.20 -7.02 -12.03
N ASN E 315 -21.10 -7.61 -12.82
CA ASN E 315 -20.83 -7.82 -14.24
C ASN E 315 -20.77 -6.49 -14.98
N TYR E 316 -21.69 -5.57 -14.67
CA TYR E 316 -21.66 -4.24 -15.27
C TYR E 316 -20.38 -3.51 -14.91
N THR E 317 -19.94 -3.61 -13.66
CA THR E 317 -18.68 -3.00 -13.24
C THR E 317 -17.51 -3.59 -14.01
N ARG E 318 -17.56 -4.89 -14.28
CA ARG E 318 -16.47 -5.55 -15.00
C ARG E 318 -16.40 -5.10 -16.45
N ASP E 319 -17.55 -5.09 -17.14
CA ASP E 319 -17.57 -4.69 -18.54
C ASP E 319 -17.13 -3.25 -18.72
N ALA E 320 -17.47 -2.39 -17.76
CA ALA E 320 -17.13 -0.97 -17.88
C ALA E 320 -15.63 -0.75 -17.74
N CYS E 321 -15.00 -1.42 -16.78
CA CYS E 321 -13.56 -1.26 -16.57
C CYS E 321 -12.74 -2.04 -17.61
N TYR E 322 -13.30 -3.04 -18.24
CA TYR E 322 -12.55 -3.79 -19.28
C TYR E 322 -12.62 -3.12 -20.65
N THR E 323 -13.67 -2.37 -20.95
CA THR E 323 -13.86 -1.88 -22.32
C THR E 323 -14.12 -0.39 -22.45
N ARG E 324 -14.52 0.33 -21.40
CA ARG E 324 -14.81 1.75 -21.51
C ARG E 324 -14.03 2.58 -20.51
N GLU E 325 -12.86 2.09 -20.09
CA GLU E 325 -12.00 2.79 -19.13
C GLU E 325 -12.74 3.13 -17.85
N GLY E 326 -13.67 2.28 -17.43
CA GLY E 326 -14.40 2.51 -16.20
C GLY E 326 -15.51 3.53 -16.30
N ARG E 327 -15.93 3.88 -17.51
CA ARG E 327 -16.97 4.87 -17.71
C ARG E 327 -18.21 4.21 -18.32
N ALA E 328 -19.33 4.92 -18.22
CA ALA E 328 -20.57 4.48 -18.83
C ALA E 328 -20.73 5.15 -20.20
N GLU E 329 -21.82 4.79 -20.88
CA GLU E 329 -22.06 5.35 -22.20
C GLU E 329 -22.42 6.83 -22.18
N ASN E 330 -22.73 7.39 -21.01
CA ASN E 330 -22.91 8.82 -20.88
C ASN E 330 -21.66 9.52 -20.36
N GLY E 331 -20.56 8.77 -20.18
CA GLY E 331 -19.30 9.34 -19.77
C GLY E 331 -19.04 9.36 -18.27
N THR E 332 -20.04 9.01 -17.45
CA THR E 332 -19.88 9.05 -16.01
C THR E 332 -18.98 7.90 -15.54
N LYS E 333 -18.03 8.21 -14.66
CA LYS E 333 -17.18 7.18 -14.08
C LYS E 333 -18.02 6.30 -13.16
N VAL E 334 -18.11 5.02 -13.50
CA VAL E 334 -18.90 4.06 -12.73
C VAL E 334 -18.08 2.92 -12.16
N ALA E 335 -16.81 2.79 -12.54
CA ALA E 335 -15.95 1.74 -12.02
C ALA E 335 -14.53 2.28 -11.93
N ASP E 336 -13.69 1.56 -11.20
CA ASP E 336 -12.33 2.03 -10.94
C ASP E 336 -11.52 0.86 -10.39
N ILE E 337 -10.20 1.07 -10.31
CA ILE E 337 -9.30 0.11 -9.70
C ILE E 337 -9.26 0.37 -8.20
N ALA E 338 -9.41 -0.68 -7.41
CA ALA E 338 -9.52 -0.55 -5.96
C ALA E 338 -8.16 -0.67 -5.29
N TYR E 339 -8.08 -0.11 -4.08
CA TYR E 339 -6.96 -0.34 -3.16
C TYR E 339 -5.63 0.16 -3.72
N ASP E 340 -5.64 1.36 -4.31
CA ASP E 340 -4.44 2.09 -4.74
C ASP E 340 -3.35 1.22 -5.36
N VAL E 341 -3.75 0.20 -6.11
CA VAL E 341 -2.79 -0.65 -6.82
C VAL E 341 -2.40 0.04 -8.12
N LEU E 342 -1.16 -0.19 -8.56
CA LEU E 342 -0.65 0.40 -9.81
C LEU E 342 -1.22 -0.36 -11.01
N SER E 343 -2.50 -0.12 -11.26
CA SER E 343 -3.21 -0.66 -12.41
C SER E 343 -4.25 0.37 -12.84
N ASP E 344 -4.82 0.16 -14.02
CA ASP E 344 -5.76 1.09 -14.61
C ASP E 344 -6.86 0.33 -15.36
N CYS E 345 -8.02 0.96 -15.47
CA CYS E 345 -9.07 0.46 -16.35
C CYS E 345 -8.62 0.59 -17.80
N ALA E 346 -9.30 -0.11 -18.70
CA ALA E 346 -8.76 -0.32 -20.03
C ALA E 346 -9.86 -0.18 -21.07
N GLN E 347 -9.49 -0.46 -22.33
CA GLN E 347 -10.36 -0.31 -23.50
C GLN E 347 -10.14 -1.53 -24.42
N LEU E 348 -10.32 -2.72 -23.85
CA LEU E 348 -10.12 -3.97 -24.57
C LEU E 348 -11.29 -4.27 -25.48
N PRO E 349 -11.13 -5.19 -26.44
CA PRO E 349 -12.25 -5.55 -27.32
C PRO E 349 -13.48 -5.96 -26.54
N VAL E 350 -14.65 -5.75 -27.17
CA VAL E 350 -15.91 -5.75 -26.44
C VAL E 350 -16.25 -7.14 -25.91
N ASP E 351 -15.87 -8.21 -26.60
CA ASP E 351 -16.18 -9.55 -26.17
C ASP E 351 -15.18 -10.12 -25.17
N THR E 352 -14.31 -9.27 -24.61
CA THR E 352 -13.39 -9.74 -23.58
C THR E 352 -14.08 -10.19 -22.30
N PRO E 353 -15.08 -9.48 -21.76
CA PRO E 353 -15.78 -10.01 -20.58
C PRO E 353 -16.41 -11.37 -20.79
N ASP E 354 -16.88 -11.66 -22.00
CA ASP E 354 -17.43 -12.98 -22.27
C ASP E 354 -16.32 -14.03 -22.41
N ALA E 355 -15.23 -13.65 -23.07
CA ALA E 355 -14.14 -14.60 -23.29
C ALA E 355 -13.28 -14.80 -22.06
N PHE E 356 -13.19 -13.79 -21.19
CA PHE E 356 -12.35 -13.85 -19.99
C PHE E 356 -13.20 -13.43 -18.79
N PRO E 357 -14.08 -14.31 -18.31
CA PRO E 357 -14.97 -13.91 -17.22
C PRO E 357 -14.26 -13.74 -15.89
N CYS E 358 -13.30 -14.60 -15.57
CA CYS E 358 -12.53 -14.48 -14.34
C CYS E 358 -11.21 -13.74 -14.55
N GLY E 359 -11.12 -13.05 -15.67
CA GLY E 359 -9.94 -12.22 -15.93
C GLY E 359 -8.67 -12.98 -16.27
N SER E 360 -7.59 -12.24 -16.41
CA SER E 360 -6.29 -12.82 -16.76
C SER E 360 -5.21 -11.82 -16.38
N ASP E 361 -3.98 -12.08 -16.83
CA ASP E 361 -2.89 -11.15 -16.57
C ASP E 361 -3.00 -9.87 -17.39
N HIS E 362 -3.88 -9.82 -18.39
CA HIS E 362 -4.02 -8.66 -19.25
C HIS E 362 -5.27 -7.84 -18.95
N THR E 363 -6.06 -8.26 -17.96
CA THR E 363 -7.32 -7.56 -17.59
C THR E 363 -7.09 -6.63 -16.41
N PRO E 364 -7.87 -5.55 -16.23
CA PRO E 364 -7.74 -4.69 -15.04
C PRO E 364 -8.02 -5.53 -13.78
N SER E 365 -7.15 -5.45 -12.76
CA SER E 365 -7.23 -6.41 -11.62
C SER E 365 -8.14 -5.95 -10.49
N PRO E 366 -7.72 -5.36 -9.36
CA PRO E 366 -8.72 -5.10 -8.29
C PRO E 366 -9.74 -4.06 -8.75
N MET E 367 -10.97 -4.50 -8.90
CA MET E 367 -12.02 -3.59 -9.41
C MET E 367 -13.03 -3.21 -8.32
N VAL E 368 -13.47 -1.95 -8.31
CA VAL E 368 -14.48 -1.47 -7.38
C VAL E 368 -15.55 -0.74 -8.18
N SER E 369 -16.79 -0.85 -7.73
CA SER E 369 -17.89 -0.11 -8.34
C SER E 369 -18.08 1.21 -7.62
N CYS E 370 -18.29 2.26 -8.40
CA CYS E 370 -18.62 3.57 -7.80
C CYS E 370 -20.13 3.63 -7.55
N VAL E 371 -20.91 2.86 -8.31
CA VAL E 371 -22.37 2.84 -8.11
C VAL E 371 -22.69 1.87 -6.98
N PRO E 372 -23.43 2.29 -5.97
CA PRO E 372 -23.79 1.37 -4.89
C PRO E 372 -25.01 0.53 -5.24
N LEU E 373 -25.08 -0.64 -4.62
CA LEU E 373 -26.27 -1.47 -4.66
C LEU E 373 -27.17 -1.04 -3.51
N GLU E 374 -28.39 -0.62 -3.82
CA GLU E 374 -29.25 0.00 -2.83
C GLU E 374 -30.58 -0.74 -2.72
N ALA E 375 -31.12 -0.76 -1.51
CA ALA E 375 -32.38 -1.44 -1.23
C ALA E 375 -33.23 -0.59 -0.30
N THR E 376 -34.50 -0.94 -0.21
CA THR E 376 -35.42 -0.30 0.71
C THR E 376 -35.80 -1.26 1.83
N PRO E 377 -35.94 -0.76 3.06
CA PRO E 377 -36.15 -1.67 4.19
C PRO E 377 -37.48 -2.40 4.09
N ILE E 378 -37.46 -3.69 4.45
CA ILE E 378 -38.70 -4.44 4.62
C ILE E 378 -39.17 -4.41 6.07
N LEU E 379 -38.34 -3.94 7.00
CA LEU E 379 -38.71 -3.88 8.41
C LEU E 379 -37.85 -2.82 9.10
N GLU E 380 -38.48 -2.04 9.97
CA GLU E 380 -37.79 -1.07 10.82
C GLU E 380 -38.05 -1.41 12.28
N LEU E 381 -36.97 -1.56 13.06
CA LEU E 381 -37.08 -1.88 14.48
C LEU E 381 -36.63 -0.67 15.29
N PRO E 382 -37.54 0.08 15.89
CA PRO E 382 -37.22 1.46 16.30
C PRO E 382 -36.22 1.57 17.45
N GLY E 383 -36.12 0.60 18.33
CA GLY E 383 -35.22 0.75 19.47
C GLY E 383 -34.31 -0.43 19.71
N VAL E 384 -33.76 -0.98 18.63
CA VAL E 384 -33.09 -2.27 18.66
C VAL E 384 -31.78 -2.17 17.87
N GLN E 385 -30.74 -2.84 18.37
CA GLN E 385 -29.46 -2.94 17.68
C GLN E 385 -29.24 -4.40 17.28
N LEU E 386 -29.53 -4.73 16.03
CA LEU E 386 -29.47 -6.11 15.57
C LEU E 386 -28.03 -6.60 15.47
N THR E 387 -27.81 -7.87 15.81
CA THR E 387 -26.50 -8.50 15.72
C THR E 387 -26.49 -9.84 14.99
N ALA E 388 -27.65 -10.45 14.74
CA ALA E 388 -27.69 -11.77 14.12
C ALA E 388 -28.91 -11.87 13.23
N VAL E 389 -28.81 -12.70 12.18
CA VAL E 389 -29.88 -12.90 11.21
C VAL E 389 -29.91 -14.37 10.80
N ALA E 390 -31.11 -14.96 10.81
CA ALA E 390 -31.34 -16.29 10.25
C ALA E 390 -32.74 -16.29 9.63
N VAL E 391 -32.87 -16.95 8.48
CA VAL E 391 -34.10 -16.93 7.70
C VAL E 391 -34.43 -18.35 7.25
N THR E 392 -35.71 -18.70 7.30
CA THR E 392 -36.18 -19.99 6.84
C THR E 392 -37.57 -19.82 6.23
N MET E 393 -38.14 -20.95 5.76
CA MET E 393 -39.45 -20.91 5.08
C MET E 393 -40.37 -22.01 5.63
N GLU E 394 -41.56 -21.61 6.08
CA GLU E 394 -42.59 -22.54 6.56
C GLU E 394 -43.80 -22.40 5.65
N ASP E 395 -44.07 -23.44 4.85
CA ASP E 395 -45.29 -23.54 4.04
C ASP E 395 -45.38 -22.39 3.04
N GLY E 396 -44.26 -22.08 2.38
CA GLY E 396 -44.18 -20.99 1.44
C GLY E 396 -43.97 -19.62 2.06
N HIS E 397 -44.29 -19.45 3.33
CA HIS E 397 -44.05 -18.20 4.02
C HIS E 397 -42.59 -18.10 4.46
N THR E 398 -42.07 -16.88 4.44
CA THR E 398 -40.70 -16.61 4.84
C THR E 398 -40.68 -16.02 6.24
N ILE E 399 -39.82 -16.57 7.11
CA ILE E 399 -39.73 -16.16 8.50
C ILE E 399 -38.27 -15.85 8.83
N ALA E 400 -38.04 -14.72 9.49
CA ALA E 400 -36.71 -14.31 9.90
C ALA E 400 -36.59 -14.32 11.41
N PHE E 401 -35.48 -14.87 11.91
CA PHE E 401 -35.14 -14.85 13.33
C PHE E 401 -33.97 -13.89 13.51
N LEU E 402 -34.19 -12.83 14.28
CA LEU E 402 -33.21 -11.76 14.43
C LEU E 402 -32.79 -11.63 15.90
N GLY E 403 -31.49 -11.67 16.14
CA GLY E 403 -30.95 -11.43 17.47
C GLY E 403 -30.42 -10.00 17.59
N ASP E 404 -30.53 -9.45 18.79
CA ASP E 404 -30.07 -8.09 19.06
C ASP E 404 -29.04 -8.07 20.18
N SER E 405 -28.50 -6.88 20.44
CA SER E 405 -27.44 -6.71 21.42
C SER E 405 -27.92 -6.79 22.86
N GLN E 406 -29.22 -6.82 23.11
CA GLN E 406 -29.75 -6.93 24.46
C GLN E 406 -30.19 -8.35 24.81
N GLY E 407 -29.91 -9.32 23.95
CA GLY E 407 -30.24 -10.70 24.23
C GLY E 407 -31.61 -11.15 23.77
N GLN E 408 -32.27 -10.39 22.91
CA GLN E 408 -33.60 -10.75 22.44
C GLN E 408 -33.52 -11.47 21.10
N LEU E 409 -34.52 -12.33 20.86
CA LEU E 409 -34.71 -12.98 19.57
C LEU E 409 -36.07 -12.54 19.04
N HIS E 410 -36.06 -11.74 17.97
CA HIS E 410 -37.29 -11.31 17.32
C HIS E 410 -37.67 -12.29 16.23
N ARG E 411 -38.95 -12.63 16.19
CA ARG E 411 -39.49 -13.50 15.12
C ARG E 411 -40.32 -12.60 14.21
N VAL E 412 -40.12 -12.67 12.89
CA VAL E 412 -40.72 -11.74 11.94
C VAL E 412 -41.28 -12.51 10.76
N TYR E 413 -42.52 -12.17 10.39
CA TYR E 413 -43.16 -12.72 9.19
C TYR E 413 -42.86 -11.81 8.01
N LEU E 414 -42.27 -12.37 6.96
CA LEU E 414 -41.86 -11.60 5.79
C LEU E 414 -42.74 -11.84 4.57
N GLY E 415 -43.14 -13.08 4.31
CA GLY E 415 -43.93 -13.45 3.16
C GLY E 415 -45.13 -12.55 2.95
N PRO E 416 -45.51 -12.33 1.68
CA PRO E 416 -46.51 -11.30 1.36
C PRO E 416 -47.86 -11.39 2.08
N GLY E 417 -47.82 -11.03 3.36
CA GLY E 417 -48.73 -10.03 3.86
C GLY E 417 -47.85 -8.80 3.74
N ARG E 418 -47.84 -8.18 2.55
CA ARG E 418 -46.71 -7.40 2.05
C ARG E 418 -46.11 -6.38 3.02
N SER E 419 -46.66 -6.28 4.23
CA SER E 419 -46.09 -5.47 5.31
C SER E 419 -45.53 -6.43 6.36
N ALA E 420 -44.20 -6.48 6.48
CA ALA E 420 -43.55 -7.38 7.43
C ALA E 420 -43.91 -7.00 8.85
N ALA E 421 -44.28 -7.99 9.65
CA ALA E 421 -44.80 -7.77 11.00
C ALA E 421 -44.03 -8.64 11.99
N PRO E 422 -43.29 -8.05 12.93
CA PRO E 422 -42.68 -8.86 14.01
C PRO E 422 -43.75 -9.43 14.92
N TYR E 423 -43.94 -10.75 14.90
CA TYR E 423 -45.05 -11.37 15.64
C TYR E 423 -44.68 -11.80 17.07
N SER E 424 -43.41 -12.00 17.35
CA SER E 424 -43.02 -12.50 18.66
C SER E 424 -41.65 -11.95 19.01
N LYS E 425 -41.38 -11.92 20.32
CA LYS E 425 -40.15 -11.31 20.83
C LYS E 425 -39.92 -11.82 22.24
N GLN E 426 -38.81 -12.51 22.45
CA GLN E 426 -38.50 -13.09 23.75
C GLN E 426 -37.03 -12.89 24.06
N SER E 427 -36.71 -12.80 25.36
CA SER E 427 -35.34 -12.67 25.81
C SER E 427 -34.71 -14.04 25.97
N ILE E 428 -33.52 -14.21 25.40
CA ILE E 428 -32.74 -15.43 25.61
C ILE E 428 -31.90 -15.31 26.87
N GLN E 429 -31.19 -14.20 27.01
CA GLN E 429 -30.48 -13.82 28.23
C GLN E 429 -30.38 -12.30 28.26
N PRO E 430 -31.15 -11.64 29.13
CA PRO E 430 -31.20 -10.17 29.11
C PRO E 430 -29.83 -9.54 29.29
N GLY E 431 -29.48 -8.62 28.37
CA GLY E 431 -28.25 -7.88 28.44
C GLY E 431 -27.06 -8.50 27.75
N SER E 432 -27.23 -9.68 27.15
CA SER E 432 -26.11 -10.41 26.55
C SER E 432 -26.29 -10.49 25.03
N PRO E 433 -25.36 -9.95 24.24
CA PRO E 433 -25.57 -9.88 22.78
C PRO E 433 -25.69 -11.26 22.15
N VAL E 434 -26.62 -11.37 21.20
CA VAL E 434 -26.84 -12.62 20.47
C VAL E 434 -25.75 -12.78 19.41
N ASN E 435 -25.23 -14.00 19.31
CA ASN E 435 -24.11 -14.30 18.43
C ASN E 435 -24.55 -14.38 16.97
N ARG E 436 -23.65 -13.98 16.06
CA ARG E 436 -23.93 -14.05 14.63
C ARG E 436 -24.28 -15.47 14.18
N ASP E 437 -23.79 -16.48 14.90
CA ASP E 437 -23.82 -17.86 14.41
C ASP E 437 -25.14 -18.56 14.70
N LEU E 438 -26.26 -17.90 14.41
CA LEU E 438 -27.56 -18.57 14.49
C LEU E 438 -27.60 -19.75 13.54
N THR E 439 -28.06 -20.90 14.03
CA THR E 439 -27.98 -22.14 13.28
C THR E 439 -29.23 -22.99 13.53
N PHE E 440 -29.79 -23.50 12.45
CA PHE E 440 -30.96 -24.39 12.55
C PHE E 440 -30.50 -25.84 12.67
N ASP E 441 -31.37 -26.70 13.20
CA ASP E 441 -31.07 -28.15 13.21
C ASP E 441 -31.38 -28.67 11.80
N GLY E 442 -31.20 -29.96 11.55
CA GLY E 442 -31.39 -30.48 10.19
C GLY E 442 -32.84 -30.51 9.76
N THR E 443 -33.75 -30.62 10.72
CA THR E 443 -35.16 -30.60 10.37
C THR E 443 -35.74 -29.19 10.36
N PHE E 444 -34.94 -28.17 10.62
CA PHE E 444 -35.41 -26.75 10.67
C PHE E 444 -36.56 -26.64 11.69
N GLU E 445 -36.53 -27.46 12.73
CA GLU E 445 -37.51 -27.39 13.81
C GLU E 445 -36.98 -26.64 15.03
N HIS E 446 -35.67 -26.40 15.09
CA HIS E 446 -35.06 -25.75 16.24
C HIS E 446 -33.97 -24.80 15.77
N LEU E 447 -33.74 -23.76 16.56
CA LEU E 447 -32.70 -22.78 16.31
C LEU E 447 -31.73 -22.79 17.49
N TYR E 448 -30.44 -22.95 17.21
CA TYR E 448 -29.41 -22.86 18.23
C TYR E 448 -29.00 -21.40 18.37
N VAL E 449 -29.28 -20.81 19.52
CA VAL E 449 -29.02 -19.41 19.79
C VAL E 449 -27.99 -19.31 20.91
N ALA E 450 -26.94 -18.53 20.68
CA ALA E 450 -25.88 -18.33 21.66
C ALA E 450 -25.77 -16.85 21.98
N THR E 451 -25.67 -16.52 23.26
CA THR E 451 -25.35 -15.19 23.71
C THR E 451 -23.86 -15.15 24.06
N GLN E 452 -23.46 -14.20 24.91
CA GLN E 452 -22.04 -14.09 25.24
C GLN E 452 -21.55 -15.27 26.06
N THR E 453 -22.40 -15.82 26.93
CA THR E 453 -21.99 -16.89 27.84
C THR E 453 -22.93 -18.09 27.87
N THR E 454 -23.96 -18.12 27.03
CA THR E 454 -24.97 -19.16 27.09
C THR E 454 -25.33 -19.65 25.70
N LEU E 455 -25.55 -20.95 25.57
CA LEU E 455 -26.06 -21.56 24.34
C LEU E 455 -27.40 -22.21 24.64
N VAL E 456 -28.41 -21.89 23.82
CA VAL E 456 -29.78 -22.32 24.04
C VAL E 456 -30.32 -22.92 22.74
N LYS E 457 -31.20 -23.91 22.87
CA LYS E 457 -31.90 -24.51 21.75
C LYS E 457 -33.38 -24.14 21.86
N VAL E 458 -33.88 -23.40 20.87
CA VAL E 458 -35.27 -22.92 20.90
C VAL E 458 -36.09 -23.55 19.78
N PRO E 459 -37.36 -23.85 20.00
CA PRO E 459 -38.19 -24.40 18.91
C PRO E 459 -38.72 -23.30 18.01
N VAL E 460 -38.83 -23.61 16.71
CA VAL E 460 -39.32 -22.63 15.70
C VAL E 460 -40.84 -22.53 15.80
N ALA E 461 -41.49 -23.60 16.24
CA ALA E 461 -42.94 -23.64 16.40
C ALA E 461 -43.29 -23.88 17.85
N PRO E 462 -43.42 -22.80 18.66
CA PRO E 462 -43.74 -22.95 20.09
C PRO E 462 -45.23 -23.19 20.29
N CYS E 463 -45.75 -24.27 19.73
CA CYS E 463 -47.20 -24.45 19.75
C CYS E 463 -47.66 -25.23 20.98
N ALA E 464 -46.93 -26.28 21.35
CA ALA E 464 -47.41 -27.21 22.37
C ALA E 464 -47.59 -26.55 23.73
N GLN E 465 -47.01 -25.37 23.95
CA GLN E 465 -47.18 -24.67 25.22
C GLN E 465 -48.51 -23.92 25.31
N HIS E 466 -49.36 -24.02 24.31
CA HIS E 466 -50.69 -23.43 24.32
C HIS E 466 -51.71 -24.54 24.50
N LEU E 467 -52.44 -24.51 25.60
CA LEU E 467 -53.25 -25.65 26.03
C LEU E 467 -54.66 -25.65 25.44
N ASP E 468 -55.31 -24.49 25.36
CA ASP E 468 -56.63 -24.40 24.76
C ASP E 468 -56.60 -23.55 23.50
N CYS E 469 -57.72 -23.54 22.78
CA CYS E 469 -57.81 -22.79 21.53
C CYS E 469 -57.69 -21.30 21.77
N ASP E 470 -58.19 -20.80 22.91
CA ASP E 470 -58.13 -19.37 23.17
C ASP E 470 -56.70 -18.88 23.30
N SER E 471 -55.84 -19.67 23.97
CA SER E 471 -54.44 -19.29 24.10
C SER E 471 -53.70 -19.45 22.78
N CYS E 472 -54.00 -20.53 22.04
CA CYS E 472 -53.33 -20.76 20.77
C CYS E 472 -53.61 -19.65 19.76
N LEU E 473 -54.78 -19.02 19.86
CA LEU E 473 -55.14 -17.96 18.92
C LEU E 473 -54.83 -16.56 19.45
N ALA E 474 -54.65 -16.40 20.75
CA ALA E 474 -54.23 -15.10 21.28
C ALA E 474 -52.80 -14.78 20.88
N HIS E 475 -51.95 -15.80 20.76
CA HIS E 475 -50.54 -15.63 20.39
C HIS E 475 -50.41 -16.04 18.93
N ARG E 476 -50.47 -15.04 18.04
CA ARG E 476 -50.40 -15.30 16.61
C ARG E 476 -49.01 -15.79 16.23
N ASP E 477 -48.95 -16.89 15.48
CA ASP E 477 -47.66 -17.46 15.04
C ASP E 477 -47.89 -18.20 13.74
N PRO E 478 -47.16 -17.85 12.67
CA PRO E 478 -47.34 -18.52 11.36
C PRO E 478 -47.16 -20.02 11.41
N TYR E 479 -46.48 -20.54 12.41
CA TYR E 479 -46.25 -21.99 12.46
C TYR E 479 -47.37 -22.68 13.23
N CYS E 480 -48.14 -21.92 14.01
CA CYS E 480 -49.06 -22.54 14.97
C CYS E 480 -50.52 -22.44 14.52
N GLY E 481 -51.29 -23.42 14.95
CA GLY E 481 -52.72 -23.42 14.73
C GLY E 481 -53.36 -24.52 15.55
N TRP E 482 -54.67 -24.40 15.72
CA TRP E 482 -55.44 -25.37 16.50
C TRP E 482 -55.88 -26.52 15.59
N CYS E 483 -55.37 -27.72 15.86
CA CYS E 483 -55.82 -28.91 15.15
C CYS E 483 -57.07 -29.45 15.85
N VAL E 484 -58.14 -29.61 15.08
CA VAL E 484 -59.45 -29.87 15.68
C VAL E 484 -59.53 -31.30 16.22
N LEU E 485 -59.02 -32.28 15.48
CA LEU E 485 -59.13 -33.67 15.91
C LEU E 485 -58.32 -33.92 17.17
N LEU E 486 -57.02 -33.58 17.15
CA LEU E 486 -56.16 -33.87 18.29
C LEU E 486 -56.40 -32.92 19.45
N GLY E 487 -57.06 -31.79 19.22
CA GLY E 487 -57.37 -30.86 20.30
C GLY E 487 -56.17 -30.25 20.97
N ARG E 488 -55.10 -30.00 20.21
CA ARG E 488 -53.91 -29.34 20.75
C ARG E 488 -53.33 -28.41 19.70
N CYS E 489 -52.80 -27.28 20.15
CA CYS E 489 -52.19 -26.31 19.26
C CYS E 489 -50.93 -26.90 18.64
N SER E 490 -50.88 -26.94 17.31
CA SER E 490 -49.84 -27.71 16.62
C SER E 490 -49.51 -27.08 15.28
N ARG E 491 -48.49 -27.63 14.63
CA ARG E 491 -48.15 -27.26 13.26
C ARG E 491 -49.25 -27.72 12.31
N ARG E 492 -49.14 -27.31 11.04
CA ARG E 492 -50.06 -27.83 10.03
C ARG E 492 -49.71 -29.26 9.65
N SER E 493 -48.41 -29.59 9.60
CA SER E 493 -47.97 -30.92 9.24
C SER E 493 -48.09 -31.91 10.39
N GLU E 494 -49.05 -31.66 11.29
CA GLU E 494 -49.31 -32.57 12.41
C GLU E 494 -50.78 -32.97 12.48
N CYS E 495 -51.48 -32.88 11.36
CA CYS E 495 -52.85 -33.41 11.24
C CYS E 495 -52.99 -34.24 9.97
N GLN E 503 -59.71 -30.31 10.44
CA GLN E 503 -58.80 -29.39 9.78
C GLN E 503 -57.96 -28.60 10.78
N TRP E 504 -57.59 -27.38 10.42
CA TRP E 504 -56.55 -26.63 11.13
C TRP E 504 -56.92 -25.16 11.18
N LEU E 505 -57.20 -24.65 12.38
CA LEU E 505 -57.51 -23.24 12.58
C LEU E 505 -56.21 -22.46 12.76
N TRP E 506 -55.81 -21.73 11.73
CA TRP E 506 -54.52 -21.05 11.72
C TRP E 506 -54.49 -19.88 12.70
N SER E 507 -53.40 -19.76 13.45
CA SER E 507 -53.30 -18.69 14.45
C SER E 507 -53.11 -17.32 13.81
N PHE E 508 -52.43 -17.26 12.67
CA PHE E 508 -51.97 -15.98 12.14
C PHE E 508 -53.13 -15.18 11.56
N GLN E 509 -53.83 -15.74 10.59
CA GLN E 509 -55.02 -15.11 10.01
C GLN E 509 -56.16 -16.13 10.06
N PRO E 510 -56.81 -16.26 11.21
CA PRO E 510 -57.81 -17.32 11.36
C PRO E 510 -59.10 -16.97 10.64
N GLU E 511 -59.79 -18.02 10.18
CA GLU E 511 -61.06 -17.87 9.50
C GLU E 511 -62.27 -18.12 10.40
N LEU E 512 -62.07 -18.67 11.60
CA LEU E 512 -63.20 -19.08 12.43
C LEU E 512 -62.91 -18.68 13.88
N GLY E 513 -63.78 -19.14 14.79
CA GLY E 513 -63.70 -18.81 16.19
C GLY E 513 -63.32 -20.01 17.05
N CYS E 514 -63.66 -19.93 18.34
CA CYS E 514 -63.22 -20.90 19.33
C CYS E 514 -64.40 -21.64 19.95
N LEU E 515 -65.27 -20.93 20.69
CA LEU E 515 -66.36 -21.55 21.47
C LEU E 515 -67.16 -22.57 20.66
N VAL F 2 -8.75 -3.31 22.74
CA VAL F 2 -7.44 -3.21 22.10
C VAL F 2 -6.42 -2.57 23.04
N GLN F 3 -6.91 -1.86 24.05
CA GLN F 3 -6.01 -1.08 24.91
C GLN F 3 -6.47 -1.13 26.37
N LEU F 4 -5.54 -1.49 27.25
CA LEU F 4 -5.70 -1.36 28.69
C LEU F 4 -4.56 -0.48 29.20
N GLN F 5 -4.91 0.65 29.82
CA GLN F 5 -3.91 1.62 30.26
C GLN F 5 -4.09 1.93 31.73
N GLU F 6 -3.03 1.74 32.52
CA GLU F 6 -3.03 2.05 33.94
C GLU F 6 -2.55 3.47 34.19
N SER F 7 -2.87 3.99 35.38
CA SER F 7 -2.47 5.33 35.76
C SER F 7 -2.66 5.48 37.26
N GLY F 8 -2.17 6.60 37.79
CA GLY F 8 -2.36 6.94 39.18
C GLY F 8 -1.25 6.54 40.13
N GLY F 9 -0.14 6.04 39.62
CA GLY F 9 0.98 5.63 40.45
C GLY F 9 1.80 6.82 40.92
N GLY F 10 2.91 6.48 41.56
CA GLY F 10 3.83 7.50 42.03
C GLY F 10 4.59 7.02 43.26
N LEU F 11 5.02 7.98 44.06
CA LEU F 11 5.81 7.72 45.26
C LEU F 11 5.08 8.24 46.49
N VAL F 12 4.99 7.38 47.52
CA VAL F 12 4.48 7.76 48.82
C VAL F 12 5.42 7.19 49.88
N GLN F 13 5.24 7.65 51.11
CA GLN F 13 6.01 7.09 52.22
C GLN F 13 5.16 6.11 53.01
N PRO F 14 5.79 5.20 53.78
CA PRO F 14 5.03 4.16 54.48
C PRO F 14 3.86 4.71 55.27
N GLY F 15 2.79 3.93 55.34
CA GLY F 15 1.53 4.35 55.92
C GLY F 15 0.63 5.11 54.96
N GLY F 16 1.11 5.41 53.74
CA GLY F 16 0.37 6.26 52.82
C GLY F 16 -0.67 5.52 51.99
N SER F 17 -1.50 6.31 51.32
CA SER F 17 -2.61 5.82 50.51
C SER F 17 -2.37 6.14 49.04
N LEU F 18 -3.07 5.41 48.17
CA LEU F 18 -2.87 5.53 46.74
C LEU F 18 -3.97 4.77 46.01
N ARG F 19 -4.49 5.36 44.93
CA ARG F 19 -5.49 4.72 44.08
C ARG F 19 -4.97 4.63 42.65
N LEU F 20 -5.09 3.45 42.05
CA LEU F 20 -4.71 3.24 40.67
C LEU F 20 -5.95 3.05 39.81
N SER F 21 -5.79 3.23 38.50
CA SER F 21 -6.88 3.12 37.55
C SER F 21 -6.46 2.22 36.40
N CYS F 22 -7.45 1.61 35.74
CA CYS F 22 -7.23 0.81 34.55
C CYS F 22 -8.32 1.18 33.54
N ALA F 23 -7.94 1.95 32.52
CA ALA F 23 -8.88 2.42 31.51
C ALA F 23 -8.82 1.51 30.29
N ALA F 24 -9.98 1.02 29.87
CA ALA F 24 -10.09 0.12 28.72
C ALA F 24 -10.65 0.87 27.53
N SER F 25 -10.12 0.56 26.35
CA SER F 25 -10.61 1.12 25.10
C SER F 25 -10.60 0.04 24.04
N GLY F 26 -11.61 0.05 23.18
CA GLY F 26 -11.78 -0.96 22.16
C GLY F 26 -12.68 -2.11 22.56
N PHE F 27 -12.91 -2.25 23.87
CA PHE F 27 -13.79 -3.33 24.38
C PHE F 27 -14.45 -2.87 25.67
N ARG F 28 -15.49 -3.60 26.07
CA ARG F 28 -16.24 -3.27 27.30
C ARG F 28 -15.73 -4.18 28.41
N LEU F 29 -15.51 -3.59 29.57
CA LEU F 29 -14.91 -4.26 30.72
C LEU F 29 -15.94 -4.89 31.64
N ASP F 30 -17.23 -4.82 31.29
CA ASP F 30 -18.28 -5.08 32.26
C ASP F 30 -18.33 -6.54 32.66
N TYR F 31 -18.30 -7.45 31.69
CA TYR F 31 -18.48 -8.87 31.93
C TYR F 31 -17.16 -9.63 31.77
N TYR F 32 -16.12 -8.99 32.26
CA TYR F 32 -14.79 -9.62 32.27
C TYR F 32 -14.28 -9.72 33.70
N ALA F 33 -13.74 -10.87 34.08
CA ALA F 33 -13.00 -10.95 35.32
C ALA F 33 -11.79 -10.04 35.24
N ILE F 34 -11.46 -9.39 36.35
CA ILE F 34 -10.39 -8.40 36.39
C ILE F 34 -9.36 -8.82 37.42
N GLY F 35 -8.09 -8.65 37.08
CA GLY F 35 -7.02 -8.95 38.01
C GLY F 35 -6.02 -7.80 38.06
N TRP F 36 -5.42 -7.64 39.24
CA TRP F 36 -4.31 -6.72 39.43
C TRP F 36 -3.07 -7.53 39.80
N PHE F 37 -1.95 -7.18 39.17
CA PHE F 37 -0.70 -7.87 39.40
C PHE F 37 0.38 -6.86 39.72
N ARG F 38 1.46 -7.34 40.34
CA ARG F 38 2.64 -6.51 40.56
C ARG F 38 3.88 -7.33 40.30
N GLN F 39 4.87 -6.68 39.71
CA GLN F 39 6.18 -7.27 39.43
C GLN F 39 7.23 -6.33 40.00
N ALA F 40 7.94 -6.78 41.03
CA ALA F 40 9.09 -6.05 41.53
C ALA F 40 10.28 -6.38 40.64
N PRO F 41 10.71 -5.46 39.78
CA PRO F 41 11.76 -5.79 38.80
C PRO F 41 12.96 -6.45 39.45
N GLY F 42 13.31 -7.63 38.95
CA GLY F 42 14.15 -8.55 39.68
C GLY F 42 13.40 -9.65 40.38
N LYS F 43 12.10 -9.78 40.14
CA LYS F 43 11.25 -10.82 40.72
C LYS F 43 10.25 -11.25 39.66
N GLU F 44 9.57 -12.35 39.93
CA GLU F 44 8.53 -12.84 39.03
C GLU F 44 7.17 -12.31 39.45
N ARG F 45 6.23 -12.32 38.50
CA ARG F 45 4.97 -11.60 38.67
C ARG F 45 4.12 -12.23 39.77
N GLU F 46 3.41 -11.37 40.50
CA GLU F 46 2.63 -11.77 41.65
C GLU F 46 1.21 -11.26 41.50
N GLY F 47 0.25 -12.12 41.87
CA GLY F 47 -1.14 -11.72 41.88
C GLY F 47 -1.51 -10.96 43.14
N VAL F 48 -2.02 -9.74 42.97
CA VAL F 48 -2.39 -8.90 44.11
C VAL F 48 -3.84 -9.13 44.48
N LEU F 49 -4.74 -8.90 43.51
CA LEU F 49 -6.17 -8.90 43.77
C LEU F 49 -6.89 -9.33 42.50
N CYS F 50 -8.01 -10.03 42.68
CA CYS F 50 -8.74 -10.60 41.57
C CYS F 50 -10.23 -10.61 41.88
N ILE F 51 -11.05 -10.19 40.90
CA ILE F 51 -12.49 -10.08 41.07
C ILE F 51 -13.20 -10.72 39.88
N SER F 52 -14.37 -11.30 40.15
CA SER F 52 -15.21 -11.83 39.10
C SER F 52 -15.99 -10.71 38.41
N SER F 53 -16.67 -11.06 37.32
CA SER F 53 -17.37 -10.05 36.54
C SER F 53 -18.54 -9.43 37.31
N SER F 54 -19.20 -10.20 38.16
CA SER F 54 -20.28 -9.69 38.99
C SER F 54 -19.81 -9.02 40.27
N GLY F 55 -18.63 -9.38 40.77
CA GLY F 55 -18.19 -8.92 42.08
C GLY F 55 -18.54 -9.86 43.21
N GLY F 56 -19.23 -10.96 42.93
CA GLY F 56 -19.59 -11.94 43.94
C GLY F 56 -18.43 -12.74 44.50
N SER F 57 -17.28 -12.74 43.82
CA SER F 57 -16.10 -13.45 44.28
C SER F 57 -14.91 -12.50 44.21
N ILE F 58 -14.12 -12.49 45.28
CA ILE F 58 -12.91 -11.68 45.33
C ILE F 58 -11.84 -12.50 46.05
N ASN F 59 -10.64 -12.57 45.46
CA ASN F 59 -9.51 -13.25 46.07
C ASN F 59 -8.38 -12.27 46.26
N TYR F 60 -7.86 -12.19 47.49
CA TYR F 60 -6.73 -11.34 47.81
C TYR F 60 -5.48 -12.19 48.00
N ALA F 61 -4.33 -11.62 47.62
CA ALA F 61 -3.08 -12.13 48.14
C ALA F 61 -3.04 -11.89 49.64
N ASP F 62 -2.55 -12.87 50.39
CA ASP F 62 -2.60 -12.79 51.85
C ASP F 62 -1.85 -11.57 52.37
N SER F 63 -0.79 -11.14 51.69
CA SER F 63 0.00 -10.01 52.13
C SER F 63 -0.74 -8.68 52.06
N VAL F 64 -1.87 -8.62 51.35
CA VAL F 64 -2.59 -7.38 51.16
C VAL F 64 -4.02 -7.44 51.68
N LYS F 65 -4.45 -8.56 52.26
CA LYS F 65 -5.79 -8.65 52.80
C LYS F 65 -5.99 -7.60 53.90
N GLY F 66 -7.12 -6.90 53.84
CA GLY F 66 -7.39 -5.85 54.79
C GLY F 66 -6.71 -4.53 54.49
N ARG F 67 -6.05 -4.40 53.34
CA ARG F 67 -5.42 -3.15 52.96
C ARG F 67 -5.82 -2.67 51.57
N PHE F 68 -5.90 -3.58 50.60
CA PHE F 68 -6.23 -3.23 49.23
C PHE F 68 -7.68 -3.60 48.92
N THR F 69 -8.33 -2.77 48.10
CA THR F 69 -9.68 -3.04 47.64
C THR F 69 -9.80 -2.68 46.16
N ILE F 70 -10.95 -3.00 45.57
CA ILE F 70 -11.16 -2.88 44.13
C ILE F 70 -12.60 -2.46 43.89
N SER F 71 -12.82 -1.76 42.77
CA SER F 71 -14.16 -1.35 42.36
C SER F 71 -14.14 -1.03 40.87
N ARG F 72 -15.29 -1.17 40.23
CA ARG F 72 -15.41 -0.95 38.79
C ARG F 72 -16.45 0.13 38.49
N ASP F 73 -16.09 1.02 37.56
CA ASP F 73 -16.96 2.10 37.09
C ASP F 73 -17.26 1.80 35.62
N ASN F 74 -18.37 1.09 35.38
CA ASN F 74 -18.71 0.67 34.03
C ASN F 74 -19.14 1.84 33.14
N ALA F 75 -19.53 2.97 33.74
CA ALA F 75 -19.80 4.16 32.95
C ALA F 75 -18.53 4.65 32.26
N LYS F 76 -17.44 4.76 33.02
CA LYS F 76 -16.16 5.19 32.49
C LYS F 76 -15.30 4.04 31.96
N ASN F 77 -15.81 2.80 32.03
CA ASN F 77 -15.07 1.63 31.55
C ASN F 77 -13.73 1.48 32.26
N THR F 78 -13.75 1.66 33.58
CA THR F 78 -12.54 1.73 34.39
C THR F 78 -12.69 0.87 35.65
N VAL F 79 -11.56 0.33 36.10
CA VAL F 79 -11.47 -0.36 37.38
C VAL F 79 -10.42 0.35 38.24
N TYR F 80 -10.70 0.47 39.52
CA TYR F 80 -9.83 1.14 40.47
C TYR F 80 -9.24 0.16 41.46
N LEU F 81 -8.02 0.43 41.89
CA LEU F 81 -7.35 -0.34 42.94
C LEU F 81 -6.95 0.62 44.05
N GLN F 82 -7.61 0.51 45.21
CA GLN F 82 -7.32 1.37 46.35
C GLN F 82 -6.32 0.68 47.26
N MET F 83 -5.15 1.30 47.43
CA MET F 83 -4.07 0.75 48.23
C MET F 83 -3.90 1.59 49.49
N ASN F 84 -4.03 0.95 50.66
CA ASN F 84 -3.94 1.64 51.94
C ASN F 84 -2.83 1.02 52.79
N SER F 85 -2.26 1.85 53.67
CA SER F 85 -1.17 1.44 54.57
C SER F 85 -0.05 0.78 53.78
N LEU F 86 0.52 1.55 52.85
CA LEU F 86 1.56 1.02 51.98
C LEU F 86 2.86 0.81 52.75
N LYS F 87 3.64 -0.16 52.29
CA LYS F 87 4.90 -0.55 52.91
C LYS F 87 5.98 -0.65 51.83
N PRO F 88 7.26 -0.64 52.22
CA PRO F 88 8.31 -0.85 51.22
C PRO F 88 8.18 -2.16 50.45
N GLU F 89 7.53 -3.18 51.04
CA GLU F 89 7.31 -4.44 50.34
C GLU F 89 6.38 -4.28 49.14
N ASP F 90 5.57 -3.24 49.12
CA ASP F 90 4.61 -2.99 48.05
C ASP F 90 5.22 -2.27 46.86
N THR F 91 6.53 -2.01 46.88
CA THR F 91 7.19 -1.32 45.78
C THR F 91 7.32 -2.22 44.56
N ALA F 92 6.63 -1.87 43.49
CA ALA F 92 6.66 -2.65 42.25
C ALA F 92 5.93 -1.86 41.16
N VAL F 93 5.94 -2.42 39.95
CA VAL F 93 5.07 -1.96 38.87
C VAL F 93 3.77 -2.76 38.96
N TYR F 94 2.64 -2.05 38.91
CA TYR F 94 1.33 -2.65 39.10
C TYR F 94 0.63 -2.78 37.76
N TYR F 95 0.31 -4.01 37.37
CA TYR F 95 -0.35 -4.32 36.11
C TYR F 95 -1.79 -4.74 36.37
N CYS F 96 -2.65 -4.45 35.39
CA CYS F 96 -4.07 -4.85 35.46
C CYS F 96 -4.39 -5.67 34.22
N GLY F 97 -5.27 -6.66 34.34
CA GLY F 97 -5.64 -7.53 33.24
C GLY F 97 -7.13 -7.80 33.23
N ALA F 98 -7.62 -8.22 32.06
CA ALA F 98 -9.02 -8.58 31.86
C ALA F 98 -9.10 -9.98 31.25
N SER F 99 -10.04 -10.78 31.75
CA SER F 99 -10.14 -12.19 31.36
C SER F 99 -11.58 -12.54 31.00
N SER F 100 -11.75 -13.24 29.89
CA SER F 100 -13.05 -13.77 29.49
C SER F 100 -13.19 -15.26 29.82
N TYR F 101 -12.43 -15.74 30.80
CA TYR F 101 -12.36 -17.15 31.13
C TYR F 101 -12.94 -17.37 32.53
N ASN F 102 -13.99 -18.20 32.61
CA ASN F 102 -14.63 -18.55 33.89
C ASN F 102 -14.92 -17.32 34.73
N THR F 103 -15.62 -16.36 34.12
CA THR F 103 -15.84 -15.05 34.74
C THR F 103 -16.72 -15.11 35.98
N GLN F 104 -17.43 -16.21 36.22
CA GLN F 104 -18.25 -16.35 37.46
C GLN F 104 -17.32 -16.65 38.64
N ARG F 105 -16.03 -16.78 38.38
CA ARG F 105 -15.06 -17.14 39.44
C ARG F 105 -13.89 -16.15 39.44
N ALA F 106 -13.18 -16.04 40.56
CA ALA F 106 -12.04 -15.15 40.69
C ALA F 106 -10.74 -15.94 40.55
N GLU F 107 -10.48 -16.40 39.32
CA GLU F 107 -9.31 -17.21 39.04
C GLU F 107 -8.08 -16.35 38.75
N CYS F 108 -8.13 -15.59 37.66
CA CYS F 108 -7.07 -14.64 37.29
C CYS F 108 -5.71 -15.34 37.18
N TYR F 109 -5.58 -16.13 36.11
CA TYR F 109 -4.30 -16.69 35.72
C TYR F 109 -3.97 -16.25 34.30
N GLY F 110 -4.68 -16.75 33.30
CA GLY F 110 -4.56 -16.19 31.96
C GLY F 110 -5.44 -14.97 31.79
N MET F 111 -4.99 -14.06 30.92
CA MET F 111 -5.71 -12.83 30.65
C MET F 111 -5.96 -12.69 29.15
N ASP F 112 -7.07 -12.04 28.81
CA ASP F 112 -7.29 -11.67 27.42
C ASP F 112 -6.45 -10.45 27.04
N TYR F 113 -6.32 -9.49 27.97
CA TYR F 113 -5.57 -8.26 27.72
C TYR F 113 -4.77 -7.91 28.97
N TRP F 114 -3.50 -7.60 28.78
CA TRP F 114 -2.65 -7.05 29.83
C TRP F 114 -2.49 -5.56 29.62
N GLY F 115 -2.10 -4.87 30.69
CA GLY F 115 -1.92 -3.43 30.66
C GLY F 115 -0.45 -3.03 30.55
N LYS F 116 -0.25 -1.73 30.31
CA LYS F 116 1.10 -1.19 30.20
C LYS F 116 1.85 -1.32 31.52
N GLY F 117 1.24 -0.83 32.60
CA GLY F 117 1.88 -0.84 33.90
C GLY F 117 2.03 0.54 34.50
N THR F 118 2.19 0.61 35.81
CA THR F 118 2.46 1.86 36.50
C THR F 118 3.32 1.57 37.72
N GLN F 119 4.32 2.43 37.95
CA GLN F 119 5.31 2.20 39.00
C GLN F 119 4.82 2.80 40.31
N VAL F 120 4.94 2.01 41.38
CA VAL F 120 4.59 2.44 42.73
C VAL F 120 5.83 2.26 43.60
N THR F 121 6.26 3.33 44.25
CA THR F 121 7.43 3.31 45.11
C THR F 121 7.05 3.81 46.50
N VAL F 122 7.40 3.03 47.51
CA VAL F 122 7.17 3.39 48.90
C VAL F 122 8.55 3.61 49.54
N SER F 123 8.91 4.88 49.75
CA SER F 123 10.23 5.25 50.24
C SER F 123 10.54 4.67 51.62
N ALA F 124 11.31 3.58 51.66
CA ALA F 124 11.65 2.91 52.91
C ALA F 124 12.36 3.84 53.87
#